data_4O6Z
#
_entry.id   4O6Z
#
_cell.length_a   254.947
_cell.length_b   254.947
_cell.length_c   61.399
_cell.angle_alpha   90.00
_cell.angle_beta   90.00
_cell.angle_gamma   120.00
#
_symmetry.space_group_name_H-M   'P 61'
#
loop_
_entity.id
_entity.type
_entity.pdbx_description
1 polymer 'Serine hydroxymethyltransferase'
2 non-polymer "PYRIDOXAL-5'-PHOSPHATE"
3 non-polymer 'PHOSPHATE ION'
4 water water
#
_entity_poly.entity_id   1
_entity_poly.type   'polypeptide(L)'
_entity_poly.pdbx_seq_one_letter_code
;MRGSHHHHHHGMASMTGGQQMGRDLYDDDDKDHPFTPGMFNNDPLQKYDKELFDLLEKEKNRQIETINLIASENLTNTAV
RECLGDRISNKYSEGYPHKRYYGGNDYVDKIEELCYKRALEAFNVSEEEWGVNVQPLSGSAANVQALYALVGVKGKIMGM
HLCSGGHLTHGFFDEKKKVSITSDLFESKLYKCNSEGYVDMESVRNLALSFQPKVIICGYTSYPRDIDYKGFREICDEVN
AYLFADISHISSFVACNLLNNPFTYADVVTTTTHKILRGPRSALIFFNKKRNPGIDQKINSSVFPSFQGGPHNNKIAAVA
CQLKEVNTPEFKEYTKQVLLNSKALAECLLKRNLDLVTNGTDNHLIVVDLRKYNITGSKLQETCNAINIALNKNTIPSDV
DCVSPSGIRIGTPALTTRGCKEKDMEFIADMLLKAILLTDELQQKYGKKLVDFKKGLVNNPKIDELKKEVVQWAKNLPFA
;
_entity_poly.pdbx_strand_id   A,B,C,D
#
# COMPACT_ATOMS: atom_id res chain seq x y z
N HIS A 33 -21.78 50.71 37.00
CA HIS A 33 -21.23 51.52 38.11
C HIS A 33 -19.97 52.20 37.65
N PRO A 34 -19.51 53.25 38.39
CA PRO A 34 -18.45 54.09 37.86
C PRO A 34 -17.25 53.25 37.48
N PHE A 35 -16.77 53.49 36.27
CA PHE A 35 -15.77 52.65 35.66
C PHE A 35 -14.48 52.74 36.43
N THR A 36 -13.93 51.58 36.72
CA THR A 36 -12.55 51.47 37.19
C THR A 36 -11.86 50.49 36.23
N PRO A 37 -10.74 50.93 35.62
CA PRO A 37 -9.97 50.12 34.62
C PRO A 37 -9.32 48.85 35.17
N GLY A 38 -9.20 47.83 34.33
CA GLY A 38 -8.49 46.66 34.74
C GLY A 38 -7.07 47.06 35.14
N MET A 39 -6.44 46.23 35.94
CA MET A 39 -5.07 46.44 36.24
C MET A 39 -4.15 45.64 35.32
N PHE A 40 -4.15 45.99 34.06
CA PHE A 40 -3.25 45.34 33.12
C PHE A 40 -2.89 46.24 31.97
N ASN A 41 -1.97 45.82 31.11
CA ASN A 41 -1.64 46.60 29.94
C ASN A 41 -1.76 45.65 28.77
N ASN A 42 -2.71 45.88 27.88
CA ASN A 42 -2.87 45.00 26.73
C ASN A 42 -2.28 45.54 25.42
N ASP A 43 -1.37 46.51 25.55
CA ASP A 43 -0.69 47.05 24.41
C ASP A 43 0.16 45.94 23.82
N PRO A 44 0.52 46.06 22.54
CA PRO A 44 1.46 45.19 21.83
C PRO A 44 2.82 45.12 22.46
N LEU A 45 3.53 44.04 22.15
CA LEU A 45 4.86 43.83 22.68
C LEU A 45 5.82 44.93 22.18
N GLN A 46 5.59 45.37 20.95
CA GLN A 46 6.40 46.45 20.40
C GLN A 46 6.38 47.71 21.25
N LYS A 47 5.19 48.15 21.63
CA LYS A 47 5.09 49.34 22.46
C LYS A 47 5.45 48.98 23.87
N TYR A 48 4.89 47.88 24.37
CA TYR A 48 5.00 47.53 25.78
C TYR A 48 6.39 47.11 26.21
N ASP A 49 7.08 46.33 25.38
CA ASP A 49 8.44 45.92 25.67
C ASP A 49 9.25 45.92 24.39
N LYS A 50 9.88 47.05 24.10
CA LYS A 50 10.61 47.21 22.85
C LYS A 50 11.81 46.29 22.82
N GLU A 51 12.51 46.22 23.94
CA GLU A 51 13.74 45.41 23.99
C GLU A 51 13.52 43.93 23.55
N LEU A 52 12.46 43.30 24.05
CA LEU A 52 12.18 41.93 23.70
C LEU A 52 11.70 41.82 22.28
N PHE A 53 10.78 42.70 21.91
CA PHE A 53 10.26 42.68 20.58
C PHE A 53 11.43 42.68 19.61
N ASP A 54 12.43 43.55 19.82
CA ASP A 54 13.54 43.67 18.86
C ASP A 54 14.31 42.35 18.76
N LEU A 55 14.65 41.79 19.92
CA LEU A 55 15.35 40.53 19.95
C LEU A 55 14.58 39.46 19.21
N LEU A 56 13.27 39.36 19.47
CA LEU A 56 12.49 38.36 18.77
C LEU A 56 12.45 38.59 17.26
N GLU A 57 12.33 39.85 16.83
CA GLU A 57 12.17 40.18 15.39
C GLU A 57 13.49 39.89 14.68
N LYS A 58 14.60 40.11 15.38
CA LYS A 58 15.90 39.63 14.90
C LYS A 58 15.97 38.10 14.76
N GLU A 59 15.26 37.35 15.61
CA GLU A 59 15.23 35.90 15.43
C GLU A 59 14.38 35.50 14.20
N LYS A 60 13.21 36.09 14.06
CA LYS A 60 12.35 35.73 12.96
C LYS A 60 13.13 35.95 11.67
N ASN A 61 13.87 37.05 11.62
CA ASN A 61 14.66 37.36 10.42
C ASN A 61 15.90 36.50 10.25
N ARG A 62 16.65 36.22 11.30
CA ARG A 62 17.73 35.24 11.23
C ARG A 62 17.22 33.90 10.71
N GLN A 63 15.98 33.58 11.06
CA GLN A 63 15.40 32.33 10.63
C GLN A 63 15.22 32.32 9.11
N ILE A 64 14.66 33.42 8.60
CA ILE A 64 14.35 33.55 7.19
C ILE A 64 15.57 33.31 6.30
N GLU A 65 16.69 33.95 6.65
CA GLU A 65 17.91 33.87 5.85
C GLU A 65 18.87 32.75 6.24
N THR A 66 18.35 31.70 6.89
CA THR A 66 19.14 30.53 7.20
C THR A 66 18.60 29.28 6.49
N ILE A 67 19.51 28.47 5.96
CA ILE A 67 19.19 27.17 5.43
C ILE A 67 19.20 26.27 6.62
N ASN A 68 18.01 25.89 7.09
CA ASN A 68 17.88 25.02 8.27
C ASN A 68 17.92 23.53 7.94
N LEU A 69 19.07 22.89 8.17
CA LEU A 69 19.20 21.46 7.91
C LEU A 69 19.18 20.61 9.19
N ILE A 70 18.72 21.20 10.30
CA ILE A 70 18.54 20.47 11.52
C ILE A 70 17.36 19.50 11.45
N ALA A 71 17.64 18.21 11.43
CA ALA A 71 16.60 17.18 11.23
C ALA A 71 15.40 17.25 12.20
N SER A 72 15.60 17.93 13.34
CA SER A 72 14.57 18.02 14.39
C SER A 72 13.87 19.38 14.46
N GLU A 73 14.19 20.30 13.57
CA GLU A 73 13.54 21.60 13.57
C GLU A 73 12.55 21.69 12.43
N ASN A 74 11.52 22.52 12.59
CA ASN A 74 10.50 22.69 11.55
C ASN A 74 9.87 24.05 11.75
N LEU A 75 8.88 24.39 10.95
CA LEU A 75 8.21 25.68 11.07
C LEU A 75 6.73 25.46 11.35
N THR A 76 6.22 26.08 12.41
CA THR A 76 4.78 26.04 12.70
C THR A 76 4.05 27.08 11.91
N ASN A 77 2.77 26.87 11.65
CA ASN A 77 2.02 27.84 10.90
C ASN A 77 1.13 28.72 11.77
N THR A 78 0.31 29.52 11.12
CA THR A 78 -0.51 30.48 11.80
C THR A 78 -1.45 29.87 12.83
N ALA A 79 -2.24 28.92 12.37
CA ALA A 79 -3.18 28.25 13.20
C ALA A 79 -2.58 27.73 14.52
N VAL A 80 -1.44 27.06 14.44
CA VAL A 80 -0.82 26.52 15.63
C VAL A 80 -0.38 27.60 16.56
N ARG A 81 0.18 28.70 16.04
CA ARG A 81 0.70 29.72 16.94
C ARG A 81 -0.49 30.43 17.57
N GLU A 82 -1.52 30.67 16.78
CA GLU A 82 -2.78 31.22 17.33
C GLU A 82 -3.33 30.43 18.56
N CYS A 83 -3.37 29.11 18.49
CA CYS A 83 -3.75 28.34 19.63
C CYS A 83 -2.80 28.58 20.76
N LEU A 84 -1.49 28.56 20.49
CA LEU A 84 -0.53 28.71 21.59
C LEU A 84 -0.71 30.00 22.33
N GLY A 85 -1.19 31.02 21.61
CA GLY A 85 -1.46 32.31 22.21
C GLY A 85 -2.86 32.44 22.79
N ASP A 86 -3.66 31.38 22.76
CA ASP A 86 -5.06 31.44 23.20
C ASP A 86 -5.27 31.59 24.72
N ARG A 87 -6.30 32.32 25.14
CA ARG A 87 -6.55 32.52 26.57
C ARG A 87 -6.92 31.26 27.30
N ILE A 88 -6.96 30.12 26.63
CA ILE A 88 -7.43 28.90 27.30
C ILE A 88 -6.34 28.45 28.26
N SER A 89 -5.15 29.05 28.15
CA SER A 89 -4.09 28.67 29.07
C SER A 89 -4.28 29.28 30.50
N ASN A 90 -5.25 30.18 30.64
CA ASN A 90 -5.67 30.71 31.94
C ASN A 90 -6.26 29.65 32.81
N LYS A 91 -6.81 28.59 32.22
CA LYS A 91 -7.64 27.64 32.96
C LYS A 91 -6.82 26.52 33.55
N TYR A 92 -6.97 26.32 34.85
CA TYR A 92 -6.32 25.20 35.56
C TYR A 92 -7.22 23.97 35.39
N SER A 93 -6.65 22.83 35.00
CA SER A 93 -7.50 21.72 34.68
C SER A 93 -6.86 20.40 34.92
N GLU A 94 -6.18 20.29 36.06
CA GLU A 94 -5.68 19.03 36.57
C GLU A 94 -6.79 18.02 36.57
N GLY A 95 -6.45 16.80 36.21
CA GLY A 95 -7.41 15.75 36.06
C GLY A 95 -7.63 15.47 34.58
N TYR A 96 -8.55 14.56 34.28
CA TYR A 96 -8.86 14.24 32.90
C TYR A 96 -10.33 14.55 32.65
N PRO A 97 -10.74 14.65 31.36
CA PRO A 97 -12.10 15.15 31.13
C PRO A 97 -13.15 14.37 31.89
N HIS A 98 -14.05 15.12 32.54
CA HIS A 98 -15.16 14.56 33.32
C HIS A 98 -14.65 14.01 34.62
N LYS A 99 -13.35 14.16 34.86
CA LYS A 99 -12.78 13.85 36.15
C LYS A 99 -11.80 14.97 36.45
N ARG A 100 -12.33 16.16 36.66
CA ARG A 100 -11.46 17.30 36.95
C ARG A 100 -11.65 17.79 38.35
N TYR A 101 -10.57 18.23 38.97
CA TYR A 101 -10.60 18.77 40.32
C TYR A 101 -11.43 20.06 40.40
N TYR A 102 -11.19 21.01 39.50
CA TYR A 102 -11.94 22.26 39.48
C TYR A 102 -13.08 22.18 38.52
N GLY A 103 -13.95 23.17 38.55
CA GLY A 103 -15.10 23.15 37.64
C GLY A 103 -14.76 24.01 36.46
N GLY A 104 -15.78 24.27 35.63
CA GLY A 104 -15.66 25.15 34.47
C GLY A 104 -14.74 24.60 33.41
N ASN A 105 -14.81 23.28 33.18
CA ASN A 105 -13.92 22.63 32.26
C ASN A 105 -14.61 21.93 31.09
N ASP A 106 -15.79 22.44 30.74
CA ASP A 106 -16.61 21.90 29.65
C ASP A 106 -15.96 22.10 28.27
N TYR A 107 -15.50 23.31 27.99
CA TYR A 107 -14.82 23.55 26.73
C TYR A 107 -13.39 23.01 26.75
N VAL A 108 -12.74 23.05 27.91
CA VAL A 108 -11.47 22.38 28.04
C VAL A 108 -11.69 20.88 27.75
N ASP A 109 -12.64 20.26 28.45
CA ASP A 109 -13.00 18.87 28.18
C ASP A 109 -13.29 18.61 26.69
N LYS A 110 -14.17 19.38 26.08
CA LYS A 110 -14.45 19.07 24.69
C LYS A 110 -13.18 19.13 23.88
N ILE A 111 -12.30 20.08 24.17
CA ILE A 111 -11.08 20.20 23.37
C ILE A 111 -10.10 19.02 23.59
N GLU A 112 -9.85 18.62 24.84
CA GLU A 112 -8.99 17.49 25.06
C GLU A 112 -9.54 16.24 24.36
N GLU A 113 -10.86 16.07 24.35
CA GLU A 113 -11.51 14.92 23.72
C GLU A 113 -11.34 15.00 22.21
N LEU A 114 -11.53 16.17 21.64
CA LEU A 114 -11.25 16.35 20.25
C LEU A 114 -9.79 16.00 19.95
N CYS A 115 -8.90 16.25 20.92
CA CYS A 115 -7.52 15.93 20.74
C CYS A 115 -7.30 14.42 20.71
N TYR A 116 -7.87 13.67 21.65
CA TYR A 116 -7.72 12.22 21.64
C TYR A 116 -8.18 11.71 20.28
N LYS A 117 -9.27 12.28 19.80
CA LYS A 117 -9.89 11.74 18.65
C LYS A 117 -8.99 11.98 17.45
N ARG A 118 -8.54 13.22 17.27
CA ARG A 118 -7.69 13.53 16.13
C ARG A 118 -6.37 12.74 16.20
N ALA A 119 -5.92 12.49 17.43
CA ALA A 119 -4.68 11.76 17.61
C ALA A 119 -4.84 10.33 17.12
N LEU A 120 -5.88 9.64 17.60
CA LEU A 120 -6.17 8.28 17.15
C LEU A 120 -6.40 8.18 15.64
N GLU A 121 -7.15 9.13 15.08
CA GLU A 121 -7.48 9.12 13.67
C GLU A 121 -6.19 9.25 12.89
N ALA A 122 -5.31 10.13 13.33
CA ALA A 122 -4.09 10.46 12.61
C ALA A 122 -3.21 9.25 12.37
N PHE A 123 -3.32 8.24 13.23
CA PHE A 123 -2.47 7.04 13.17
C PHE A 123 -3.24 5.75 12.88
N ASN A 124 -4.48 5.90 12.42
CA ASN A 124 -5.33 4.77 12.07
C ASN A 124 -5.53 3.73 13.14
N VAL A 125 -5.58 4.16 14.39
CA VAL A 125 -5.83 3.22 15.47
C VAL A 125 -7.25 3.46 15.96
N SER A 126 -7.77 2.55 16.77
CA SER A 126 -9.13 2.73 17.23
C SER A 126 -9.23 2.82 18.76
N GLU A 127 -10.22 3.59 19.23
CA GLU A 127 -10.39 3.81 20.65
C GLU A 127 -10.55 2.52 21.45
N GLU A 128 -11.03 1.48 20.79
CA GLU A 128 -11.16 0.16 21.42
C GLU A 128 -9.80 -0.43 21.78
N GLU A 129 -8.88 -0.52 20.82
CA GLU A 129 -7.56 -1.13 21.10
C GLU A 129 -6.58 -0.17 21.73
N TRP A 130 -6.63 1.09 21.24
CA TRP A 130 -5.66 2.16 21.62
C TRP A 130 -6.20 3.34 22.34
N GLY A 131 -5.42 3.85 23.27
CA GLY A 131 -5.76 5.11 23.94
C GLY A 131 -4.53 5.98 23.98
N VAL A 132 -4.72 7.24 24.37
CA VAL A 132 -3.66 8.23 24.24
C VAL A 132 -3.70 9.23 25.39
N ASN A 133 -2.55 9.75 25.76
CA ASN A 133 -2.53 10.84 26.70
C ASN A 133 -1.90 12.03 26.03
N VAL A 134 -2.57 13.16 26.07
CA VAL A 134 -2.08 14.35 25.40
C VAL A 134 -1.57 15.49 26.30
N GLN A 135 -1.31 15.17 27.57
CA GLN A 135 -0.91 16.16 28.53
C GLN A 135 0.57 16.32 28.76
N PRO A 136 1.42 15.46 28.18
CA PRO A 136 2.87 15.65 28.45
C PRO A 136 3.44 16.93 27.87
N LEU A 137 4.32 17.63 28.57
CA LEU A 137 4.77 18.98 28.16
C LEU A 137 5.84 18.99 27.06
N SER A 138 6.67 17.94 27.02
CA SER A 138 7.53 17.64 25.89
C SER A 138 7.76 16.14 25.73
N GLY A 139 8.68 15.76 24.83
CA GLY A 139 9.00 14.36 24.58
C GLY A 139 9.68 13.76 25.79
N SER A 140 10.69 14.44 26.31
CA SER A 140 11.45 13.86 27.37
C SER A 140 10.52 13.57 28.48
N ALA A 141 9.53 14.45 28.69
CA ALA A 141 8.53 14.23 29.77
C ALA A 141 7.66 13.03 29.45
N ALA A 142 7.04 13.02 28.28
CA ALA A 142 6.30 11.86 27.82
C ALA A 142 7.08 10.57 28.11
N ASN A 143 8.39 10.55 27.83
CA ASN A 143 9.17 9.33 27.92
C ASN A 143 9.41 8.87 29.35
N VAL A 144 9.99 9.72 30.21
CA VAL A 144 10.13 9.46 31.64
C VAL A 144 8.81 8.98 32.20
N GLN A 145 7.76 9.76 31.94
CA GLN A 145 6.42 9.39 32.39
C GLN A 145 5.99 8.00 31.94
N ALA A 146 5.87 7.77 30.63
CA ALA A 146 5.47 6.43 30.16
C ALA A 146 6.38 5.34 30.65
N LEU A 147 7.68 5.61 30.73
CA LEU A 147 8.63 4.61 31.27
C LEU A 147 8.27 4.25 32.71
N TYR A 148 8.13 5.25 33.56
CA TYR A 148 7.88 4.98 34.95
C TYR A 148 6.56 4.24 35.21
N ALA A 149 5.56 4.55 34.42
CA ALA A 149 4.28 3.88 34.55
C ALA A 149 4.47 2.42 34.32
N LEU A 150 5.31 2.10 33.35
CA LEU A 150 5.59 0.72 32.97
C LEU A 150 6.50 -0.04 33.95
N VAL A 151 7.48 0.65 34.51
CA VAL A 151 8.61 -0.03 35.12
C VAL A 151 8.78 0.29 36.59
N GLY A 152 8.36 1.47 37.01
CA GLY A 152 8.50 1.81 38.41
C GLY A 152 9.91 2.28 38.70
N VAL A 153 10.22 2.49 39.99
CA VAL A 153 11.52 3.03 40.38
C VAL A 153 12.54 1.90 40.44
N LYS A 154 13.71 2.16 39.85
CA LYS A 154 14.76 1.15 39.69
C LYS A 154 14.27 -0.11 38.97
N GLY A 155 13.34 0.06 38.03
CA GLY A 155 13.00 -0.94 37.04
C GLY A 155 14.04 -0.96 35.94
N LYS A 156 13.95 -2.00 35.13
CA LYS A 156 14.98 -2.29 34.16
C LYS A 156 14.47 -1.86 32.80
N ILE A 157 15.19 -0.94 32.17
CA ILE A 157 14.86 -0.52 30.79
C ILE A 157 16.05 -0.68 29.82
N MET A 158 15.76 -0.97 28.55
CA MET A 158 16.82 -1.12 27.51
C MET A 158 16.56 -0.28 26.25
N GLY A 159 17.56 0.51 25.86
CA GLY A 159 17.48 1.34 24.66
C GLY A 159 18.82 1.58 23.97
N MET A 160 18.81 2.12 22.76
CA MET A 160 20.04 2.33 22.01
C MET A 160 20.92 3.39 22.61
N HIS A 161 22.21 3.24 22.47
CA HIS A 161 23.13 4.21 23.05
C HIS A 161 22.91 5.52 22.37
N LEU A 162 23.38 6.60 22.98
CA LEU A 162 23.22 7.90 22.40
C LEU A 162 24.02 8.01 21.09
N CYS A 163 25.35 7.85 21.16
CA CYS A 163 26.22 8.18 20.02
C CYS A 163 25.81 7.42 18.76
N SER A 164 25.14 6.29 18.96
CA SER A 164 24.53 5.46 17.90
C SER A 164 23.13 5.91 17.48
N GLY A 165 22.58 6.92 18.15
CA GLY A 165 21.33 7.56 17.69
C GLY A 165 20.11 7.43 18.60
N GLY A 166 20.34 6.99 19.85
CA GLY A 166 19.29 6.92 20.84
C GLY A 166 19.09 8.31 21.43
N HIS A 167 18.06 8.45 22.28
CA HIS A 167 17.80 9.73 22.93
C HIS A 167 18.18 9.64 24.36
N LEU A 168 18.48 10.78 24.99
CA LEU A 168 18.92 10.75 26.37
C LEU A 168 17.93 10.04 27.25
N THR A 169 16.63 10.16 26.97
CA THR A 169 15.63 9.61 27.89
C THR A 169 15.43 8.15 27.62
N HIS A 170 16.27 7.60 26.76
CA HIS A 170 16.26 6.15 26.54
C HIS A 170 17.19 5.41 27.50
N GLY A 171 17.65 6.08 28.55
CA GLY A 171 18.38 5.38 29.56
C GLY A 171 19.85 5.69 29.51
N PHE A 172 20.22 6.80 28.90
CA PHE A 172 21.61 7.16 28.74
C PHE A 172 22.37 7.57 29.97
N PHE A 173 23.52 6.92 30.16
CA PHE A 173 24.45 7.23 31.22
C PHE A 173 25.81 6.99 30.64
N ASP A 174 26.81 7.73 31.08
CA ASP A 174 28.14 7.55 30.54
C ASP A 174 29.19 7.54 31.64
N GLU A 175 29.91 6.42 31.72
CA GLU A 175 30.93 6.20 32.75
C GLU A 175 30.33 6.27 34.14
N LYS A 176 30.97 7.04 35.01
CA LYS A 176 30.47 7.24 36.37
C LYS A 176 29.12 7.97 36.39
N LYS A 177 29.00 9.06 35.63
CA LYS A 177 27.80 9.91 35.65
C LYS A 177 26.57 9.39 34.93
N LYS A 178 25.50 9.18 35.69
CA LYS A 178 24.15 8.94 35.18
C LYS A 178 23.56 10.25 34.63
N VAL A 179 23.57 10.41 33.29
CA VAL A 179 23.31 11.73 32.72
C VAL A 179 21.80 12.02 32.62
N SER A 180 21.06 10.99 32.25
CA SER A 180 19.62 11.05 32.14
C SER A 180 19.00 10.32 33.30
N ILE A 181 17.99 10.93 33.87
CA ILE A 181 17.29 10.42 35.01
C ILE A 181 16.86 9.05 34.60
N THR A 182 16.64 8.85 33.32
CA THR A 182 16.16 7.56 32.88
C THR A 182 17.19 6.48 33.22
N SER A 183 18.43 6.94 33.32
CA SER A 183 19.56 6.15 33.78
C SER A 183 19.65 5.99 35.30
N ASP A 184 19.16 6.98 36.04
CA ASP A 184 19.26 7.03 37.50
C ASP A 184 17.97 6.56 38.15
N LEU A 185 16.83 7.00 37.65
CA LEU A 185 15.55 6.52 38.20
C LEU A 185 15.36 5.08 37.85
N PHE A 186 15.94 4.65 36.72
CA PHE A 186 15.84 3.24 36.31
C PHE A 186 17.20 2.58 36.12
N GLU A 187 17.21 1.24 36.14
CA GLU A 187 18.37 0.44 35.75
C GLU A 187 18.35 0.26 34.21
N SER A 188 19.30 0.90 33.52
CA SER A 188 19.28 0.90 32.06
C SER A 188 20.50 0.26 31.43
N LYS A 189 20.26 -0.60 30.44
CA LYS A 189 21.36 -1.17 29.67
C LYS A 189 21.23 -0.66 28.25
N LEU A 190 22.35 -0.36 27.62
CA LEU A 190 22.32 0.24 26.30
C LEU A 190 22.85 -0.62 25.15
N TYR A 191 22.06 -0.77 24.09
CA TYR A 191 22.53 -1.51 22.95
C TYR A 191 23.07 -0.61 21.82
N LYS A 192 23.64 -1.22 20.78
CA LYS A 192 24.44 -0.44 19.83
C LYS A 192 24.23 -0.84 18.39
N CYS A 193 24.70 0.03 17.52
CA CYS A 193 24.63 -0.22 16.10
C CYS A 193 25.92 -0.94 15.72
N ASN A 194 25.87 -1.77 14.69
CA ASN A 194 27.08 -2.42 14.18
C ASN A 194 27.94 -1.40 13.47
N SER A 195 28.84 -1.84 12.62
CA SER A 195 29.82 -0.92 12.03
C SER A 195 29.24 -0.25 10.79
N GLU A 196 28.36 -0.95 10.10
CA GLU A 196 27.67 -0.39 8.95
C GLU A 196 26.58 0.62 9.38
N GLY A 197 26.39 0.76 10.69
CA GLY A 197 25.46 1.73 11.24
C GLY A 197 24.06 1.22 11.43
N TYR A 198 23.83 -0.07 11.27
CA TYR A 198 22.50 -0.64 11.46
C TYR A 198 22.33 -1.15 12.88
N VAL A 199 21.10 -1.29 13.32
CA VAL A 199 20.86 -1.85 14.62
C VAL A 199 21.11 -3.33 14.52
N ASP A 200 21.90 -3.82 15.46
CA ASP A 200 22.24 -5.21 15.53
C ASP A 200 21.15 -5.96 16.28
N MET A 201 20.22 -6.56 15.54
CA MET A 201 19.15 -7.32 16.16
C MET A 201 19.72 -8.43 17.05
N GLU A 202 20.83 -9.01 16.64
CA GLU A 202 21.46 -10.02 17.46
C GLU A 202 21.94 -9.44 18.78
N SER A 203 22.66 -8.32 18.74
CA SER A 203 23.15 -7.66 19.96
C SER A 203 22.01 -7.17 20.86
N VAL A 204 20.90 -6.84 20.22
CA VAL A 204 19.67 -6.45 20.93
C VAL A 204 19.17 -7.67 21.69
N ARG A 205 18.92 -8.74 20.94
CA ARG A 205 18.39 -10.00 21.46
C ARG A 205 19.25 -10.63 22.56
N ASN A 206 20.54 -10.30 22.52
CA ASN A 206 21.49 -10.80 23.49
C ASN A 206 21.23 -10.08 24.78
N LEU A 207 21.45 -8.76 24.78
CA LEU A 207 21.27 -7.97 25.97
C LEU A 207 19.91 -8.31 26.57
N ALA A 208 18.90 -8.43 25.71
CA ALA A 208 17.57 -8.81 26.18
C ALA A 208 17.61 -10.07 27.03
N LEU A 209 18.37 -11.08 26.62
CA LEU A 209 18.44 -12.34 27.39
C LEU A 209 19.34 -12.12 28.63
N SER A 210 20.42 -11.37 28.44
CA SER A 210 21.42 -11.18 29.46
C SER A 210 20.97 -10.24 30.60
N PHE A 211 20.65 -8.98 30.23
CA PHE A 211 20.20 -7.94 31.17
C PHE A 211 18.74 -8.14 31.56
N GLN A 212 18.01 -8.79 30.68
CA GLN A 212 16.63 -9.13 30.94
C GLN A 212 15.82 -8.00 31.55
N PRO A 213 15.52 -6.98 30.72
CA PRO A 213 14.82 -5.79 31.17
C PRO A 213 13.31 -5.90 31.02
N LYS A 214 12.59 -4.93 31.60
CA LYS A 214 11.14 -4.89 31.54
C LYS A 214 10.63 -4.06 30.37
N VAL A 215 11.51 -3.27 29.77
CA VAL A 215 11.10 -2.54 28.54
C VAL A 215 12.27 -2.27 27.59
N ILE A 216 11.98 -2.47 26.30
CA ILE A 216 12.96 -2.31 25.22
C ILE A 216 12.48 -1.14 24.40
N ILE A 217 13.30 -0.11 24.28
CA ILE A 217 12.89 1.07 23.57
C ILE A 217 13.53 1.08 22.20
N CYS A 218 12.74 1.35 21.16
CA CYS A 218 13.28 1.71 19.83
C CYS A 218 12.67 3.01 19.42
N GLY A 219 12.92 3.45 18.19
CA GLY A 219 12.56 4.80 17.76
C GLY A 219 13.78 5.60 18.11
N TYR A 220 14.32 6.39 17.19
CA TYR A 220 15.64 6.97 17.43
C TYR A 220 15.80 8.36 16.93
N THR A 221 16.73 9.07 17.55
CA THR A 221 17.12 10.41 17.17
C THR A 221 17.77 10.52 15.82
N SER A 222 18.84 9.80 15.57
CA SER A 222 19.58 10.05 14.32
C SER A 222 19.99 8.76 13.58
N TYR A 223 18.99 7.96 13.29
CA TYR A 223 19.15 6.70 12.67
C TYR A 223 18.53 6.90 11.31
N PRO A 224 19.27 6.59 10.24
CA PRO A 224 18.80 6.94 8.90
C PRO A 224 17.98 5.87 8.24
N ARG A 225 17.53 4.89 8.99
CA ARG A 225 16.74 3.80 8.39
C ARG A 225 15.54 3.45 9.21
N ASP A 226 14.63 2.68 8.62
CA ASP A 226 13.41 2.24 9.28
C ASP A 226 13.76 1.23 10.34
N ILE A 227 12.80 0.94 11.20
CA ILE A 227 13.07 0.17 12.39
C ILE A 227 12.34 -1.16 12.26
N ASP A 228 13.02 -2.30 12.45
CA ASP A 228 12.32 -3.56 12.29
C ASP A 228 11.53 -3.87 13.55
N TYR A 229 10.25 -3.55 13.53
CA TYR A 229 9.44 -3.67 14.72
C TYR A 229 9.10 -5.15 14.97
N LYS A 230 8.70 -5.87 13.92
CA LYS A 230 8.45 -7.31 13.99
C LYS A 230 9.56 -7.97 14.78
N GLY A 231 10.79 -7.64 14.41
CA GLY A 231 11.98 -8.05 15.15
C GLY A 231 11.89 -7.83 16.65
N PHE A 232 11.99 -6.55 17.07
CA PHE A 232 11.83 -6.17 18.49
C PHE A 232 10.60 -6.84 19.14
N ARG A 233 9.48 -6.94 18.43
CA ARG A 233 8.30 -7.57 19.02
C ARG A 233 8.57 -9.02 19.50
N GLU A 234 9.49 -9.71 18.81
CA GLU A 234 9.77 -11.11 19.11
C GLU A 234 10.77 -11.18 20.27
N ILE A 235 11.86 -10.44 20.14
CA ILE A 235 12.79 -10.37 21.25
C ILE A 235 12.05 -10.04 22.56
N CYS A 236 11.15 -9.06 22.52
CA CYS A 236 10.34 -8.67 23.67
C CYS A 236 9.53 -9.83 24.23
N ASP A 237 8.90 -10.60 23.36
CA ASP A 237 8.11 -11.75 23.82
C ASP A 237 8.95 -12.86 24.45
N GLU A 238 10.12 -13.11 23.89
CA GLU A 238 11.02 -14.13 24.45
C GLU A 238 11.23 -13.81 25.91
N VAL A 239 11.51 -12.55 26.16
CA VAL A 239 11.82 -12.07 27.48
C VAL A 239 10.58 -11.51 28.20
N ASN A 240 9.41 -11.62 27.57
CA ASN A 240 8.18 -11.11 28.16
C ASN A 240 8.36 -9.66 28.62
N ALA A 241 8.67 -8.79 27.66
CA ALA A 241 8.94 -7.39 27.94
C ALA A 241 7.96 -6.46 27.22
N TYR A 242 7.95 -5.19 27.64
CA TYR A 242 7.15 -4.16 26.98
C TYR A 242 7.94 -3.64 25.79
N LEU A 243 7.23 -3.42 24.68
CA LEU A 243 7.82 -2.83 23.47
C LEU A 243 7.37 -1.41 23.29
N PHE A 244 8.36 -0.52 23.39
CA PHE A 244 8.22 0.93 23.50
C PHE A 244 8.76 1.59 22.24
N ALA A 245 7.91 2.36 21.56
CA ALA A 245 8.32 2.92 20.27
C ALA A 245 8.21 4.46 20.21
N ASP A 246 9.39 5.10 20.15
CA ASP A 246 9.54 6.57 20.19
C ASP A 246 9.64 7.11 18.77
N ILE A 247 8.53 7.57 18.19
CA ILE A 247 8.61 8.01 16.81
C ILE A 247 8.72 9.52 16.64
N SER A 248 9.33 10.19 17.60
CA SER A 248 9.30 11.64 17.50
C SER A 248 9.91 12.11 16.18
N HIS A 249 10.95 11.45 15.71
CA HIS A 249 11.61 11.92 14.48
C HIS A 249 10.87 11.63 13.25
N ILE A 250 10.19 10.49 13.24
CA ILE A 250 9.54 10.04 12.04
C ILE A 250 8.04 9.89 12.16
N SER A 251 7.41 10.60 13.08
CA SER A 251 5.99 10.42 13.32
C SER A 251 5.16 10.55 12.05
N SER A 252 5.37 11.60 11.28
CA SER A 252 4.59 11.81 10.07
C SER A 252 4.68 10.64 9.04
N PHE A 253 5.86 10.07 8.87
CA PHE A 253 6.01 8.93 7.96
C PHE A 253 5.13 7.79 8.43
N VAL A 254 5.09 7.55 9.74
CA VAL A 254 4.28 6.45 10.23
C VAL A 254 2.83 6.69 9.84
N ALA A 255 2.36 7.86 10.24
CA ALA A 255 1.03 8.35 9.93
C ALA A 255 0.69 8.18 8.46
N CYS A 256 1.62 8.48 7.56
CA CYS A 256 1.32 8.49 6.14
C CYS A 256 1.67 7.18 5.46
N ASN A 257 1.98 6.15 6.26
CA ASN A 257 2.35 4.86 5.70
C ASN A 257 3.58 4.92 4.82
N LEU A 258 4.58 5.66 5.22
CA LEU A 258 5.81 5.73 4.46
C LEU A 258 6.98 5.05 5.21
N LEU A 259 6.66 4.41 6.33
CA LEU A 259 7.64 3.65 7.09
C LEU A 259 6.92 2.45 7.71
N ASN A 260 7.63 1.58 8.40
CA ASN A 260 6.93 0.52 9.06
C ASN A 260 6.03 1.18 10.05
N ASN A 261 4.97 0.48 10.45
CA ASN A 261 4.06 0.99 11.46
C ASN A 261 4.23 0.33 12.84
N PRO A 262 4.78 1.05 13.83
CA PRO A 262 5.03 0.37 15.12
C PRO A 262 3.75 0.00 15.84
N PHE A 263 2.63 0.62 15.45
CA PHE A 263 1.35 0.46 16.12
C PHE A 263 0.77 -0.93 15.95
N THR A 264 1.35 -1.67 15.00
CA THR A 264 1.05 -3.08 14.82
C THR A 264 1.69 -3.93 15.92
N TYR A 265 2.87 -3.56 16.36
CA TYR A 265 3.64 -4.36 17.27
C TYR A 265 3.80 -3.88 18.71
N ALA A 266 3.84 -2.56 18.91
CA ALA A 266 4.30 -1.95 20.17
C ALA A 266 3.26 -1.86 21.28
N ASP A 267 3.67 -1.77 22.53
CA ASP A 267 2.68 -1.60 23.62
C ASP A 267 2.45 -0.14 23.96
N VAL A 268 3.52 0.64 23.80
CA VAL A 268 3.46 2.06 24.03
C VAL A 268 4.20 2.68 22.90
N VAL A 269 3.63 3.78 22.38
CA VAL A 269 4.21 4.59 21.29
C VAL A 269 4.09 6.02 21.69
N THR A 270 5.21 6.69 21.87
CA THR A 270 5.20 8.11 22.17
C THR A 270 5.73 8.95 21.03
N THR A 271 5.33 10.20 20.93
CA THR A 271 5.94 11.08 19.97
C THR A 271 5.89 12.53 20.40
N THR A 272 6.91 13.28 20.03
CA THR A 272 6.84 14.74 20.09
C THR A 272 5.88 15.19 18.99
N THR A 273 5.09 16.20 19.26
CA THR A 273 4.17 16.76 18.28
C THR A 273 4.88 17.83 17.47
N HIS A 274 6.11 18.16 17.86
CA HIS A 274 6.97 19.00 17.05
C HIS A 274 7.86 18.19 16.18
N LYS A 275 8.92 18.79 15.65
CA LYS A 275 9.79 18.11 14.66
C LYS A 275 8.94 17.79 13.45
N ILE A 276 9.00 16.54 12.98
CA ILE A 276 8.47 16.23 11.63
C ILE A 276 6.94 16.38 11.58
N LEU A 277 6.30 16.36 12.75
CA LEU A 277 4.85 16.45 12.79
C LEU A 277 4.42 17.92 12.71
N ARG A 278 5.38 18.84 12.89
CA ARG A 278 5.16 20.26 12.62
C ARG A 278 4.08 20.88 13.51
N GLY A 279 3.91 20.34 14.70
CA GLY A 279 2.99 20.91 15.69
C GLY A 279 3.75 21.73 16.70
N PRO A 280 3.06 22.05 17.82
CA PRO A 280 3.65 22.81 18.92
C PRO A 280 4.66 21.92 19.62
N ARG A 281 5.42 22.47 20.56
CA ARG A 281 6.30 21.62 21.36
C ARG A 281 5.44 21.02 22.43
N SER A 282 5.16 19.72 22.31
CA SER A 282 4.33 19.02 23.29
C SER A 282 4.56 17.58 22.93
N ALA A 283 3.92 16.63 23.60
CA ALA A 283 4.11 15.23 23.21
C ALA A 283 2.86 14.40 23.43
N LEU A 284 2.84 13.23 22.80
CA LEU A 284 1.80 12.27 22.93
C LEU A 284 2.35 10.97 23.51
N ILE A 285 1.50 10.25 24.24
CA ILE A 285 1.78 8.89 24.68
C ILE A 285 0.62 7.95 24.33
N PHE A 286 0.80 7.15 23.29
CA PHE A 286 -0.20 6.17 22.88
C PHE A 286 0.03 4.84 23.58
N PHE A 287 -1.06 4.18 23.99
CA PHE A 287 -0.93 2.92 24.74
C PHE A 287 -1.84 1.82 24.22
N ASN A 288 -1.29 0.60 24.16
CA ASN A 288 -2.07 -0.51 23.63
C ASN A 288 -2.90 -1.28 24.68
N LYS A 289 -4.20 -1.09 24.61
CA LYS A 289 -5.07 -1.53 25.69
C LYS A 289 -5.40 -3.00 25.59
N LYS A 290 -5.61 -3.46 24.34
CA LYS A 290 -5.89 -4.87 24.05
C LYS A 290 -4.71 -5.74 24.42
N ARG A 291 -3.52 -5.15 24.42
CA ARG A 291 -2.34 -5.93 24.81
C ARG A 291 -2.11 -5.93 26.31
N ASN A 292 -2.62 -4.89 26.98
CA ASN A 292 -2.43 -4.68 28.41
C ASN A 292 -3.63 -3.99 29.00
N PRO A 293 -4.72 -4.74 29.30
CA PRO A 293 -5.89 -4.00 29.77
C PRO A 293 -5.66 -3.26 31.09
N GLY A 294 -6.17 -2.02 31.14
CA GLY A 294 -5.92 -1.13 32.25
C GLY A 294 -4.51 -0.60 32.26
N ILE A 295 -3.90 -0.48 31.07
CA ILE A 295 -2.63 0.23 30.92
C ILE A 295 -2.91 1.74 30.93
N ASP A 296 -4.09 2.12 30.43
CA ASP A 296 -4.49 3.52 30.40
C ASP A 296 -4.33 4.03 31.81
N GLN A 297 -4.90 3.32 32.77
CA GLN A 297 -4.81 3.71 34.17
C GLN A 297 -3.35 3.93 34.52
N LYS A 298 -2.50 2.99 34.16
CA LYS A 298 -1.10 3.14 34.53
C LYS A 298 -0.47 4.41 33.89
N ILE A 299 -0.80 4.71 32.64
CA ILE A 299 -0.18 5.85 31.94
C ILE A 299 -0.69 7.16 32.51
N ASN A 300 -2.01 7.34 32.47
CA ASN A 300 -2.61 8.49 33.08
C ASN A 300 -2.09 8.88 34.47
N SER A 301 -1.94 7.93 35.39
CA SER A 301 -1.53 8.27 36.76
C SER A 301 -0.18 8.90 36.74
N SER A 302 0.69 8.39 35.86
CA SER A 302 2.09 8.81 35.78
C SER A 302 2.16 10.26 35.29
N VAL A 303 1.31 10.57 34.31
CA VAL A 303 1.32 11.90 33.77
C VAL A 303 0.82 12.87 34.86
N PHE A 304 -0.41 12.70 35.32
CA PHE A 304 -0.93 13.40 36.48
C PHE A 304 -1.49 12.34 37.40
N PRO A 305 -1.23 12.42 38.70
CA PRO A 305 -0.48 13.40 39.48
C PRO A 305 0.96 13.05 39.83
N SER A 306 1.44 11.91 39.33
CA SER A 306 2.76 11.46 39.64
C SER A 306 3.79 12.43 39.17
N PHE A 307 3.62 12.97 37.97
CA PHE A 307 4.66 13.82 37.42
C PHE A 307 4.29 15.26 37.22
N GLN A 308 3.05 15.52 36.86
CA GLN A 308 2.67 16.84 36.42
C GLN A 308 1.54 17.41 37.27
N GLY A 309 1.28 18.70 37.07
CA GLY A 309 0.16 19.39 37.66
C GLY A 309 -0.87 19.69 36.58
N GLY A 310 -1.18 20.97 36.41
CA GLY A 310 -2.12 21.40 35.39
C GLY A 310 -1.53 21.28 34.00
N PRO A 311 -2.36 20.84 33.07
CA PRO A 311 -1.93 20.72 31.70
C PRO A 311 -1.80 22.11 31.15
N HIS A 312 -1.21 22.23 29.96
CA HIS A 312 -1.12 23.49 29.28
C HIS A 312 -2.11 23.49 28.16
N ASN A 313 -3.32 23.97 28.42
CA ASN A 313 -4.41 23.79 27.48
C ASN A 313 -4.17 24.41 26.13
N ASN A 314 -3.30 25.42 26.06
CA ASN A 314 -3.01 25.95 24.74
C ASN A 314 -2.23 24.95 23.94
N LYS A 315 -1.21 24.33 24.55
CA LYS A 315 -0.47 23.22 23.90
C LYS A 315 -1.42 22.19 23.38
N ILE A 316 -2.37 21.79 24.21
CA ILE A 316 -3.37 20.82 23.78
C ILE A 316 -4.18 21.29 22.60
N ALA A 317 -4.71 22.51 22.70
CA ALA A 317 -5.46 23.08 21.58
C ALA A 317 -4.61 23.10 20.34
N ALA A 318 -3.36 23.50 20.48
CA ALA A 318 -2.45 23.61 19.36
C ALA A 318 -2.16 22.26 18.75
N VAL A 319 -2.00 21.25 19.58
CA VAL A 319 -1.77 19.90 19.11
C VAL A 319 -3.01 19.38 18.38
N ALA A 320 -4.21 19.69 18.87
CA ALA A 320 -5.42 19.28 18.17
C ALA A 320 -5.47 19.94 16.80
N CYS A 321 -5.01 21.18 16.73
CA CYS A 321 -5.02 21.93 15.49
C CYS A 321 -4.18 21.25 14.44
N GLN A 322 -3.02 20.74 14.83
CA GLN A 322 -2.05 20.20 13.90
C GLN A 322 -2.42 18.77 13.50
N LEU A 323 -2.98 18.00 14.45
CA LEU A 323 -3.36 16.59 14.16
C LEU A 323 -4.43 16.54 13.12
N LYS A 324 -5.24 17.59 13.03
CA LYS A 324 -6.24 17.66 11.98
C LYS A 324 -5.58 17.89 10.62
N GLU A 325 -4.54 18.74 10.59
CA GLU A 325 -3.70 18.96 9.40
C GLU A 325 -3.07 17.69 8.99
N VAL A 326 -2.58 16.94 9.97
CA VAL A 326 -1.92 15.67 9.68
C VAL A 326 -2.79 14.71 8.89
N ASN A 327 -4.05 14.55 9.29
CA ASN A 327 -4.97 13.71 8.54
C ASN A 327 -5.52 14.47 7.36
N THR A 328 -4.65 14.75 6.39
CA THR A 328 -4.99 15.63 5.30
C THR A 328 -4.18 15.22 4.09
N PRO A 329 -4.73 15.42 2.89
CA PRO A 329 -3.96 15.18 1.69
C PRO A 329 -2.78 16.14 1.53
N GLU A 330 -2.95 17.38 1.90
CA GLU A 330 -1.88 18.34 1.73
C GLU A 330 -0.73 17.95 2.67
N PHE A 331 -1.05 17.45 3.86
CA PHE A 331 0.01 16.98 4.76
C PHE A 331 0.69 15.69 4.29
N LYS A 332 -0.09 14.74 3.77
CA LYS A 332 0.47 13.57 3.14
C LYS A 332 1.42 13.99 2.00
N GLU A 333 1.03 15.01 1.23
CA GLU A 333 1.86 15.41 0.13
C GLU A 333 3.12 16.11 0.63
N TYR A 334 3.05 16.75 1.79
CA TYR A 334 4.23 17.35 2.40
C TYR A 334 5.18 16.30 2.94
N THR A 335 4.62 15.24 3.52
CA THR A 335 5.41 14.21 4.16
C THR A 335 6.25 13.53 3.09
N LYS A 336 5.62 13.14 2.00
CA LYS A 336 6.28 12.45 0.93
C LYS A 336 7.37 13.32 0.35
N GLN A 337 7.05 14.59 0.07
CA GLN A 337 8.08 15.52 -0.40
C GLN A 337 9.33 15.56 0.54
N VAL A 338 9.13 15.45 1.86
CA VAL A 338 10.25 15.41 2.83
C VAL A 338 11.15 14.20 2.53
N LEU A 339 10.48 13.09 2.28
CA LEU A 339 11.15 11.86 1.97
C LEU A 339 11.82 11.99 0.61
N LEU A 340 11.14 12.58 -0.36
CA LEU A 340 11.68 12.69 -1.69
C LEU A 340 12.89 13.63 -1.74
N ASN A 341 12.78 14.80 -1.12
CA ASN A 341 13.95 15.69 -0.92
C ASN A 341 15.14 15.03 -0.18
N SER A 342 14.86 14.21 0.82
CA SER A 342 15.96 13.56 1.54
C SER A 342 16.72 12.55 0.69
N LYS A 343 16.02 11.58 0.14
CA LYS A 343 16.63 10.64 -0.77
C LYS A 343 17.33 11.37 -1.94
N ALA A 344 16.67 12.36 -2.54
CA ALA A 344 17.33 13.16 -3.56
C ALA A 344 18.67 13.71 -3.10
N LEU A 345 18.71 14.20 -1.86
CA LEU A 345 19.94 14.82 -1.36
C LEU A 345 20.99 13.76 -1.13
N ALA A 346 20.55 12.59 -0.72
CA ALA A 346 21.46 11.46 -0.56
C ALA A 346 22.11 11.13 -1.91
N GLU A 347 21.32 10.99 -2.99
CA GLU A 347 21.88 10.77 -4.32
C GLU A 347 22.97 11.78 -4.59
N CYS A 348 22.57 13.05 -4.58
CA CYS A 348 23.50 14.14 -4.81
C CYS A 348 24.76 13.99 -4.02
N LEU A 349 24.66 13.42 -2.82
CA LEU A 349 25.81 13.40 -1.96
C LEU A 349 26.66 12.21 -2.29
N LEU A 350 26.03 11.11 -2.68
CA LEU A 350 26.76 9.91 -3.00
C LEU A 350 27.37 10.08 -4.38
N LYS A 351 26.71 10.89 -5.20
CA LYS A 351 27.22 11.13 -6.53
C LYS A 351 28.51 11.88 -6.43
N ARG A 352 28.69 12.67 -5.36
CA ARG A 352 29.91 13.41 -5.13
C ARG A 352 30.86 12.67 -4.24
N ASN A 353 30.59 11.38 -4.09
CA ASN A 353 31.52 10.48 -3.41
C ASN A 353 31.62 10.61 -1.91
N LEU A 354 30.74 11.41 -1.33
CA LEU A 354 30.67 11.53 0.13
C LEU A 354 30.25 10.19 0.66
N ASP A 355 30.79 9.83 1.82
CA ASP A 355 30.46 8.54 2.45
C ASP A 355 29.35 8.72 3.49
N LEU A 356 28.21 8.08 3.28
CA LEU A 356 27.07 8.23 4.20
C LEU A 356 26.90 7.03 5.11
N VAL A 357 26.77 7.23 6.43
CA VAL A 357 26.47 6.12 7.36
C VAL A 357 25.24 5.33 6.95
N THR A 358 25.40 4.01 6.83
CA THR A 358 24.43 3.10 6.18
C THR A 358 24.31 3.36 4.68
N ASN A 359 25.06 4.33 4.17
CA ASN A 359 25.15 4.49 2.72
C ASN A 359 23.85 4.90 2.02
N GLY A 360 23.05 5.73 2.68
CA GLY A 360 21.73 6.10 2.19
C GLY A 360 20.80 6.38 3.36
N THR A 361 19.51 6.42 3.06
CA THR A 361 18.48 6.80 4.02
C THR A 361 17.08 6.37 3.62
N ASP A 362 16.34 5.85 4.59
CA ASP A 362 14.98 5.44 4.38
C ASP A 362 14.07 6.55 4.76
N ASN A 363 14.66 7.66 5.22
CA ASN A 363 13.87 8.73 5.80
C ASN A 363 14.44 10.15 5.61
N HIS A 364 13.98 11.07 6.45
CA HIS A 364 14.31 12.45 6.31
C HIS A 364 15.67 12.81 6.79
N LEU A 365 16.42 11.84 7.26
CA LEU A 365 17.67 12.17 7.93
C LEU A 365 18.82 11.43 7.24
N ILE A 366 20.00 12.02 7.35
CA ILE A 366 21.15 11.42 6.73
C ILE A 366 22.32 11.78 7.59
N VAL A 367 23.28 10.86 7.74
CA VAL A 367 24.48 11.14 8.53
C VAL A 367 25.70 10.97 7.65
N VAL A 368 26.51 12.01 7.59
CA VAL A 368 27.66 12.02 6.74
C VAL A 368 28.92 11.60 7.48
N ASP A 369 29.57 10.56 6.98
CA ASP A 369 30.85 10.08 7.51
C ASP A 369 32.05 10.89 6.98
N LEU A 370 32.63 11.70 7.87
CA LEU A 370 33.56 12.76 7.44
C LEU A 370 35.06 12.42 7.51
N ARG A 371 35.39 11.28 8.10
CA ARG A 371 36.78 10.95 8.35
C ARG A 371 37.65 10.90 7.07
N LYS A 372 37.06 10.53 5.93
CA LYS A 372 37.70 10.66 4.60
C LYS A 372 38.31 12.04 4.29
N TYR A 373 37.89 13.08 4.97
CA TYR A 373 38.36 14.43 4.63
C TYR A 373 39.22 14.97 5.76
N ASN A 374 39.42 14.15 6.78
CA ASN A 374 40.26 14.54 7.88
C ASN A 374 39.73 15.87 8.45
N ILE A 375 38.51 15.81 8.95
CA ILE A 375 37.79 16.96 9.46
C ILE A 375 36.78 16.42 10.43
N THR A 376 36.53 17.17 11.50
CA THR A 376 35.55 16.77 12.51
C THR A 376 34.19 17.44 12.28
N GLY A 377 33.14 16.75 12.71
CA GLY A 377 31.79 17.33 12.69
C GLY A 377 31.79 18.71 13.31
N SER A 378 32.41 18.82 14.48
CA SER A 378 32.53 20.07 15.19
C SER A 378 33.00 21.16 14.24
N LYS A 379 34.08 20.89 13.52
CA LYS A 379 34.67 21.93 12.68
C LYS A 379 33.66 22.35 11.63
N LEU A 380 33.14 21.35 10.93
CA LEU A 380 32.15 21.58 9.88
C LEU A 380 30.94 22.33 10.43
N GLN A 381 30.54 21.99 11.67
CA GLN A 381 29.39 22.64 12.31
C GLN A 381 29.57 24.15 12.41
N GLU A 382 30.77 24.56 12.85
CA GLU A 382 31.10 25.97 12.94
C GLU A 382 31.23 26.64 11.56
N THR A 383 31.63 25.86 10.56
CA THR A 383 31.82 26.43 9.24
C THR A 383 30.44 26.79 8.72
N CYS A 384 29.52 25.85 8.85
CA CYS A 384 28.18 26.05 8.34
C CYS A 384 27.42 27.13 9.10
N ASN A 385 27.57 27.17 10.43
CA ASN A 385 27.00 28.28 11.20
C ASN A 385 27.45 29.64 10.65
N ALA A 386 28.74 29.72 10.37
CA ALA A 386 29.36 30.95 9.88
C ALA A 386 28.85 31.36 8.46
N ILE A 387 28.34 30.40 7.70
CA ILE A 387 27.67 30.70 6.43
C ILE A 387 26.16 30.45 6.47
N ASN A 388 25.52 30.71 7.60
CA ASN A 388 24.05 30.59 7.66
C ASN A 388 23.49 29.26 7.14
N ILE A 389 24.22 28.16 7.32
CA ILE A 389 23.67 26.83 7.12
C ILE A 389 23.72 26.12 8.47
N ALA A 390 22.56 25.65 8.93
CA ALA A 390 22.51 25.02 10.23
C ALA A 390 22.33 23.52 10.14
N LEU A 391 23.28 22.78 10.71
CA LEU A 391 23.23 21.34 10.81
C LEU A 391 23.95 21.02 12.10
N ASN A 392 24.24 19.77 12.39
CA ASN A 392 24.94 19.47 13.62
C ASN A 392 25.79 18.24 13.54
N LYS A 393 26.91 18.28 14.26
CA LYS A 393 27.84 17.20 14.38
C LYS A 393 27.13 15.94 14.72
N ASN A 394 27.52 14.86 14.08
CA ASN A 394 27.03 13.57 14.52
C ASN A 394 28.13 12.54 14.73
N THR A 395 27.74 11.35 15.15
CA THR A 395 28.68 10.30 15.44
C THR A 395 28.57 9.18 14.41
N ILE A 396 29.73 8.70 13.96
CA ILE A 396 29.74 7.51 13.10
C ILE A 396 30.02 6.34 13.98
N PRO A 397 29.70 5.12 13.51
CA PRO A 397 29.82 3.96 14.40
C PRO A 397 31.17 3.83 15.11
N SER A 398 32.22 4.23 14.42
CA SER A 398 33.60 4.01 14.82
C SER A 398 34.16 5.07 15.77
N ASP A 399 33.38 6.07 16.13
CA ASP A 399 33.82 7.03 17.17
C ASP A 399 33.47 6.40 18.50
N VAL A 400 34.44 5.83 19.20
CA VAL A 400 34.10 5.31 20.52
C VAL A 400 33.82 6.47 21.45
N ASP A 401 34.69 7.47 21.35
CA ASP A 401 34.60 8.70 22.13
C ASP A 401 33.57 9.66 21.53
N CYS A 402 32.51 9.92 22.30
CA CYS A 402 31.51 10.89 21.90
C CYS A 402 32.17 12.27 22.01
N VAL A 403 33.39 12.33 22.55
CA VAL A 403 34.06 13.63 22.63
C VAL A 403 34.19 14.25 21.24
N SER A 404 34.86 13.54 20.35
CA SER A 404 35.25 14.09 19.07
C SER A 404 34.41 13.50 17.94
N PRO A 405 33.19 14.01 17.74
CA PRO A 405 32.38 13.35 16.75
C PRO A 405 32.88 13.63 15.34
N SER A 406 32.86 12.59 14.50
CA SER A 406 33.43 12.61 13.15
C SER A 406 32.45 12.78 11.98
N GLY A 407 31.16 12.94 12.29
CA GLY A 407 30.15 13.11 11.25
C GLY A 407 29.25 14.28 11.49
N ILE A 408 28.23 14.42 10.65
CA ILE A 408 27.18 15.44 10.80
C ILE A 408 25.86 14.80 10.41
N ARG A 409 24.74 15.36 10.89
CA ARG A 409 23.43 14.97 10.37
C ARG A 409 22.74 16.11 9.69
N ILE A 410 21.75 15.81 8.86
CA ILE A 410 21.03 16.81 8.13
C ILE A 410 19.68 16.22 7.79
N GLY A 411 18.65 17.06 7.74
CA GLY A 411 17.30 16.56 7.54
C GLY A 411 16.55 17.55 6.68
N THR A 412 15.51 17.08 6.00
CA THR A 412 14.81 17.90 5.04
C THR A 412 13.43 18.45 5.43
N PRO A 413 13.03 18.28 6.70
CA PRO A 413 11.66 18.66 7.01
C PRO A 413 11.48 20.17 7.00
N ALA A 414 12.49 20.91 7.44
CA ALA A 414 12.37 22.37 7.45
C ALA A 414 12.40 22.98 6.04
N LEU A 415 13.35 22.55 5.22
CA LEU A 415 13.45 23.05 3.84
C LEU A 415 12.22 22.70 3.02
N THR A 416 11.70 21.51 3.25
CA THR A 416 10.58 21.02 2.50
C THR A 416 9.38 21.87 2.81
N THR A 417 9.21 22.23 4.07
CA THR A 417 8.09 23.08 4.46
C THR A 417 8.25 24.36 3.71
N ARG A 418 9.49 24.79 3.56
CA ARG A 418 9.76 26.07 2.93
C ARG A 418 9.75 25.98 1.40
N GLY A 419 9.33 24.85 0.85
CA GLY A 419 9.02 24.80 -0.57
C GLY A 419 10.09 24.19 -1.45
N CYS A 420 11.19 23.77 -0.84
CA CYS A 420 12.25 23.14 -1.60
C CYS A 420 11.75 21.86 -2.18
N LYS A 421 12.21 21.58 -3.40
CA LYS A 421 11.85 20.35 -4.10
C LYS A 421 13.11 19.57 -4.35
N GLU A 422 12.97 18.41 -4.97
CA GLU A 422 14.15 17.55 -5.23
C GLU A 422 15.30 18.25 -5.94
N LYS A 423 15.01 18.96 -7.02
CA LYS A 423 16.06 19.64 -7.75
C LYS A 423 16.82 20.58 -6.86
N ASP A 424 16.20 21.02 -5.76
CA ASP A 424 16.86 22.01 -4.91
C ASP A 424 17.94 21.37 -4.05
N MET A 425 18.02 20.06 -4.08
CA MET A 425 19.02 19.38 -3.26
C MET A 425 20.43 19.48 -3.83
N GLU A 426 20.52 19.67 -5.16
CA GLU A 426 21.79 19.84 -5.89
C GLU A 426 22.57 20.97 -5.29
N PHE A 427 21.88 22.08 -5.10
CA PHE A 427 22.49 23.25 -4.55
C PHE A 427 23.00 22.96 -3.12
N ILE A 428 22.15 22.35 -2.30
CA ILE A 428 22.56 22.02 -0.93
C ILE A 428 23.82 21.17 -0.97
N ALA A 429 23.82 20.13 -1.79
CA ALA A 429 24.98 19.27 -1.91
C ALA A 429 26.24 20.05 -2.24
N ASP A 430 26.15 20.96 -3.23
CA ASP A 430 27.35 21.61 -3.79
C ASP A 430 27.97 22.43 -2.71
N MET A 431 27.09 23.14 -2.02
CA MET A 431 27.43 23.96 -0.86
C MET A 431 28.09 23.16 0.28
N LEU A 432 27.44 22.11 0.77
CA LEU A 432 28.08 21.30 1.82
C LEU A 432 29.49 20.95 1.44
N LEU A 433 29.64 20.44 0.23
CA LEU A 433 30.94 20.08 -0.30
C LEU A 433 31.87 21.28 -0.23
N LYS A 434 31.47 22.39 -0.84
CA LYS A 434 32.26 23.62 -0.76
C LYS A 434 32.70 23.87 0.68
N ALA A 435 31.79 23.57 1.61
CA ALA A 435 31.95 23.81 3.03
C ALA A 435 32.93 22.83 3.66
N ILE A 436 32.93 21.62 3.14
CA ILE A 436 33.83 20.59 3.60
C ILE A 436 35.27 20.98 3.23
N LEU A 437 35.43 21.46 2.01
CA LEU A 437 36.74 21.80 1.45
C LEU A 437 37.29 23.06 2.09
N LEU A 438 36.40 23.98 2.44
CA LEU A 438 36.81 25.18 3.15
C LEU A 438 37.18 24.87 4.60
N THR A 439 36.67 23.76 5.12
CA THR A 439 36.97 23.35 6.48
C THR A 439 38.39 22.78 6.57
N ASP A 440 38.79 21.98 5.58
CA ASP A 440 40.13 21.43 5.57
C ASP A 440 41.13 22.56 5.45
N GLU A 441 40.82 23.48 4.53
CA GLU A 441 41.69 24.60 4.22
C GLU A 441 42.01 25.42 5.47
N LEU A 442 40.98 25.88 6.18
CA LEU A 442 41.22 26.69 7.36
C LEU A 442 41.86 25.85 8.42
N GLN A 443 41.37 24.63 8.60
CA GLN A 443 41.89 23.71 9.59
C GLN A 443 43.42 23.76 9.61
N GLN A 444 44.02 23.68 8.42
CA GLN A 444 45.47 23.65 8.25
C GLN A 444 46.10 25.02 8.47
N LYS A 445 45.47 26.07 7.96
CA LYS A 445 46.04 27.41 8.02
C LYS A 445 46.06 27.94 9.45
N TYR A 446 45.09 27.50 10.25
CA TYR A 446 44.90 28.05 11.60
C TYR A 446 45.02 27.01 12.71
N GLY A 447 45.14 25.73 12.34
CA GLY A 447 45.32 24.65 13.32
C GLY A 447 44.10 23.75 13.58
N LYS A 448 44.38 22.54 14.08
CA LYS A 448 43.38 21.54 14.43
C LYS A 448 42.86 21.65 15.89
N LYS A 449 43.15 22.77 16.54
CA LYS A 449 42.53 23.11 17.82
C LYS A 449 41.30 23.93 17.49
N LEU A 450 40.17 23.49 17.99
CA LEU A 450 38.89 24.11 17.64
C LEU A 450 38.89 25.62 17.92
N VAL A 451 39.64 26.03 18.93
CA VAL A 451 39.74 27.43 19.33
C VAL A 451 40.45 28.23 18.26
N ASP A 452 41.57 27.69 17.81
CA ASP A 452 42.36 28.30 16.76
C ASP A 452 41.56 28.36 15.45
N PHE A 453 41.24 27.18 14.91
CA PHE A 453 40.46 27.06 13.68
C PHE A 453 39.31 28.03 13.69
N LYS A 454 38.60 28.10 14.83
CA LYS A 454 37.38 28.89 14.98
C LYS A 454 37.61 30.35 14.63
N LYS A 455 38.85 30.80 14.83
CA LYS A 455 39.23 32.18 14.58
C LYS A 455 39.46 32.44 13.09
N GLY A 456 39.76 31.38 12.33
CA GLY A 456 39.83 31.47 10.88
C GLY A 456 38.51 31.79 10.19
N LEU A 457 37.42 31.75 10.95
CA LEU A 457 36.06 32.02 10.46
C LEU A 457 35.70 33.46 10.65
N VAL A 458 36.39 34.11 11.59
CA VAL A 458 36.05 35.47 12.03
C VAL A 458 36.36 36.52 10.95
N ASN A 459 37.57 36.50 10.40
CA ASN A 459 37.93 37.57 9.48
C ASN A 459 38.16 37.14 8.02
N ASN A 460 37.65 35.96 7.67
CA ASN A 460 37.78 35.35 6.35
C ASN A 460 36.80 35.92 5.30
N PRO A 461 37.30 36.32 4.11
CA PRO A 461 36.38 36.77 3.03
C PRO A 461 35.77 35.64 2.18
N LYS A 462 36.40 34.46 2.19
CA LYS A 462 35.87 33.28 1.49
C LYS A 462 34.56 32.80 2.17
N ILE A 463 34.41 33.19 3.43
CA ILE A 463 33.24 32.89 4.23
C ILE A 463 32.13 33.94 4.05
N ASP A 464 32.47 35.23 4.01
CA ASP A 464 31.49 36.27 3.68
C ASP A 464 30.88 36.01 2.28
N GLU A 465 31.61 35.34 1.39
CA GLU A 465 31.11 35.11 0.01
C GLU A 465 30.09 33.98 -0.10
N LEU A 466 30.30 32.95 0.73
CA LEU A 466 29.37 31.86 0.87
C LEU A 466 28.11 32.30 1.63
N LYS A 467 28.31 32.98 2.77
CA LYS A 467 27.18 33.52 3.52
C LYS A 467 26.27 34.33 2.62
N LYS A 468 26.85 35.20 1.79
CA LYS A 468 26.08 36.00 0.84
C LYS A 468 25.23 35.14 -0.10
N GLU A 469 25.83 34.10 -0.67
CA GLU A 469 25.13 33.24 -1.57
C GLU A 469 24.02 32.51 -0.84
N VAL A 470 24.33 32.08 0.39
CA VAL A 470 23.39 31.35 1.21
C VAL A 470 22.21 32.25 1.55
N VAL A 471 22.51 33.37 2.20
CA VAL A 471 21.50 34.32 2.69
C VAL A 471 20.55 34.76 1.59
N GLN A 472 21.00 34.69 0.35
CA GLN A 472 20.17 35.20 -0.72
C GLN A 472 19.28 34.07 -1.20
N TRP A 473 19.81 32.87 -1.14
CA TRP A 473 19.09 31.67 -1.51
C TRP A 473 17.99 31.46 -0.53
N ALA A 474 18.31 31.63 0.75
CA ALA A 474 17.36 31.42 1.83
C ALA A 474 16.28 32.49 1.92
N LYS A 475 16.65 33.76 1.81
CA LYS A 475 15.71 34.88 1.95
C LYS A 475 14.59 34.70 0.96
N ASN A 476 14.90 34.02 -0.14
CA ASN A 476 13.98 33.85 -1.24
C ASN A 476 12.92 32.82 -0.98
N LEU A 477 13.19 31.85 -0.15
CA LEU A 477 12.24 30.75 0.06
C LEU A 477 11.05 31.21 0.90
N PRO A 478 9.83 30.68 0.62
CA PRO A 478 8.68 30.95 1.47
C PRO A 478 8.95 30.65 2.95
N PHE A 479 8.24 31.35 3.84
CA PHE A 479 8.46 31.25 5.30
C PHE A 479 7.13 31.23 6.02
N ALA A 480 6.95 30.25 6.90
CA ALA A 480 5.67 30.16 7.60
C ALA A 480 5.58 31.15 8.76
N THR B 36 7.48 28.66 -6.61
CA THR B 36 7.58 27.47 -5.71
C THR B 36 6.92 27.76 -4.37
N PRO B 37 5.61 27.46 -4.26
CA PRO B 37 4.88 27.70 -3.02
C PRO B 37 5.32 26.76 -1.87
N GLY B 38 5.42 27.33 -0.67
CA GLY B 38 5.69 26.55 0.50
C GLY B 38 4.60 25.54 0.77
N MET B 39 4.96 24.46 1.47
CA MET B 39 3.97 23.41 1.70
C MET B 39 3.35 23.54 3.06
N PHE B 40 2.75 24.69 3.31
CA PHE B 40 2.12 24.92 4.58
C PHE B 40 0.90 25.79 4.36
N ASN B 41 -0.07 25.68 5.26
CA ASN B 41 -1.26 26.53 5.18
C ASN B 41 -1.28 27.57 6.30
N ASN B 42 -1.12 28.83 5.93
CA ASN B 42 -1.01 29.85 6.96
C ASN B 42 -2.34 30.50 7.24
N ASP B 43 -3.43 29.87 6.83
CA ASP B 43 -4.75 30.43 7.04
C ASP B 43 -5.05 30.61 8.52
N PRO B 44 -5.97 31.51 8.85
CA PRO B 44 -6.30 31.71 10.27
C PRO B 44 -7.07 30.55 10.86
N LEU B 45 -7.05 30.45 12.17
CA LEU B 45 -7.71 29.34 12.85
C LEU B 45 -9.21 29.23 12.54
N GLN B 46 -9.87 30.38 12.33
CA GLN B 46 -11.31 30.39 12.06
C GLN B 46 -11.60 29.57 10.80
N LYS B 47 -10.72 29.72 9.81
CA LYS B 47 -10.93 29.18 8.48
C LYS B 47 -10.36 27.77 8.44
N TYR B 48 -9.16 27.61 8.95
CA TYR B 48 -8.45 26.35 8.94
C TYR B 48 -9.15 25.29 9.77
N ASP B 49 -9.66 25.66 10.94
CA ASP B 49 -10.18 24.70 11.90
C ASP B 49 -11.35 25.33 12.68
N LYS B 50 -12.43 25.62 11.96
CA LYS B 50 -13.57 26.25 12.57
C LYS B 50 -14.02 25.46 13.79
N GLU B 51 -14.02 24.14 13.75
CA GLU B 51 -14.46 23.38 14.95
C GLU B 51 -13.68 23.80 16.18
N LEU B 52 -12.37 23.97 16.04
CA LEU B 52 -11.54 24.21 17.21
C LEU B 52 -11.70 25.66 17.58
N PHE B 53 -11.78 26.48 16.54
CA PHE B 53 -11.97 27.89 16.73
C PHE B 53 -13.21 28.22 17.57
N ASP B 54 -14.28 27.45 17.34
CA ASP B 54 -15.58 27.64 17.98
C ASP B 54 -15.45 27.37 19.47
N LEU B 55 -14.90 26.19 19.79
CA LEU B 55 -14.69 25.77 21.18
C LEU B 55 -13.84 26.79 21.91
N LEU B 56 -12.74 27.23 21.28
CA LEU B 56 -11.88 28.25 21.88
C LEU B 56 -12.69 29.49 22.15
N GLU B 57 -13.52 29.97 21.21
CA GLU B 57 -14.33 31.17 21.46
C GLU B 57 -15.29 30.96 22.61
N LYS B 58 -15.93 29.79 22.61
CA LYS B 58 -16.85 29.50 23.68
C LYS B 58 -16.11 29.61 24.99
N GLU B 59 -14.85 29.15 24.99
CA GLU B 59 -14.00 29.28 26.15
C GLU B 59 -13.79 30.71 26.63
N LYS B 60 -13.44 31.61 25.72
CA LYS B 60 -13.22 33.05 26.05
C LYS B 60 -14.47 33.69 26.69
N ASN B 61 -15.65 33.35 26.17
CA ASN B 61 -16.83 33.95 26.72
C ASN B 61 -17.23 33.30 28.05
N ARG B 62 -16.99 32.01 28.22
CA ARG B 62 -17.18 31.41 29.51
C ARG B 62 -16.31 32.18 30.56
N GLN B 63 -15.09 32.54 30.17
CA GLN B 63 -14.21 33.30 31.05
C GLN B 63 -14.71 34.72 31.34
N ILE B 64 -15.20 35.40 30.31
CA ILE B 64 -15.72 36.78 30.45
C ILE B 64 -16.92 36.80 31.43
N GLU B 65 -17.79 35.80 31.32
CA GLU B 65 -19.01 35.73 32.06
C GLU B 65 -18.89 34.91 33.32
N THR B 66 -17.70 34.82 33.90
CA THR B 66 -17.52 34.05 35.13
C THR B 66 -16.83 34.87 36.19
N ILE B 67 -17.32 34.71 37.41
CA ILE B 67 -16.71 35.34 38.55
C ILE B 67 -15.76 34.29 39.07
N ASN B 68 -14.50 34.49 38.71
CA ASN B 68 -13.45 33.53 39.03
C ASN B 68 -12.82 33.76 40.37
N LEU B 69 -13.00 32.85 41.29
CA LEU B 69 -12.37 33.02 42.60
C LEU B 69 -11.30 31.99 42.87
N ILE B 70 -10.94 31.27 41.82
CA ILE B 70 -9.86 30.29 41.92
C ILE B 70 -8.47 30.91 42.16
N ALA B 71 -7.96 30.70 43.38
CA ALA B 71 -6.78 31.45 43.84
C ALA B 71 -5.48 31.24 43.04
N SER B 72 -5.48 30.28 42.12
CA SER B 72 -4.31 29.93 41.36
C SER B 72 -4.49 30.24 39.92
N GLU B 73 -5.55 30.97 39.58
CA GLU B 73 -5.77 31.43 38.20
C GLU B 73 -5.68 32.97 38.14
N ASN B 74 -5.22 33.49 37.01
CA ASN B 74 -5.07 34.94 36.75
C ASN B 74 -5.34 35.09 35.27
N LEU B 75 -5.04 36.25 34.70
CA LEU B 75 -5.24 36.47 33.24
C LEU B 75 -3.99 37.05 32.59
N THR B 76 -3.51 36.41 31.51
CA THR B 76 -2.40 36.98 30.74
C THR B 76 -2.88 38.02 29.80
N ASN B 77 -2.01 38.98 29.56
CA ASN B 77 -2.29 40.13 28.72
C ASN B 77 -1.68 39.95 27.35
N THR B 78 -1.94 40.90 26.47
CA THR B 78 -1.70 40.75 25.06
C THR B 78 -0.28 40.35 24.69
N ALA B 79 0.68 40.99 25.33
CA ALA B 79 2.07 40.79 25.05
C ALA B 79 2.56 39.41 25.43
N VAL B 80 2.12 38.88 26.57
CA VAL B 80 2.60 37.55 26.92
C VAL B 80 2.19 36.53 25.87
N ARG B 81 0.91 36.58 25.51
CA ARG B 81 0.34 35.66 24.57
C ARG B 81 0.94 35.86 23.18
N GLU B 82 1.30 37.11 22.86
CA GLU B 82 2.04 37.35 21.64
C GLU B 82 3.35 36.53 21.67
N CYS B 83 3.96 36.42 22.84
CA CYS B 83 5.26 35.81 22.94
C CYS B 83 5.07 34.31 22.80
N LEU B 84 4.07 33.77 23.49
CA LEU B 84 3.80 32.34 23.42
C LEU B 84 3.64 31.86 21.97
N GLY B 85 3.05 32.70 21.11
CA GLY B 85 2.87 32.41 19.70
C GLY B 85 4.09 32.75 18.88
N ASP B 86 5.12 33.31 19.49
CA ASP B 86 6.27 33.74 18.71
C ASP B 86 7.05 32.59 18.10
N ARG B 87 7.61 32.79 16.91
CA ARG B 87 8.28 31.68 16.19
C ARG B 87 9.56 31.16 16.84
N ILE B 88 9.97 31.75 17.96
CA ILE B 88 11.24 31.37 18.52
C ILE B 88 11.15 29.93 19.00
N SER B 89 9.92 29.41 19.07
CA SER B 89 9.68 28.06 19.54
C SER B 89 10.12 27.04 18.51
N ASN B 90 10.32 27.50 17.27
CA ASN B 90 10.85 26.68 16.20
C ASN B 90 12.27 26.21 16.47
N LYS B 91 12.98 26.88 17.39
CA LYS B 91 14.41 26.67 17.53
C LYS B 91 14.77 25.73 18.67
N TYR B 92 15.66 24.78 18.39
CA TYR B 92 16.16 23.88 19.42
C TYR B 92 17.34 24.52 20.11
N SER B 93 17.27 24.63 21.44
CA SER B 93 18.31 25.28 22.18
C SER B 93 18.74 24.41 23.34
N GLU B 94 18.88 23.10 23.11
CA GLU B 94 19.41 22.22 24.15
C GLU B 94 20.72 22.77 24.62
N GLY B 95 20.91 22.88 25.92
CA GLY B 95 22.14 23.51 26.46
C GLY B 95 21.84 24.82 27.14
N TYR B 96 22.87 25.60 27.46
CA TYR B 96 22.68 26.87 28.15
C TYR B 96 23.38 27.93 27.35
N PRO B 97 23.12 29.21 27.58
CA PRO B 97 23.74 30.19 26.71
C PRO B 97 25.25 30.06 26.59
N HIS B 98 25.71 29.98 25.33
CA HIS B 98 27.13 29.88 25.00
C HIS B 98 27.65 28.53 25.33
N LYS B 99 26.76 27.66 25.75
CA LYS B 99 27.09 26.29 26.01
C LYS B 99 26.13 25.40 25.26
N ARG B 100 25.61 25.88 24.13
CA ARG B 100 24.58 25.13 23.41
C ARG B 100 25.17 23.97 22.63
N TYR B 101 24.34 22.99 22.31
CA TYR B 101 24.69 21.92 21.38
C TYR B 101 24.71 22.44 19.90
N TYR B 102 23.63 23.08 19.49
CA TYR B 102 23.42 23.52 18.13
C TYR B 102 23.82 24.98 17.96
N GLY B 103 24.16 25.39 16.74
CA GLY B 103 24.41 26.79 16.47
C GLY B 103 23.14 27.50 16.07
N GLY B 104 23.20 28.82 16.03
CA GLY B 104 22.04 29.63 15.66
C GLY B 104 21.24 30.09 16.86
N ASN B 105 21.92 30.19 18.00
CA ASN B 105 21.24 30.53 19.25
C ASN B 105 21.69 31.88 19.79
N ASP B 106 22.11 32.79 18.90
CA ASP B 106 22.56 34.11 19.33
C ASP B 106 21.47 34.87 20.05
N TYR B 107 20.32 35.01 19.40
CA TYR B 107 19.17 35.70 20.01
C TYR B 107 18.46 34.87 21.09
N VAL B 108 18.42 33.56 20.88
CA VAL B 108 17.95 32.71 21.92
C VAL B 108 18.75 33.04 23.16
N ASP B 109 20.07 33.17 23.02
CA ASP B 109 20.97 33.39 24.15
C ASP B 109 20.75 34.76 24.77
N LYS B 110 20.66 35.77 23.91
CA LYS B 110 20.35 37.10 24.37
C LYS B 110 19.10 37.05 25.23
N ILE B 111 18.10 36.31 24.77
CA ILE B 111 16.80 36.29 25.44
C ILE B 111 16.75 35.46 26.70
N GLU B 112 17.40 34.29 26.69
CA GLU B 112 17.50 33.56 27.93
C GLU B 112 18.20 34.45 28.95
N GLU B 113 19.24 35.15 28.53
CA GLU B 113 20.03 35.91 29.52
C GLU B 113 19.26 37.07 30.07
N LEU B 114 18.52 37.70 29.17
CA LEU B 114 17.63 38.79 29.51
C LEU B 114 16.60 38.26 30.54
N CYS B 115 16.23 36.99 30.39
CA CYS B 115 15.25 36.43 31.29
C CYS B 115 15.85 36.31 32.67
N TYR B 116 17.06 35.74 32.73
CA TYR B 116 17.86 35.68 33.96
C TYR B 116 17.90 37.07 34.61
N LYS B 117 18.25 38.09 33.81
CA LYS B 117 18.47 39.39 34.38
C LYS B 117 17.20 39.93 35.00
N ARG B 118 16.13 39.97 34.21
CA ARG B 118 14.85 40.45 34.68
C ARG B 118 14.29 39.61 35.84
N ALA B 119 14.72 38.34 35.95
CA ALA B 119 14.30 37.47 37.03
C ALA B 119 14.92 37.87 38.34
N LEU B 120 16.25 37.94 38.38
CA LEU B 120 16.95 38.30 39.62
C LEU B 120 16.55 39.70 40.07
N GLU B 121 16.36 40.55 39.08
CA GLU B 121 15.94 41.90 39.31
C GLU B 121 14.55 41.93 39.96
N ALA B 122 13.66 41.08 39.48
CA ALA B 122 12.27 41.07 40.00
C ALA B 122 12.21 40.73 41.47
N PHE B 123 13.05 39.81 41.91
CA PHE B 123 13.05 39.44 43.31
C PHE B 123 14.12 40.10 44.13
N ASN B 124 14.75 41.14 43.56
CA ASN B 124 15.82 41.88 44.23
C ASN B 124 16.79 40.95 44.93
N VAL B 125 17.58 40.27 44.12
CA VAL B 125 18.71 39.55 44.64
C VAL B 125 19.81 39.78 43.63
N SER B 126 21.01 39.32 43.96
CA SER B 126 22.13 39.69 43.13
C SER B 126 22.80 38.51 42.49
N GLU B 127 23.39 38.76 41.32
CA GLU B 127 23.97 37.72 40.50
C GLU B 127 25.31 37.18 40.94
N GLU B 128 25.87 37.77 42.00
CA GLU B 128 27.05 37.24 42.69
C GLU B 128 26.56 36.29 43.77
N GLU B 129 25.35 36.55 44.26
CA GLU B 129 24.77 35.78 45.32
C GLU B 129 23.82 34.69 44.81
N TRP B 130 22.99 35.05 43.82
CA TRP B 130 21.91 34.18 43.32
C TRP B 130 21.90 33.85 41.86
N GLY B 131 21.57 32.60 41.56
CA GLY B 131 21.37 32.23 40.18
C GLY B 131 19.99 31.65 40.03
N VAL B 132 19.53 31.62 38.76
CA VAL B 132 18.17 31.20 38.36
C VAL B 132 18.24 30.32 37.13
N ASN B 133 17.35 29.33 37.05
CA ASN B 133 17.21 28.54 35.83
C ASN B 133 15.81 28.74 35.26
N VAL B 134 15.74 29.25 34.03
CA VAL B 134 14.44 29.56 33.41
C VAL B 134 13.87 28.49 32.47
N GLN B 135 14.33 27.26 32.57
CA GLN B 135 13.94 26.25 31.58
C GLN B 135 12.81 25.27 31.99
N PRO B 136 12.45 25.20 33.28
CA PRO B 136 11.45 24.20 33.67
C PRO B 136 10.05 24.51 33.09
N LEU B 137 9.40 23.53 32.50
CA LEU B 137 8.21 23.83 31.73
C LEU B 137 7.01 24.08 32.61
N SER B 138 7.02 23.56 33.83
CA SER B 138 5.96 23.95 34.75
C SER B 138 6.45 23.96 36.19
N GLY B 139 5.57 24.32 37.12
CA GLY B 139 5.90 24.40 38.53
C GLY B 139 6.33 23.03 39.01
N SER B 140 5.53 22.01 38.71
CA SER B 140 5.76 20.66 39.18
C SER B 140 7.08 20.11 38.71
N ALA B 141 7.52 20.54 37.53
CA ALA B 141 8.77 20.07 36.97
C ALA B 141 9.90 20.75 37.67
N ALA B 142 9.76 22.07 37.84
CA ALA B 142 10.74 22.82 38.59
C ALA B 142 11.00 22.17 39.93
N ASN B 143 9.98 21.54 40.51
CA ASN B 143 10.17 20.98 41.83
C ASN B 143 10.84 19.62 41.83
N VAL B 144 10.44 18.72 40.93
CA VAL B 144 11.11 17.43 40.85
C VAL B 144 12.57 17.66 40.46
N GLN B 145 12.82 18.49 39.47
CA GLN B 145 14.22 18.84 39.08
C GLN B 145 15.07 19.37 40.24
N ALA B 146 14.65 20.47 40.86
CA ALA B 146 15.36 21.04 42.00
C ALA B 146 15.58 20.04 43.08
N LEU B 147 14.51 19.40 43.55
CA LEU B 147 14.68 18.37 44.56
C LEU B 147 15.78 17.37 44.15
N TYR B 148 15.65 16.83 42.93
CA TYR B 148 16.62 15.84 42.45
C TYR B 148 18.04 16.40 42.54
N ALA B 149 18.24 17.58 42.00
CA ALA B 149 19.53 18.25 42.10
C ALA B 149 20.08 18.38 43.51
N LEU B 150 19.23 18.38 44.52
CA LEU B 150 19.72 18.62 45.88
C LEU B 150 19.93 17.34 46.67
N VAL B 151 19.15 16.30 46.40
CA VAL B 151 19.20 15.12 47.22
C VAL B 151 19.47 13.82 46.44
N GLY B 152 19.14 13.81 45.15
CA GLY B 152 19.37 12.66 44.30
C GLY B 152 18.42 11.54 44.64
N VAL B 153 18.52 10.45 43.89
CA VAL B 153 17.66 9.31 44.10
C VAL B 153 17.54 8.89 45.55
N LYS B 154 16.29 8.69 45.97
CA LYS B 154 15.99 8.22 47.31
C LYS B 154 16.54 9.13 48.43
N GLY B 155 16.80 10.40 48.09
CA GLY B 155 17.14 11.41 49.07
C GLY B 155 15.96 11.65 49.98
N LYS B 156 16.22 12.23 51.13
CA LYS B 156 15.16 12.50 52.09
C LYS B 156 14.74 13.96 52.04
N ILE B 157 13.45 14.16 51.77
CA ILE B 157 12.84 15.47 51.75
C ILE B 157 11.67 15.50 52.71
N MET B 158 11.40 16.69 53.24
CA MET B 158 10.29 16.90 54.13
C MET B 158 9.45 18.09 53.62
N GLY B 159 8.14 17.88 53.55
CA GLY B 159 7.23 18.92 53.08
C GLY B 159 5.94 19.00 53.85
N MET B 160 5.07 19.94 53.49
CA MET B 160 3.79 19.99 54.16
C MET B 160 2.77 19.09 53.50
N HIS B 161 1.96 18.43 54.33
CA HIS B 161 0.89 17.57 53.85
C HIS B 161 -0.09 18.29 52.93
N LEU B 162 -0.43 17.63 51.83
CA LEU B 162 -1.39 18.17 50.87
C LEU B 162 -2.60 18.77 51.55
N CYS B 163 -3.19 18.03 52.47
CA CYS B 163 -4.47 18.43 53.06
C CYS B 163 -4.37 19.70 53.92
N SER B 164 -3.16 20.04 54.36
CA SER B 164 -2.87 21.29 55.08
C SER B 164 -2.36 22.37 54.15
N GLY B 165 -2.27 22.05 52.86
CA GLY B 165 -1.81 23.04 51.89
C GLY B 165 -0.45 22.85 51.24
N GLY B 166 0.16 21.68 51.37
CA GLY B 166 1.41 21.41 50.65
C GLY B 166 1.03 20.98 49.26
N HIS B 167 1.95 21.12 48.30
CA HIS B 167 1.66 20.72 46.92
C HIS B 167 1.96 19.28 46.76
N LEU B 168 1.43 18.70 45.68
CA LEU B 168 1.69 17.30 45.38
C LEU B 168 3.19 17.07 45.27
N THR B 169 3.91 18.06 44.77
CA THR B 169 5.32 17.88 44.52
C THR B 169 6.13 18.09 45.77
N HIS B 170 5.46 18.22 46.90
CA HIS B 170 6.19 18.44 48.15
C HIS B 170 6.43 17.17 48.91
N GLY B 171 6.21 16.04 48.25
CA GLY B 171 6.52 14.76 48.79
C GLY B 171 5.29 13.96 49.11
N PHE B 172 4.17 14.32 48.52
CA PHE B 172 2.91 13.81 49.03
C PHE B 172 2.66 12.35 48.63
N PHE B 173 2.40 11.53 49.63
CA PHE B 173 1.93 10.18 49.43
C PHE B 173 0.71 9.88 50.27
N ASP B 174 -0.16 9.06 49.71
CA ASP B 174 -1.28 8.45 50.42
C ASP B 174 -0.74 7.19 51.11
N GLU B 175 -1.59 6.39 51.71
CA GLU B 175 -1.11 5.10 52.18
C GLU B 175 -1.54 3.96 51.29
N LYS B 176 -2.48 4.24 50.39
CA LYS B 176 -2.69 3.36 49.26
C LYS B 176 -1.46 3.47 48.33
N LYS B 177 -1.18 4.67 47.82
CA LYS B 177 -0.16 4.83 46.80
C LYS B 177 0.90 5.86 47.11
N LYS B 178 1.99 5.83 46.35
CA LYS B 178 2.92 6.94 46.36
C LYS B 178 2.38 7.88 45.31
N VAL B 179 1.50 8.80 45.70
CA VAL B 179 0.76 9.59 44.73
C VAL B 179 1.68 10.42 43.84
N SER B 180 2.61 11.15 44.42
CA SER B 180 3.51 11.94 43.64
C SER B 180 4.86 11.26 43.49
N ILE B 181 5.44 11.41 42.31
CA ILE B 181 6.73 10.84 42.07
C ILE B 181 7.71 11.32 43.17
N THR B 182 7.41 12.48 43.72
CA THR B 182 8.28 13.06 44.75
C THR B 182 8.32 12.19 46.01
N SER B 183 7.24 11.46 46.24
CA SER B 183 7.23 10.46 47.30
C SER B 183 7.89 9.13 46.96
N ASP B 184 8.01 8.81 45.67
CA ASP B 184 8.65 7.56 45.22
C ASP B 184 10.14 7.72 44.93
N LEU B 185 10.49 8.74 44.17
CA LEU B 185 11.87 8.96 43.81
C LEU B 185 12.65 9.44 45.04
N PHE B 186 11.97 10.16 45.95
CA PHE B 186 12.60 10.57 47.21
C PHE B 186 11.91 9.89 48.37
N GLU B 187 12.56 9.90 49.52
CA GLU B 187 11.93 9.43 50.74
C GLU B 187 11.33 10.67 51.33
N SER B 188 10.02 10.66 51.57
CA SER B 188 9.41 11.88 52.08
C SER B 188 8.67 11.69 53.40
N LYS B 189 8.67 12.75 54.21
CA LYS B 189 7.86 12.81 55.42
C LYS B 189 7.01 14.08 55.31
N LEU B 190 5.70 13.95 55.58
CA LEU B 190 4.82 15.11 55.57
C LEU B 190 4.63 15.69 56.98
N TYR B 191 4.79 17.00 57.13
CA TYR B 191 4.39 17.69 58.36
C TYR B 191 3.01 18.27 58.27
N LYS B 192 2.44 18.69 59.39
CA LYS B 192 1.07 19.21 59.30
C LYS B 192 0.84 20.58 59.90
N CYS B 193 -0.39 21.07 59.82
CA CYS B 193 -0.74 22.29 60.54
C CYS B 193 -1.58 21.91 61.75
N ASN B 194 -1.65 22.82 62.71
CA ASN B 194 -2.44 22.57 63.90
C ASN B 194 -3.96 22.79 63.67
N SER B 195 -4.76 22.50 64.68
CA SER B 195 -6.22 22.64 64.58
C SER B 195 -6.69 24.04 64.19
N GLU B 196 -5.88 25.08 64.44
CA GLU B 196 -6.22 26.43 64.00
C GLU B 196 -5.88 26.70 62.53
N GLY B 197 -5.04 25.84 61.96
CA GLY B 197 -4.65 25.94 60.56
C GLY B 197 -3.28 26.50 60.32
N TYR B 198 -2.58 26.86 61.39
CA TYR B 198 -1.27 27.41 61.27
C TYR B 198 -0.25 26.30 61.12
N VAL B 199 0.87 26.61 60.50
CA VAL B 199 1.95 25.66 60.40
C VAL B 199 2.41 25.42 61.82
N ASP B 200 2.63 24.16 62.16
CA ASP B 200 3.12 23.81 63.47
C ASP B 200 4.64 23.82 63.45
N MET B 201 5.22 24.94 63.86
CA MET B 201 6.68 25.08 63.86
C MET B 201 7.39 24.05 64.75
N GLU B 202 6.80 23.74 65.89
CA GLU B 202 7.41 22.75 66.74
C GLU B 202 7.31 21.39 66.09
N SER B 203 6.16 21.07 65.50
CA SER B 203 6.01 19.77 64.82
C SER B 203 6.91 19.64 63.60
N VAL B 204 7.18 20.77 62.95
CA VAL B 204 8.12 20.83 61.85
C VAL B 204 9.46 20.39 62.39
N ARG B 205 9.82 20.96 63.55
CA ARG B 205 11.12 20.76 64.18
C ARG B 205 11.33 19.41 64.90
N ASN B 206 10.26 18.80 65.38
CA ASN B 206 10.41 17.44 65.90
C ASN B 206 10.71 16.48 64.78
N LEU B 207 9.79 16.41 63.83
CA LEU B 207 9.94 15.56 62.67
C LEU B 207 11.32 15.76 62.03
N ALA B 208 11.79 17.00 61.92
CA ALA B 208 13.10 17.31 61.32
C ALA B 208 14.30 16.66 62.03
N LEU B 209 14.20 16.55 63.37
CA LEU B 209 15.26 15.99 64.19
C LEU B 209 15.21 14.46 64.17
N SER B 210 14.01 13.93 64.04
CA SER B 210 13.79 12.51 63.96
C SER B 210 14.13 11.96 62.57
N PHE B 211 13.70 12.67 61.53
CA PHE B 211 13.82 12.22 60.14
C PHE B 211 15.19 12.45 59.48
N GLN B 212 15.87 13.55 59.84
CA GLN B 212 17.19 13.87 59.28
C GLN B 212 17.14 14.13 57.76
N PRO B 213 16.14 14.88 57.28
CA PRO B 213 15.98 15.21 55.87
C PRO B 213 17.07 16.16 55.37
N LYS B 214 17.33 16.18 54.06
CA LYS B 214 18.32 17.11 53.47
C LYS B 214 17.67 18.36 52.92
N VAL B 215 16.37 18.29 52.68
CA VAL B 215 15.64 19.45 52.19
C VAL B 215 14.34 19.63 52.96
N ILE B 216 14.08 20.85 53.42
CA ILE B 216 12.79 21.18 54.03
C ILE B 216 12.03 22.16 53.13
N ILE B 217 10.82 21.77 52.73
CA ILE B 217 10.02 22.57 51.83
C ILE B 217 8.98 23.35 52.60
N CYS B 218 8.85 24.62 52.25
CA CYS B 218 7.80 25.47 52.81
C CYS B 218 7.39 26.35 51.67
N GLY B 219 6.18 26.89 51.74
CA GLY B 219 5.59 27.57 50.58
C GLY B 219 4.47 26.64 50.15
N TYR B 220 3.25 27.16 49.99
CA TYR B 220 2.12 26.25 49.94
C TYR B 220 0.98 26.68 49.07
N THR B 221 0.03 25.78 48.91
CA THR B 221 -1.03 25.92 47.96
C THR B 221 -2.24 26.65 48.51
N SER B 222 -2.63 26.36 49.73
CA SER B 222 -3.90 26.88 50.22
C SER B 222 -3.75 27.36 51.66
N TYR B 223 -2.63 27.99 51.95
CA TYR B 223 -2.30 28.47 53.27
C TYR B 223 -2.52 29.97 53.27
N PRO B 224 -3.31 30.48 54.22
CA PRO B 224 -3.72 31.88 54.17
C PRO B 224 -2.78 32.85 54.91
N ARG B 225 -1.75 32.35 55.54
CA ARG B 225 -0.83 33.26 56.25
C ARG B 225 0.58 33.31 55.67
N ASP B 226 1.45 34.06 56.33
CA ASP B 226 2.82 34.27 55.87
C ASP B 226 3.63 33.17 56.51
N ILE B 227 4.84 32.95 56.02
CA ILE B 227 5.63 31.83 56.50
C ILE B 227 6.81 32.32 57.30
N ASP B 228 7.14 31.60 58.37
CA ASP B 228 8.27 31.95 59.19
C ASP B 228 9.50 31.35 58.56
N TYR B 229 10.03 31.97 57.51
CA TYR B 229 11.22 31.41 56.90
C TYR B 229 12.33 31.37 57.91
N LYS B 230 12.56 32.46 58.62
CA LYS B 230 13.58 32.49 59.67
C LYS B 230 13.47 31.29 60.61
N GLY B 231 12.25 30.90 60.96
CA GLY B 231 12.07 29.73 61.80
C GLY B 231 12.60 28.48 61.12
N PHE B 232 12.24 28.33 59.86
CA PHE B 232 12.69 27.21 59.05
C PHE B 232 14.23 27.22 58.85
N ARG B 233 14.81 28.38 58.58
CA ARG B 233 16.26 28.45 58.45
C ARG B 233 16.97 27.92 59.68
N GLU B 234 16.34 28.11 60.84
CA GLU B 234 16.90 27.64 62.10
C GLU B 234 16.74 26.16 62.19
N ILE B 235 15.54 25.69 61.95
CA ILE B 235 15.25 24.27 62.03
C ILE B 235 16.01 23.50 60.97
N CYS B 236 16.56 24.21 59.99
CA CYS B 236 17.30 23.59 58.90
C CYS B 236 18.76 23.35 59.28
N ASP B 237 19.40 24.40 59.80
CA ASP B 237 20.78 24.34 60.23
C ASP B 237 20.97 23.23 61.25
N GLU B 238 20.05 23.20 62.19
CA GLU B 238 20.14 22.32 63.30
C GLU B 238 20.14 20.89 62.79
N VAL B 239 19.82 20.71 61.51
CA VAL B 239 19.84 19.39 60.88
C VAL B 239 20.56 19.36 59.52
N ASN B 240 21.25 20.46 59.21
CA ASN B 240 22.02 20.63 57.97
C ASN B 240 21.22 20.19 56.76
N ALA B 241 20.04 20.80 56.60
CA ALA B 241 19.10 20.52 55.52
C ALA B 241 19.03 21.78 54.70
N TYR B 242 18.48 21.67 53.49
CA TYR B 242 18.32 22.82 52.62
C TYR B 242 16.91 23.33 52.86
N LEU B 243 16.80 24.65 52.96
CA LEU B 243 15.54 25.34 53.09
C LEU B 243 15.08 25.65 51.68
N PHE B 244 13.91 25.10 51.36
CA PHE B 244 13.33 25.13 50.04
C PHE B 244 11.98 25.88 50.09
N ALA B 245 11.91 26.99 49.39
CA ALA B 245 10.73 27.82 49.41
C ALA B 245 10.05 27.81 48.04
N ASP B 246 8.80 27.33 48.02
CA ASP B 246 7.99 27.30 46.81
C ASP B 246 6.97 28.43 46.89
N ILE B 247 7.23 29.52 46.20
CA ILE B 247 6.43 30.70 46.45
C ILE B 247 5.38 30.93 45.39
N SER B 248 5.01 29.86 44.69
CA SER B 248 4.05 29.91 43.56
C SER B 248 2.78 30.71 43.80
N HIS B 249 2.12 30.49 44.92
CA HIS B 249 0.86 31.16 45.13
C HIS B 249 1.01 32.62 45.45
N ILE B 250 2.11 32.93 46.14
CA ILE B 250 2.37 34.25 46.74
C ILE B 250 3.52 35.05 46.08
N SER B 251 4.02 34.53 44.94
CA SER B 251 5.24 35.05 44.35
C SER B 251 5.20 36.56 44.27
N SER B 252 4.16 37.11 43.63
CA SER B 252 4.06 38.54 43.42
C SER B 252 4.25 39.42 44.68
N PHE B 253 3.74 38.95 45.82
CA PHE B 253 3.90 39.65 47.09
C PHE B 253 5.39 39.77 47.47
N VAL B 254 6.09 38.64 47.48
CA VAL B 254 7.47 38.59 47.84
C VAL B 254 8.23 39.63 47.01
N ALA B 255 8.03 39.56 45.70
CA ALA B 255 8.67 40.48 44.80
C ALA B 255 8.47 41.91 45.28
N CYS B 256 7.23 42.26 45.64
CA CYS B 256 6.85 43.63 45.99
C CYS B 256 6.97 43.90 47.49
N ASN B 257 7.59 42.96 48.21
CA ASN B 257 7.83 43.12 49.62
C ASN B 257 6.58 43.27 50.45
N LEU B 258 5.47 42.69 50.01
CA LEU B 258 4.27 42.74 50.81
C LEU B 258 4.20 41.51 51.70
N LEU B 259 5.12 40.58 51.50
CA LEU B 259 5.19 39.41 52.37
C LEU B 259 6.63 39.09 52.78
N ASN B 260 6.80 38.27 53.80
CA ASN B 260 8.14 37.82 54.21
C ASN B 260 8.83 37.30 53.00
N ASN B 261 10.10 37.71 52.87
CA ASN B 261 10.96 37.35 51.77
C ASN B 261 11.80 36.10 52.03
N PRO B 262 11.53 35.00 51.29
CA PRO B 262 12.29 33.78 51.48
C PRO B 262 13.70 33.94 51.01
N PHE B 263 13.96 34.95 50.19
CA PHE B 263 15.27 35.08 49.62
C PHE B 263 16.34 35.26 50.67
N THR B 264 16.00 35.96 51.75
CA THR B 264 17.01 36.21 52.75
C THR B 264 17.44 34.95 53.46
N TYR B 265 16.57 33.95 53.56
CA TYR B 265 16.92 32.71 54.29
C TYR B 265 17.00 31.37 53.55
N ALA B 266 16.71 31.30 52.25
CA ALA B 266 16.57 29.95 51.66
C ALA B 266 17.68 29.49 50.71
N ASP B 267 17.78 28.19 50.49
CA ASP B 267 18.83 27.68 49.59
C ASP B 267 18.34 27.60 48.14
N VAL B 268 17.11 27.14 47.97
CA VAL B 268 16.48 27.22 46.68
C VAL B 268 15.15 27.89 46.86
N VAL B 269 14.81 28.77 45.90
CA VAL B 269 13.44 29.25 45.73
C VAL B 269 12.86 28.88 44.35
N THR B 270 11.72 28.21 44.36
CA THR B 270 11.01 27.92 43.12
C THR B 270 9.72 28.75 43.00
N THR B 271 9.33 29.09 41.79
CA THR B 271 8.02 29.66 41.60
C THR B 271 7.49 29.39 40.21
N THR B 272 6.22 29.54 40.03
CA THR B 272 5.61 29.33 38.78
C THR B 272 5.41 30.74 38.29
N THR B 273 5.63 30.96 37.02
CA THR B 273 5.53 32.28 36.52
C THR B 273 4.09 32.59 36.21
N HIS B 274 3.20 31.61 36.27
CA HIS B 274 1.77 31.91 36.17
C HIS B 274 1.19 32.09 37.52
N LYS B 275 -0.12 31.94 37.66
CA LYS B 275 -0.77 32.25 38.95
C LYS B 275 -0.65 33.74 39.30
N ILE B 276 -0.39 34.05 40.56
CA ILE B 276 -0.44 35.45 40.99
C ILE B 276 0.56 36.37 40.29
N LEU B 277 1.66 35.80 39.79
CA LEU B 277 2.71 36.53 39.11
C LEU B 277 2.28 36.86 37.69
N ARG B 278 1.20 36.20 37.28
CA ARG B 278 0.46 36.54 36.09
C ARG B 278 1.21 36.39 34.77
N GLY B 279 2.29 35.60 34.75
CA GLY B 279 3.04 35.33 33.52
C GLY B 279 2.47 34.12 32.79
N PRO B 280 3.24 33.51 31.88
CA PRO B 280 2.74 32.36 31.17
C PRO B 280 2.92 31.11 32.02
N ARG B 281 2.67 29.94 31.46
CA ARG B 281 2.86 28.71 32.23
C ARG B 281 4.26 28.22 32.09
N SER B 282 5.09 28.51 33.08
CA SER B 282 6.46 28.04 33.09
C SER B 282 6.84 28.08 34.55
N ALA B 283 8.09 27.78 34.86
CA ALA B 283 8.60 27.96 36.21
C ALA B 283 9.99 28.60 36.24
N LEU B 284 10.47 28.85 37.46
CA LEU B 284 11.81 29.37 37.76
C LEU B 284 12.36 28.61 38.98
N ILE B 285 13.63 28.17 38.90
CA ILE B 285 14.41 27.78 40.08
C ILE B 285 15.46 28.88 40.38
N PHE B 286 15.51 29.35 41.64
CA PHE B 286 16.47 30.35 42.10
C PHE B 286 17.36 29.68 43.14
N PHE B 287 18.68 29.85 43.03
CA PHE B 287 19.61 29.16 43.93
C PHE B 287 20.67 30.03 44.60
N ASN B 288 20.88 29.84 45.90
CA ASN B 288 21.84 30.70 46.57
C ASN B 288 23.25 30.13 46.49
N LYS B 289 24.08 30.76 45.67
CA LYS B 289 25.41 30.26 45.40
C LYS B 289 26.22 30.44 46.66
N LYS B 290 26.18 31.65 47.21
CA LYS B 290 26.98 31.93 48.39
C LYS B 290 26.68 30.94 49.52
N ARG B 291 25.41 30.68 49.80
CA ARG B 291 25.12 29.69 50.82
C ARG B 291 25.73 28.35 50.42
N ASN B 292 25.66 28.01 49.13
CA ASN B 292 26.23 26.74 48.65
C ASN B 292 26.93 26.83 47.30
N PRO B 293 28.27 26.88 47.31
CA PRO B 293 28.98 27.05 46.04
C PRO B 293 28.93 25.79 45.19
N GLY B 294 28.78 25.98 43.88
CA GLY B 294 28.74 24.87 42.95
C GLY B 294 27.34 24.30 42.84
N ILE B 295 26.40 24.96 43.50
CA ILE B 295 25.01 24.56 43.42
C ILE B 295 24.51 24.73 41.99
N ASP B 296 25.07 25.73 41.32
CA ASP B 296 24.67 26.07 39.98
C ASP B 296 24.76 24.87 39.02
N GLN B 297 25.82 24.08 39.11
CA GLN B 297 25.95 22.92 38.24
C GLN B 297 24.86 21.91 38.54
N LYS B 298 24.47 21.78 39.80
CA LYS B 298 23.58 20.69 40.20
C LYS B 298 22.18 20.98 39.71
N ILE B 299 21.76 22.24 39.87
CA ILE B 299 20.45 22.64 39.41
C ILE B 299 20.42 22.59 37.90
N ASN B 300 21.30 23.38 37.24
CA ASN B 300 21.36 23.42 35.78
C ASN B 300 21.53 22.09 35.06
N SER B 301 22.13 21.10 35.71
CA SER B 301 22.24 19.74 35.13
C SER B 301 21.01 18.93 35.39
N SER B 302 20.27 19.30 36.44
CA SER B 302 19.11 18.55 36.79
C SER B 302 18.07 18.86 35.73
N VAL B 303 17.89 20.16 35.44
CA VAL B 303 16.95 20.59 34.40
C VAL B 303 17.29 19.97 33.06
N PHE B 304 18.53 20.15 32.63
CA PHE B 304 19.05 19.44 31.48
C PHE B 304 20.45 18.97 31.84
N PRO B 305 20.81 17.74 31.42
CA PRO B 305 20.06 16.80 30.64
C PRO B 305 19.39 15.74 31.47
N SER B 306 19.45 15.88 32.78
CA SER B 306 18.81 14.88 33.66
C SER B 306 17.33 14.73 33.37
N PHE B 307 16.62 15.84 33.20
CA PHE B 307 15.17 15.76 33.06
C PHE B 307 14.58 16.20 31.74
N GLN B 308 14.98 17.36 31.25
CA GLN B 308 14.39 17.93 30.05
C GLN B 308 15.28 17.81 28.82
N GLY B 309 14.85 18.43 27.73
CA GLY B 309 15.52 18.43 26.47
C GLY B 309 15.40 19.87 26.06
N GLY B 310 15.00 20.05 24.81
CA GLY B 310 14.95 21.38 24.24
C GLY B 310 14.02 22.28 25.01
N PRO B 311 14.51 23.45 25.36
CA PRO B 311 13.61 24.35 26.07
C PRO B 311 12.52 24.91 25.15
N HIS B 312 11.49 25.48 25.76
CA HIS B 312 10.37 26.09 25.03
C HIS B 312 10.62 27.58 24.99
N ASN B 313 11.24 28.03 23.92
CA ASN B 313 11.74 29.39 23.86
C ASN B 313 10.66 30.46 23.82
N ASN B 314 9.46 30.11 23.35
CA ASN B 314 8.33 31.00 23.53
C ASN B 314 8.08 31.24 25.01
N LYS B 315 8.21 30.20 25.80
CA LYS B 315 7.85 30.34 27.19
C LYS B 315 8.87 31.24 27.85
N ILE B 316 10.16 31.03 27.55
CA ILE B 316 11.25 31.80 28.16
C ILE B 316 11.06 33.26 27.79
N ALA B 317 10.69 33.51 26.54
CA ALA B 317 10.38 34.86 26.08
C ALA B 317 9.29 35.48 26.92
N ALA B 318 8.18 34.79 27.05
CA ALA B 318 7.01 35.33 27.72
C ALA B 318 7.23 35.45 29.22
N VAL B 319 8.12 34.63 29.76
CA VAL B 319 8.49 34.84 31.14
C VAL B 319 9.28 36.14 31.25
N ALA B 320 10.22 36.31 30.31
CA ALA B 320 11.09 37.48 30.26
C ALA B 320 10.21 38.72 30.10
N CYS B 321 9.21 38.61 29.25
CA CYS B 321 8.24 39.69 29.05
C CYS B 321 7.52 40.12 30.32
N GLN B 322 7.08 39.13 31.10
CA GLN B 322 6.26 39.36 32.29
C GLN B 322 7.07 39.75 33.52
N LEU B 323 8.32 39.31 33.58
CA LEU B 323 9.19 39.74 34.68
C LEU B 323 9.56 41.21 34.52
N LYS B 324 9.47 41.76 33.31
CA LYS B 324 9.62 43.20 33.19
C LYS B 324 8.42 43.91 33.81
N GLU B 325 7.17 43.45 33.55
CA GLU B 325 5.98 44.08 34.15
C GLU B 325 6.02 44.00 35.69
N VAL B 326 6.52 42.90 36.24
CA VAL B 326 6.52 42.72 37.69
C VAL B 326 7.29 43.83 38.36
N ASN B 327 8.33 44.32 37.68
CA ASN B 327 9.18 45.36 38.22
C ASN B 327 8.72 46.78 37.82
N THR B 328 7.44 47.06 37.96
CA THR B 328 6.89 48.38 37.68
C THR B 328 5.98 48.79 38.83
N PRO B 329 5.81 50.12 39.05
CA PRO B 329 4.83 50.65 40.00
C PRO B 329 3.43 50.09 39.79
N GLU B 330 3.08 49.89 38.52
CA GLU B 330 1.74 49.48 38.13
C GLU B 330 1.46 48.10 38.68
N PHE B 331 2.47 47.24 38.62
CA PHE B 331 2.33 45.88 39.10
C PHE B 331 2.49 45.77 40.60
N LYS B 332 3.11 46.78 41.22
CA LYS B 332 3.20 46.78 42.68
C LYS B 332 1.83 47.24 43.15
N GLU B 333 1.28 48.17 42.39
CA GLU B 333 -0.03 48.73 42.63
C GLU B 333 -1.03 47.64 42.47
N TYR B 334 -0.78 46.74 41.54
CA TYR B 334 -1.61 45.56 41.38
C TYR B 334 -1.58 44.61 42.59
N THR B 335 -0.40 44.12 42.93
CA THR B 335 -0.25 43.22 44.05
C THR B 335 -0.94 43.79 45.28
N LYS B 336 -0.81 45.10 45.49
CA LYS B 336 -1.47 45.79 46.62
C LYS B 336 -2.96 45.54 46.62
N GLN B 337 -3.57 45.73 45.45
CA GLN B 337 -5.00 45.55 45.32
C GLN B 337 -5.39 44.11 45.59
N VAL B 338 -4.59 43.16 45.10
CA VAL B 338 -4.92 41.75 45.27
C VAL B 338 -5.07 41.53 46.75
N LEU B 339 -4.14 42.07 47.50
CA LEU B 339 -4.12 41.91 48.91
C LEU B 339 -5.26 42.66 49.58
N LEU B 340 -5.54 43.86 49.09
CA LEU B 340 -6.48 44.71 49.80
C LEU B 340 -7.86 44.15 49.57
N ASN B 341 -8.08 43.59 48.38
CA ASN B 341 -9.33 42.97 48.04
C ASN B 341 -9.53 41.69 48.90
N SER B 342 -8.45 40.92 49.07
CA SER B 342 -8.52 39.69 49.84
C SER B 342 -9.00 39.92 51.28
N LYS B 343 -8.28 40.81 51.98
CA LYS B 343 -8.59 41.24 53.35
C LYS B 343 -9.98 41.88 53.42
N ALA B 344 -10.33 42.71 52.45
CA ALA B 344 -11.67 43.26 52.35
C ALA B 344 -12.75 42.17 52.34
N LEU B 345 -12.48 41.11 51.58
CA LEU B 345 -13.44 40.04 51.35
C LEU B 345 -13.54 39.22 52.61
N ALA B 346 -12.40 39.05 53.30
CA ALA B 346 -12.36 38.33 54.59
C ALA B 346 -13.14 39.09 55.64
N GLU B 347 -13.21 40.42 55.50
CA GLU B 347 -13.91 41.21 56.46
C GLU B 347 -15.39 41.01 56.24
N CYS B 348 -15.86 41.23 55.01
CA CYS B 348 -17.27 40.98 54.67
C CYS B 348 -17.72 39.59 55.07
N LEU B 349 -16.93 38.58 54.73
CA LEU B 349 -17.28 37.22 55.07
C LEU B 349 -17.37 37.03 56.57
N LEU B 350 -16.52 37.75 57.31
CA LEU B 350 -16.47 37.61 58.77
C LEU B 350 -17.63 38.32 59.42
N LYS B 351 -18.08 39.40 58.79
CA LYS B 351 -19.19 40.13 59.33
C LYS B 351 -20.43 39.30 59.15
N ARG B 352 -20.55 38.64 58.00
CA ARG B 352 -21.66 37.75 57.69
C ARG B 352 -21.53 36.47 58.46
N ASN B 353 -20.56 36.43 59.35
CA ASN B 353 -20.43 35.35 60.31
C ASN B 353 -20.00 33.98 59.81
N LEU B 354 -19.40 33.94 58.61
CA LEU B 354 -18.71 32.74 58.10
C LEU B 354 -17.50 32.50 58.99
N ASP B 355 -17.04 31.26 59.07
CA ASP B 355 -15.86 30.88 59.84
C ASP B 355 -14.74 30.67 58.86
N LEU B 356 -13.56 31.16 59.19
CA LEU B 356 -12.39 30.98 58.30
C LEU B 356 -11.22 30.37 59.03
N VAL B 357 -10.50 29.48 58.37
CA VAL B 357 -9.24 28.99 58.93
C VAL B 357 -8.27 30.13 59.20
N THR B 358 -7.85 30.21 60.45
CA THR B 358 -6.91 31.24 60.87
C THR B 358 -7.63 32.54 61.09
N ASN B 359 -8.94 32.56 60.83
CA ASN B 359 -9.79 33.73 61.03
C ASN B 359 -9.31 34.92 60.29
N GLY B 360 -8.99 34.74 59.02
CA GLY B 360 -8.50 35.84 58.21
C GLY B 360 -7.47 35.37 57.20
N THR B 361 -6.86 36.33 56.51
CA THR B 361 -5.87 36.00 55.50
C THR B 361 -4.80 37.04 55.51
N ASP B 362 -3.57 36.63 55.24
CA ASP B 362 -2.49 37.59 55.13
C ASP B 362 -2.16 37.80 53.69
N ASN B 363 -2.94 37.18 52.82
CA ASN B 363 -2.59 37.19 51.40
C ASN B 363 -3.84 37.20 50.52
N HIS B 364 -3.73 36.56 49.36
CA HIS B 364 -4.73 36.55 48.32
C HIS B 364 -5.76 35.46 48.52
N LEU B 365 -5.60 34.69 49.58
CA LEU B 365 -6.39 33.46 49.72
C LEU B 365 -7.22 33.43 51.01
N ILE B 366 -8.35 32.76 50.94
CA ILE B 366 -9.22 32.59 52.09
C ILE B 366 -9.78 31.19 52.03
N VAL B 367 -9.79 30.49 53.16
CA VAL B 367 -10.44 29.18 53.23
C VAL B 367 -11.59 29.31 54.21
N VAL B 368 -12.81 29.02 53.76
CA VAL B 368 -13.95 29.04 54.66
C VAL B 368 -14.20 27.66 55.24
N ASP B 369 -14.30 27.58 56.57
CA ASP B 369 -14.81 26.38 57.21
C ASP B 369 -16.33 26.31 57.05
N LEU B 370 -16.82 25.31 56.31
CA LEU B 370 -18.29 25.20 56.01
C LEU B 370 -19.18 24.41 57.05
N ARG B 371 -18.53 23.84 58.06
CA ARG B 371 -19.20 22.94 59.02
C ARG B 371 -20.42 23.57 59.66
N LYS B 372 -20.29 24.87 59.88
CA LYS B 372 -21.31 25.67 60.51
C LYS B 372 -22.61 25.37 59.83
N TYR B 373 -22.55 25.14 58.51
CA TYR B 373 -23.75 24.90 57.71
C TYR B 373 -23.99 23.45 57.38
N ASN B 374 -23.18 22.55 57.93
CA ASN B 374 -23.38 21.11 57.71
C ASN B 374 -23.49 20.84 56.21
N ILE B 375 -22.50 21.37 55.50
CA ILE B 375 -22.44 21.37 54.04
C ILE B 375 -21.04 20.90 53.63
N THR B 376 -20.90 20.34 52.43
CA THR B 376 -19.57 19.94 51.93
C THR B 376 -19.02 20.93 50.90
N GLY B 377 -17.69 20.96 50.80
CA GLY B 377 -17.03 21.78 49.82
C GLY B 377 -17.47 21.40 48.42
N SER B 378 -17.61 20.09 48.19
CA SER B 378 -18.06 19.62 46.88
C SER B 378 -19.37 20.26 46.52
N LYS B 379 -20.32 20.18 47.45
CA LYS B 379 -21.66 20.61 47.09
C LYS B 379 -21.70 22.10 46.69
N LEU B 380 -20.99 22.92 47.48
CA LEU B 380 -20.94 24.35 47.25
C LEU B 380 -20.19 24.65 45.95
N GLN B 381 -19.08 23.92 45.74
CA GLN B 381 -18.41 23.99 44.44
C GLN B 381 -19.36 23.85 43.26
N GLU B 382 -20.22 22.83 43.35
CA GLU B 382 -21.21 22.52 42.35
C GLU B 382 -22.25 23.61 42.20
N THR B 383 -22.78 24.04 43.35
CA THR B 383 -23.76 25.10 43.36
C THR B 383 -23.18 26.32 42.69
N CYS B 384 -21.94 26.67 43.04
CA CYS B 384 -21.32 27.87 42.52
C CYS B 384 -21.04 27.75 41.01
N ASN B 385 -20.66 26.55 40.51
CA ASN B 385 -20.41 26.43 39.06
C ASN B 385 -21.67 26.70 38.32
N ALA B 386 -22.76 26.19 38.90
CA ALA B 386 -24.05 26.23 38.27
C ALA B 386 -24.49 27.69 38.09
N ILE B 387 -23.94 28.56 38.93
CA ILE B 387 -24.30 29.96 38.91
C ILE B 387 -23.11 30.82 38.44
N ASN B 388 -22.18 30.19 37.72
CA ASN B 388 -20.98 30.86 37.14
C ASN B 388 -19.98 31.44 38.14
N ILE B 389 -19.80 30.76 39.25
CA ILE B 389 -18.83 31.18 40.19
C ILE B 389 -17.89 30.02 40.38
N ALA B 390 -16.60 30.32 40.24
CA ALA B 390 -15.55 29.31 40.23
C ALA B 390 -14.79 29.40 41.49
N LEU B 391 -14.52 28.28 42.12
CA LEU B 391 -13.89 28.34 43.39
C LEU B 391 -13.66 26.89 43.63
N ASN B 392 -12.94 26.46 44.64
CA ASN B 392 -12.78 25.02 44.75
C ASN B 392 -12.79 24.47 46.14
N LYS B 393 -13.26 23.25 46.31
CA LYS B 393 -13.30 22.70 47.64
C LYS B 393 -11.93 22.52 48.19
N ASN B 394 -11.77 22.72 49.48
CA ASN B 394 -10.47 22.68 50.12
C ASN B 394 -10.68 22.03 51.47
N THR B 395 -9.74 21.19 51.89
CA THR B 395 -9.90 20.51 53.17
C THR B 395 -9.66 21.46 54.33
N ILE B 396 -10.11 21.07 55.52
CA ILE B 396 -9.88 21.89 56.76
C ILE B 396 -9.26 21.04 57.85
N PRO B 397 -8.59 21.68 58.83
CA PRO B 397 -7.77 20.84 59.73
C PRO B 397 -8.51 19.66 60.35
N SER B 398 -9.81 19.79 60.57
CA SER B 398 -10.64 18.69 61.08
C SER B 398 -10.65 17.49 60.14
N ASP B 399 -10.64 17.73 58.83
CA ASP B 399 -10.70 16.66 57.83
C ASP B 399 -9.48 15.74 57.75
N VAL B 400 -9.75 14.46 57.46
CA VAL B 400 -8.68 13.47 57.26
C VAL B 400 -8.53 13.03 55.78
N ASP B 401 -9.40 13.50 54.89
CA ASP B 401 -9.45 12.97 53.53
C ASP B 401 -9.49 14.02 52.45
N CYS B 402 -9.15 13.63 51.23
CA CYS B 402 -9.28 14.54 50.09
C CYS B 402 -10.69 14.47 49.51
N VAL B 403 -11.51 13.60 50.09
CA VAL B 403 -12.86 13.42 49.60
C VAL B 403 -13.84 13.86 50.66
N SER B 404 -14.88 14.55 50.23
CA SER B 404 -15.84 15.15 51.14
C SER B 404 -15.15 16.12 52.13
N PRO B 405 -14.28 16.98 51.59
CA PRO B 405 -13.65 17.99 52.40
C PRO B 405 -14.68 19.00 52.90
N SER B 406 -14.42 19.62 54.05
CA SER B 406 -15.43 20.45 54.69
C SER B 406 -15.41 21.93 54.33
N GLY B 407 -14.51 22.34 53.44
CA GLY B 407 -14.36 23.76 53.17
C GLY B 407 -14.15 24.11 51.72
N ILE B 408 -13.89 25.39 51.47
CA ILE B 408 -13.61 25.90 50.12
C ILE B 408 -12.50 26.96 50.16
N ARG B 409 -11.94 27.26 49.00
CA ARG B 409 -10.80 28.16 48.88
C ARG B 409 -11.19 29.22 47.88
N ILE B 410 -10.85 30.46 48.18
CA ILE B 410 -11.11 31.54 47.24
C ILE B 410 -9.91 32.48 47.29
N GLY B 411 -9.67 33.14 46.15
CA GLY B 411 -8.56 34.05 46.00
C GLY B 411 -8.98 35.16 45.07
N THR B 412 -8.30 36.30 45.19
CA THR B 412 -8.64 37.53 44.49
C THR B 412 -7.71 38.00 43.34
N PRO B 413 -6.59 37.29 43.04
CA PRO B 413 -5.79 37.70 41.89
C PRO B 413 -6.57 37.99 40.60
N ALA B 414 -7.43 37.09 40.15
CA ALA B 414 -8.09 37.36 38.87
C ALA B 414 -9.09 38.52 38.88
N LEU B 415 -9.94 38.59 39.92
CA LEU B 415 -10.90 39.70 39.97
C LEU B 415 -10.18 41.02 40.05
N THR B 416 -9.06 41.03 40.78
CA THR B 416 -8.22 42.21 40.87
C THR B 416 -7.76 42.68 39.50
N THR B 417 -7.28 41.75 38.70
CA THR B 417 -6.83 42.05 37.34
C THR B 417 -7.99 42.68 36.57
N ARG B 418 -9.19 42.19 36.85
CA ARG B 418 -10.34 42.60 36.09
C ARG B 418 -10.92 43.88 36.63
N GLY B 419 -10.19 44.50 37.55
CA GLY B 419 -10.54 45.85 38.00
C GLY B 419 -11.55 45.88 39.11
N CYS B 420 -11.56 44.85 39.95
CA CYS B 420 -12.35 44.86 41.14
C CYS B 420 -11.56 45.53 42.25
N LYS B 421 -12.30 46.24 43.10
CA LYS B 421 -11.75 46.96 44.24
C LYS B 421 -12.40 46.45 45.52
N GLU B 422 -11.94 46.94 46.67
CA GLU B 422 -12.54 46.60 47.97
C GLU B 422 -14.07 46.73 48.01
N LYS B 423 -14.63 47.76 47.40
CA LYS B 423 -16.09 47.88 47.47
C LYS B 423 -16.82 46.65 46.86
N ASP B 424 -16.15 45.85 46.03
CA ASP B 424 -16.85 44.80 45.30
C ASP B 424 -16.83 43.53 46.08
N MET B 425 -16.00 43.46 47.08
CA MET B 425 -15.99 42.23 47.84
C MET B 425 -17.31 42.01 48.57
N GLU B 426 -18.06 43.09 48.78
CA GLU B 426 -19.36 42.98 49.41
C GLU B 426 -20.33 42.23 48.49
N PHE B 427 -20.37 42.58 47.20
CA PHE B 427 -21.18 41.78 46.31
C PHE B 427 -20.77 40.31 46.42
N ILE B 428 -19.47 40.01 46.22
CA ILE B 428 -19.00 38.62 46.25
C ILE B 428 -19.48 37.86 47.50
N ALA B 429 -19.39 38.53 48.65
CA ALA B 429 -19.76 37.94 49.96
C ALA B 429 -21.23 37.58 50.07
N ASP B 430 -22.10 38.42 49.52
CA ASP B 430 -23.54 38.17 49.65
C ASP B 430 -23.85 36.99 48.78
N MET B 431 -23.27 37.04 47.59
CA MET B 431 -23.44 36.01 46.64
C MET B 431 -22.98 34.64 47.16
N LEU B 432 -21.86 34.55 47.87
CA LEU B 432 -21.50 33.28 48.47
C LEU B 432 -22.53 32.86 49.49
N LEU B 433 -22.85 33.78 50.40
CA LEU B 433 -23.85 33.53 51.44
C LEU B 433 -25.17 32.95 50.83
N LYS B 434 -25.63 33.54 49.73
CA LYS B 434 -26.76 32.97 49.02
C LYS B 434 -26.48 31.53 48.62
N ALA B 435 -25.33 31.30 47.99
CA ALA B 435 -24.96 29.95 47.58
C ALA B 435 -24.93 28.97 48.74
N ILE B 436 -24.33 29.39 49.85
CA ILE B 436 -24.30 28.53 51.03
C ILE B 436 -25.71 28.17 51.46
N LEU B 437 -26.58 29.16 51.50
CA LEU B 437 -27.98 28.93 51.86
C LEU B 437 -28.69 27.98 50.91
N LEU B 438 -28.62 28.31 49.61
CA LEU B 438 -29.21 27.44 48.60
C LEU B 438 -28.59 26.04 48.66
N THR B 439 -27.42 25.88 49.24
CA THR B 439 -26.88 24.55 49.29
C THR B 439 -27.53 23.77 50.39
N ASP B 440 -27.74 24.42 51.54
CA ASP B 440 -28.41 23.79 52.67
C ASP B 440 -29.81 23.40 52.24
N GLU B 441 -30.45 24.27 51.49
CA GLU B 441 -31.80 24.05 51.02
C GLU B 441 -31.89 22.80 50.15
N LEU B 442 -31.04 22.73 49.13
CA LEU B 442 -31.10 21.63 48.16
C LEU B 442 -30.71 20.31 48.80
N GLN B 443 -29.83 20.38 49.78
CA GLN B 443 -29.43 19.22 50.52
C GLN B 443 -30.66 18.62 51.21
N GLN B 444 -31.45 19.48 51.87
CA GLN B 444 -32.67 19.06 52.52
C GLN B 444 -33.64 18.43 51.49
N LYS B 445 -33.82 19.08 50.35
CA LYS B 445 -34.74 18.60 49.33
C LYS B 445 -34.23 17.33 48.66
N TYR B 446 -33.16 17.45 47.86
CA TYR B 446 -32.75 16.38 46.97
C TYR B 446 -31.87 15.25 47.53
N GLY B 447 -31.26 15.43 48.70
CA GLY B 447 -30.53 14.33 49.33
C GLY B 447 -29.08 14.61 49.67
N LYS B 448 -28.52 13.89 50.63
CA LYS B 448 -27.15 14.13 51.07
C LYS B 448 -26.04 13.63 50.16
N LYS B 449 -26.29 12.61 49.34
CA LYS B 449 -25.30 12.09 48.41
C LYS B 449 -25.13 13.01 47.20
N LEU B 450 -23.88 13.28 46.86
CA LEU B 450 -23.60 14.26 45.82
C LEU B 450 -24.37 14.00 44.53
N VAL B 451 -24.43 12.73 44.12
CA VAL B 451 -25.12 12.30 42.88
C VAL B 451 -26.55 12.83 42.79
N ASP B 452 -27.26 12.72 43.90
CA ASP B 452 -28.62 13.22 44.03
C ASP B 452 -28.63 14.70 43.93
N PHE B 453 -27.77 15.31 44.74
CA PHE B 453 -27.68 16.77 44.87
C PHE B 453 -27.38 17.40 43.54
N LYS B 454 -26.41 16.85 42.83
CA LYS B 454 -26.07 17.39 41.53
C LYS B 454 -27.35 17.48 40.76
N LYS B 455 -28.27 16.55 41.03
CA LYS B 455 -29.54 16.50 40.30
C LYS B 455 -30.38 17.74 40.56
N GLY B 456 -30.29 18.30 41.76
CA GLY B 456 -31.04 19.50 42.11
C GLY B 456 -30.72 20.73 41.27
N LEU B 457 -29.45 20.92 40.94
CA LEU B 457 -28.98 22.12 40.23
C LEU B 457 -29.54 22.28 38.80
N VAL B 458 -30.18 21.23 38.30
CA VAL B 458 -30.64 21.22 36.91
C VAL B 458 -32.06 21.74 36.88
N ASN B 459 -32.34 22.55 35.86
CA ASN B 459 -33.61 23.26 35.71
C ASN B 459 -34.17 23.69 37.08
N ASN B 460 -33.47 24.60 37.74
CA ASN B 460 -33.95 25.21 38.97
C ASN B 460 -33.97 26.73 38.86
N PRO B 461 -35.13 27.37 39.06
CA PRO B 461 -35.18 28.78 38.69
C PRO B 461 -34.47 29.71 39.70
N LYS B 462 -34.28 29.26 40.93
CA LYS B 462 -33.56 30.08 41.90
C LYS B 462 -32.11 30.17 41.45
N ILE B 463 -31.61 29.09 40.83
CA ILE B 463 -30.26 29.05 40.24
C ILE B 463 -30.21 29.83 38.92
N ASP B 464 -31.17 29.57 38.04
CA ASP B 464 -31.29 30.30 36.80
C ASP B 464 -31.22 31.81 37.05
N GLU B 465 -31.70 32.23 38.22
CA GLU B 465 -31.75 33.65 38.49
C GLU B 465 -30.47 34.21 39.00
N LEU B 466 -29.82 33.47 39.91
CA LEU B 466 -28.48 33.86 40.36
C LEU B 466 -27.52 33.90 39.17
N LYS B 467 -27.57 32.88 38.31
CA LYS B 467 -26.69 32.86 37.19
C LYS B 467 -26.82 34.16 36.40
N LYS B 468 -28.03 34.61 36.24
CA LYS B 468 -28.26 35.83 35.50
C LYS B 468 -27.59 36.98 36.21
N GLU B 469 -27.71 37.02 37.54
CA GLU B 469 -27.14 38.09 38.34
C GLU B 469 -25.63 38.15 38.15
N VAL B 470 -25.00 36.98 38.32
CA VAL B 470 -23.58 36.80 38.19
C VAL B 470 -23.08 37.13 36.78
N VAL B 471 -23.75 36.63 35.75
CA VAL B 471 -23.29 36.88 34.40
C VAL B 471 -23.27 38.36 34.06
N GLN B 472 -24.30 39.10 34.47
CA GLN B 472 -24.40 40.52 34.10
C GLN B 472 -23.30 41.30 34.76
N TRP B 473 -22.99 40.91 36.00
CA TRP B 473 -21.95 41.53 36.80
C TRP B 473 -20.59 41.26 36.22
N ALA B 474 -20.33 39.98 35.95
CA ALA B 474 -19.04 39.55 35.47
C ALA B 474 -18.79 40.10 34.09
N LYS B 475 -19.77 39.93 33.22
CA LYS B 475 -19.68 40.36 31.82
C LYS B 475 -19.26 41.83 31.73
N ASN B 476 -19.61 42.54 32.79
CA ASN B 476 -19.40 43.96 32.94
C ASN B 476 -17.93 44.36 33.08
N LEU B 477 -17.16 43.55 33.80
CA LEU B 477 -15.76 43.84 34.12
C LEU B 477 -14.82 43.78 32.94
N PRO B 478 -13.74 44.55 33.01
CA PRO B 478 -12.58 44.41 32.15
C PRO B 478 -12.11 42.97 32.02
N PHE B 479 -11.58 42.66 30.84
CA PHE B 479 -11.15 41.33 30.52
C PHE B 479 -9.94 41.48 29.62
N ALA B 480 -8.82 40.95 30.09
CA ALA B 480 -7.56 41.03 29.34
C ALA B 480 -7.52 40.11 28.07
N PHE C 40 -26.37 -15.75 -46.19
CA PHE C 40 -25.57 -15.04 -45.15
C PHE C 40 -26.07 -13.62 -44.94
N ASN C 41 -25.60 -12.99 -43.87
CA ASN C 41 -25.89 -11.59 -43.62
C ASN C 41 -24.58 -10.84 -43.52
N ASN C 42 -24.36 -9.89 -44.42
CA ASN C 42 -23.09 -9.16 -44.43
C ASN C 42 -23.15 -7.78 -43.78
N ASP C 43 -24.28 -7.50 -43.15
CA ASP C 43 -24.47 -6.27 -42.41
C ASP C 43 -23.49 -6.31 -41.24
N PRO C 44 -23.09 -5.14 -40.75
CA PRO C 44 -22.27 -4.97 -39.56
C PRO C 44 -22.92 -5.54 -38.29
N LEU C 45 -22.06 -5.78 -37.31
CA LEU C 45 -22.47 -6.24 -36.00
C LEU C 45 -23.44 -5.27 -35.34
N GLN C 46 -23.26 -3.97 -35.59
CA GLN C 46 -24.16 -2.97 -35.03
C GLN C 46 -25.60 -3.22 -35.42
N LYS C 47 -25.86 -3.41 -36.71
CA LYS C 47 -27.22 -3.75 -37.11
C LYS C 47 -27.57 -5.19 -36.83
N TYR C 48 -26.67 -6.09 -37.18
CA TYR C 48 -26.88 -7.53 -37.07
C TYR C 48 -27.11 -8.04 -35.66
N ASP C 49 -26.31 -7.55 -34.73
CA ASP C 49 -26.48 -7.92 -33.34
C ASP C 49 -26.18 -6.73 -32.45
N LYS C 50 -27.19 -5.91 -32.17
CA LYS C 50 -26.98 -4.70 -31.37
C LYS C 50 -26.48 -5.01 -29.98
N GLU C 51 -27.06 -6.05 -29.37
CA GLU C 51 -26.71 -6.40 -28.00
C GLU C 51 -25.22 -6.69 -27.82
N LEU C 52 -24.63 -7.49 -28.70
CA LEU C 52 -23.20 -7.81 -28.63
C LEU C 52 -22.35 -6.58 -28.95
N PHE C 53 -22.70 -5.89 -30.02
CA PHE C 53 -22.01 -4.67 -30.38
C PHE C 53 -21.87 -3.78 -29.17
N ASP C 54 -22.96 -3.55 -28.43
CA ASP C 54 -22.92 -2.63 -27.27
C ASP C 54 -21.97 -3.16 -26.21
N LEU C 55 -22.09 -4.43 -25.86
CA LEU C 55 -21.19 -5.08 -24.90
C LEU C 55 -19.75 -4.86 -25.30
N LEU C 56 -19.43 -5.11 -26.58
CA LEU C 56 -18.07 -4.92 -27.07
C LEU C 56 -17.60 -3.47 -27.00
N GLU C 57 -18.49 -2.53 -27.36
CA GLU C 57 -18.16 -1.10 -27.38
C GLU C 57 -17.93 -0.63 -25.97
N LYS C 58 -18.66 -1.20 -25.01
CA LYS C 58 -18.41 -0.95 -23.60
C LYS C 58 -17.04 -1.48 -23.15
N GLU C 59 -16.55 -2.54 -23.79
CA GLU C 59 -15.21 -3.04 -23.46
C GLU C 59 -14.15 -2.13 -24.04
N LYS C 60 -14.29 -1.76 -25.32
CA LYS C 60 -13.31 -0.90 -25.96
C LYS C 60 -13.15 0.34 -25.12
N ASN C 61 -14.28 0.88 -24.64
CA ASN C 61 -14.26 2.08 -23.80
C ASN C 61 -13.69 1.85 -22.42
N ARG C 62 -14.09 0.77 -21.74
CA ARG C 62 -13.47 0.38 -20.47
C ARG C 62 -11.96 0.25 -20.62
N GLN C 63 -11.50 -0.21 -21.78
CA GLN C 63 -10.08 -0.38 -22.00
C GLN C 63 -9.38 0.98 -22.01
N ILE C 64 -9.97 1.91 -22.74
CA ILE C 64 -9.40 3.23 -22.93
C ILE C 64 -9.21 3.93 -21.61
N GLU C 65 -10.22 3.88 -20.76
CA GLU C 65 -10.19 4.59 -19.47
C GLU C 65 -9.67 3.77 -18.30
N THR C 66 -8.88 2.75 -18.61
CA THR C 66 -8.20 1.98 -17.57
C THR C 66 -6.69 2.12 -17.70
N ILE C 67 -6.07 2.35 -16.56
CA ILE C 67 -4.63 2.32 -16.43
C ILE C 67 -4.27 0.82 -16.34
N ASN C 68 -3.76 0.28 -17.45
CA ASN C 68 -3.47 -1.14 -17.53
C ASN C 68 -2.06 -1.52 -17.08
N LEU C 69 -1.97 -2.01 -15.84
CA LEU C 69 -0.69 -2.38 -15.28
C LEU C 69 -0.43 -3.88 -15.34
N ILE C 70 -1.23 -4.61 -16.12
CA ILE C 70 -1.08 -6.06 -16.19
C ILE C 70 0.10 -6.43 -17.03
N ALA C 71 1.12 -6.98 -16.40
CA ALA C 71 2.38 -7.31 -17.09
C ALA C 71 2.24 -8.16 -18.36
N SER C 72 1.14 -8.91 -18.46
CA SER C 72 0.92 -9.83 -19.58
C SER C 72 -0.02 -9.33 -20.65
N GLU C 73 -0.56 -8.13 -20.48
CA GLU C 73 -1.41 -7.56 -21.48
C GLU C 73 -0.67 -6.55 -22.33
N ASN C 74 -1.07 -6.44 -23.59
CA ASN C 74 -0.64 -5.36 -24.46
C ASN C 74 -1.80 -4.87 -25.34
N LEU C 75 -1.52 -3.97 -26.28
CA LEU C 75 -2.47 -3.60 -27.31
C LEU C 75 -1.93 -4.00 -28.68
N THR C 76 -2.76 -4.70 -29.44
CA THR C 76 -2.49 -5.00 -30.85
C THR C 76 -2.88 -3.83 -31.69
N ASN C 77 -2.27 -3.73 -32.86
CA ASN C 77 -2.53 -2.59 -33.72
C ASN C 77 -3.39 -3.00 -34.90
N THR C 78 -3.61 -2.07 -35.80
CA THR C 78 -4.53 -2.30 -36.90
C THR C 78 -4.09 -3.46 -37.79
N ALA C 79 -2.86 -3.45 -38.25
CA ALA C 79 -2.38 -4.50 -39.15
C ALA C 79 -2.58 -5.94 -38.59
N VAL C 80 -2.30 -6.12 -37.31
CA VAL C 80 -2.46 -7.43 -36.70
C VAL C 80 -3.93 -7.82 -36.65
N ARG C 81 -4.81 -6.89 -36.29
CA ARG C 81 -6.23 -7.23 -36.19
C ARG C 81 -6.79 -7.51 -37.56
N GLU C 82 -6.37 -6.72 -38.54
CA GLU C 82 -6.71 -6.97 -39.94
C GLU C 82 -6.44 -8.42 -40.37
N CYS C 83 -5.25 -8.94 -40.10
CA CYS C 83 -4.98 -10.34 -40.38
C CYS C 83 -5.94 -11.25 -39.62
N LEU C 84 -6.15 -10.99 -38.34
CA LEU C 84 -7.03 -11.86 -37.54
C LEU C 84 -8.43 -11.96 -38.10
N GLY C 85 -8.89 -10.88 -38.72
CA GLY C 85 -10.19 -10.85 -39.36
C GLY C 85 -10.17 -11.27 -40.83
N ASP C 86 -9.01 -11.74 -41.31
CA ASP C 86 -8.89 -12.19 -42.69
C ASP C 86 -9.54 -13.54 -42.91
N ARG C 87 -10.16 -13.70 -44.07
CA ARG C 87 -10.92 -14.90 -44.36
C ARG C 87 -10.02 -16.09 -44.61
N ILE C 88 -8.70 -15.94 -44.43
CA ILE C 88 -7.81 -17.07 -44.69
C ILE C 88 -7.98 -18.13 -43.61
N SER C 89 -8.73 -17.80 -42.57
CA SER C 89 -9.09 -18.80 -41.55
C SER C 89 -10.09 -19.87 -42.05
N ASN C 90 -10.71 -19.61 -43.21
CA ASN C 90 -11.60 -20.55 -43.85
C ASN C 90 -10.86 -21.75 -44.40
N LYS C 91 -9.56 -21.61 -44.63
CA LYS C 91 -8.79 -22.68 -45.26
C LYS C 91 -8.30 -23.74 -44.27
N TYR C 92 -8.56 -25.00 -44.58
CA TYR C 92 -8.04 -26.13 -43.80
C TYR C 92 -6.69 -26.51 -44.37
N SER C 93 -5.70 -26.64 -43.51
CA SER C 93 -4.34 -26.80 -44.00
C SER C 93 -3.44 -27.58 -43.06
N GLU C 94 -4.00 -28.66 -42.52
CA GLU C 94 -3.24 -29.60 -41.77
C GLU C 94 -2.04 -30.07 -42.57
N GLY C 95 -0.92 -30.24 -41.88
CA GLY C 95 0.34 -30.57 -42.52
C GLY C 95 1.23 -29.34 -42.51
N TYR C 96 2.38 -29.45 -43.15
CA TYR C 96 3.33 -28.35 -43.20
C TYR C 96 3.57 -27.97 -44.66
N PRO C 97 4.14 -26.78 -44.89
CA PRO C 97 4.25 -26.39 -46.29
C PRO C 97 4.93 -27.41 -47.19
N HIS C 98 4.27 -27.69 -48.31
CA HIS C 98 4.76 -28.64 -49.32
C HIS C 98 4.51 -30.04 -48.89
N LYS C 99 3.86 -30.16 -47.75
CA LYS C 99 3.41 -31.44 -47.26
C LYS C 99 2.04 -31.25 -46.62
N ARG C 100 1.06 -30.91 -47.45
CA ARG C 100 -0.30 -30.70 -46.95
C ARG C 100 -1.26 -31.76 -47.47
N TYR C 101 -2.19 -32.15 -46.60
CA TYR C 101 -3.22 -33.12 -46.91
C TYR C 101 -4.17 -32.65 -48.03
N TYR C 102 -4.70 -31.43 -47.91
CA TYR C 102 -5.59 -30.90 -48.93
C TYR C 102 -4.78 -30.08 -49.91
N GLY C 103 -5.42 -29.66 -51.00
CA GLY C 103 -4.75 -28.82 -51.98
C GLY C 103 -5.10 -27.37 -51.72
N GLY C 104 -4.69 -26.49 -52.64
CA GLY C 104 -4.95 -25.05 -52.57
C GLY C 104 -4.25 -24.36 -51.41
N ASN C 105 -3.01 -24.77 -51.15
CA ASN C 105 -2.27 -24.26 -50.01
C ASN C 105 -0.95 -23.61 -50.39
N ASP C 106 -0.84 -23.17 -51.64
CA ASP C 106 0.37 -22.49 -52.14
C ASP C 106 0.57 -21.11 -51.51
N TYR C 107 -0.50 -20.31 -51.42
CA TYR C 107 -0.40 -19.06 -50.71
C TYR C 107 -0.37 -19.20 -49.19
N VAL C 108 -1.11 -20.17 -48.65
CA VAL C 108 -0.94 -20.55 -47.25
C VAL C 108 0.53 -20.92 -47.02
N ASP C 109 1.05 -21.83 -47.83
CA ASP C 109 2.47 -22.18 -47.78
C ASP C 109 3.40 -20.97 -47.82
N LYS C 110 3.28 -20.13 -48.82
CA LYS C 110 4.20 -19.01 -48.87
C LYS C 110 4.12 -18.15 -47.62
N ILE C 111 2.92 -17.99 -47.06
CA ILE C 111 2.79 -17.19 -45.85
C ILE C 111 3.49 -17.84 -44.64
N GLU C 112 3.23 -19.13 -44.39
CA GLU C 112 3.88 -19.81 -43.28
C GLU C 112 5.42 -19.74 -43.42
N GLU C 113 5.92 -19.84 -44.65
CA GLU C 113 7.36 -19.77 -44.91
C GLU C 113 7.91 -18.38 -44.64
N LEU C 114 7.17 -17.36 -45.05
CA LEU C 114 7.52 -16.00 -44.70
C LEU C 114 7.58 -15.86 -43.17
N CYS C 115 6.71 -16.59 -42.48
CA CYS C 115 6.70 -16.55 -41.06
C CYS C 115 7.97 -17.12 -40.49
N TYR C 116 8.34 -18.35 -40.88
CA TYR C 116 9.59 -18.94 -40.39
C TYR C 116 10.70 -17.92 -40.57
N LYS C 117 10.73 -17.33 -41.75
CA LYS C 117 11.85 -16.48 -42.07
C LYS C 117 11.88 -15.26 -41.14
N ARG C 118 10.74 -14.57 -41.01
CA ARG C 118 10.65 -13.39 -40.12
C ARG C 118 10.93 -13.77 -38.67
N ALA C 119 10.57 -14.99 -38.32
CA ALA C 119 10.78 -15.47 -36.97
C ALA C 119 12.27 -15.63 -36.70
N LEU C 120 12.98 -16.31 -37.58
CA LEU C 120 14.42 -16.47 -37.45
C LEU C 120 15.18 -15.14 -37.48
N GLU C 121 14.78 -14.24 -38.37
CA GLU C 121 15.40 -12.92 -38.48
C GLU C 121 15.28 -12.23 -37.13
N ALA C 122 14.06 -12.24 -36.60
CA ALA C 122 13.72 -11.44 -35.43
C ALA C 122 14.60 -11.76 -34.23
N PHE C 123 15.10 -12.99 -34.18
CA PHE C 123 15.88 -13.48 -33.03
C PHE C 123 17.32 -13.85 -33.34
N ASN C 124 17.76 -13.38 -34.51
CA ASN C 124 19.17 -13.38 -34.87
C ASN C 124 19.77 -14.75 -34.95
N VAL C 125 18.95 -15.74 -35.28
CA VAL C 125 19.42 -17.10 -35.45
C VAL C 125 19.44 -17.43 -36.91
N SER C 126 20.04 -18.56 -37.23
CA SER C 126 20.14 -18.95 -38.62
C SER C 126 19.45 -20.26 -38.92
N GLU C 127 18.88 -20.33 -40.12
CA GLU C 127 18.17 -21.51 -40.59
C GLU C 127 19.01 -22.79 -40.49
N GLU C 128 20.33 -22.64 -40.56
CA GLU C 128 21.24 -23.79 -40.44
C GLU C 128 21.16 -24.41 -39.03
N GLU C 129 21.36 -23.60 -37.99
CA GLU C 129 21.35 -24.10 -36.62
C GLU C 129 19.95 -24.26 -36.04
N TRP C 130 19.06 -23.31 -36.38
CA TRP C 130 17.71 -23.18 -35.79
C TRP C 130 16.55 -23.34 -36.75
N GLY C 131 15.49 -23.97 -36.26
CA GLY C 131 14.23 -24.04 -36.96
C GLY C 131 13.11 -23.71 -36.00
N VAL C 132 11.92 -23.50 -36.56
CA VAL C 132 10.78 -22.98 -35.81
C VAL C 132 9.44 -23.56 -36.29
N ASN C 133 8.47 -23.64 -35.39
CA ASN C 133 7.14 -24.05 -35.75
C ASN C 133 6.20 -22.95 -35.34
N VAL C 134 5.31 -22.53 -36.22
CA VAL C 134 4.46 -21.40 -35.91
C VAL C 134 2.98 -21.72 -35.73
N GLN C 135 2.67 -22.99 -35.52
CA GLN C 135 1.28 -23.43 -35.50
C GLN C 135 0.47 -23.49 -34.16
N PRO C 136 1.11 -23.27 -32.98
CA PRO C 136 0.44 -23.36 -31.67
C PRO C 136 -0.59 -22.30 -31.40
N LEU C 137 -1.75 -22.70 -30.96
CA LEU C 137 -2.82 -21.76 -30.80
C LEU C 137 -2.57 -20.80 -29.67
N SER C 138 -1.81 -21.23 -28.67
CA SER C 138 -1.45 -20.39 -27.55
C SER C 138 -0.16 -20.87 -26.90
N GLY C 139 0.22 -20.21 -25.80
CA GLY C 139 1.41 -20.59 -25.07
C GLY C 139 1.28 -21.97 -24.45
N SER C 140 0.20 -22.14 -23.70
CA SER C 140 -0.02 -23.39 -23.00
C SER C 140 0.08 -24.54 -23.99
N ALA C 141 -0.43 -24.32 -25.19
CA ALA C 141 -0.39 -25.34 -26.23
C ALA C 141 1.03 -25.59 -26.69
N ALA C 142 1.72 -24.52 -27.10
CA ALA C 142 3.11 -24.63 -27.52
C ALA C 142 3.90 -25.46 -26.53
N ASN C 143 3.66 -25.20 -25.24
CA ASN C 143 4.45 -25.83 -24.21
C ASN C 143 4.22 -27.31 -24.06
N VAL C 144 2.96 -27.69 -23.79
CA VAL C 144 2.54 -29.09 -23.78
C VAL C 144 3.14 -29.83 -24.98
N GLN C 145 2.85 -29.28 -26.17
CA GLN C 145 3.35 -29.84 -27.41
C GLN C 145 4.86 -30.06 -27.37
N ALA C 146 5.64 -28.97 -27.29
CA ALA C 146 7.10 -29.10 -27.30
C ALA C 146 7.60 -30.03 -26.20
N LEU C 147 6.99 -29.96 -25.03
CA LEU C 147 7.44 -30.82 -23.93
C LEU C 147 7.28 -32.29 -24.29
N TYR C 148 6.09 -32.68 -24.74
CA TYR C 148 5.83 -34.06 -25.07
C TYR C 148 6.75 -34.60 -26.16
N ALA C 149 7.05 -33.77 -27.16
CA ALA C 149 7.94 -34.17 -28.22
C ALA C 149 9.30 -34.54 -27.66
N LEU C 150 9.74 -33.78 -26.67
CA LEU C 150 11.03 -34.02 -26.04
C LEU C 150 11.06 -35.20 -25.08
N VAL C 151 10.00 -35.36 -24.30
CA VAL C 151 10.00 -36.25 -23.14
C VAL C 151 9.12 -37.51 -23.24
N GLY C 152 8.10 -37.45 -24.08
CA GLY C 152 7.13 -38.54 -24.16
C GLY C 152 6.22 -38.58 -22.93
N VAL C 153 5.50 -39.69 -22.78
CA VAL C 153 4.48 -39.78 -21.74
C VAL C 153 5.12 -40.25 -20.44
N LYS C 154 4.72 -39.61 -19.34
CA LYS C 154 5.28 -39.85 -18.01
C LYS C 154 6.80 -39.66 -17.98
N GLY C 155 7.27 -38.74 -18.83
CA GLY C 155 8.66 -38.35 -18.86
C GLY C 155 8.87 -37.33 -17.78
N LYS C 156 10.14 -37.07 -17.53
CA LYS C 156 10.55 -36.26 -16.41
C LYS C 156 10.86 -34.84 -16.88
N ILE C 157 10.09 -33.90 -16.34
CA ILE C 157 10.30 -32.50 -16.60
C ILE C 157 10.50 -31.75 -15.29
N MET C 158 11.37 -30.74 -15.35
CA MET C 158 11.61 -29.89 -14.20
C MET C 158 11.41 -28.40 -14.53
N GLY C 159 10.56 -27.73 -13.74
CA GLY C 159 10.34 -26.29 -13.87
C GLY C 159 10.03 -25.57 -12.57
N MET C 160 10.03 -24.25 -12.62
CA MET C 160 9.84 -23.48 -11.40
C MET C 160 8.40 -23.61 -10.86
N HIS C 161 8.26 -23.57 -9.54
CA HIS C 161 6.96 -23.52 -8.88
C HIS C 161 6.19 -22.29 -9.29
N LEU C 162 4.87 -22.39 -9.26
CA LEU C 162 4.00 -21.29 -9.65
C LEU C 162 4.25 -20.06 -8.78
N CYS C 163 4.00 -20.19 -7.48
CA CYS C 163 4.01 -19.04 -6.56
C CYS C 163 5.31 -18.25 -6.60
N SER C 164 6.36 -18.92 -7.06
CA SER C 164 7.66 -18.33 -7.29
C SER C 164 7.86 -17.75 -8.69
N GLY C 165 6.88 -17.91 -9.58
CA GLY C 165 6.93 -17.28 -10.90
C GLY C 165 6.93 -18.18 -12.13
N GLY C 166 6.76 -19.49 -11.93
CA GLY C 166 6.65 -20.39 -13.06
C GLY C 166 5.26 -20.36 -13.66
N HIS C 167 5.07 -21.07 -14.76
CA HIS C 167 3.77 -21.17 -15.40
C HIS C 167 3.16 -22.51 -15.16
N LEU C 168 1.84 -22.57 -15.30
CA LEU C 168 1.09 -23.80 -15.08
C LEU C 168 1.62 -24.92 -15.92
N THR C 169 2.00 -24.61 -17.16
CA THR C 169 2.43 -25.67 -18.06
C THR C 169 3.88 -26.06 -17.84
N HIS C 170 4.46 -25.52 -16.79
CA HIS C 170 5.81 -25.92 -16.40
C HIS C 170 5.79 -27.05 -15.40
N GLY C 171 4.64 -27.72 -15.29
CA GLY C 171 4.58 -28.98 -14.54
C GLY C 171 3.97 -28.77 -13.20
N PHE C 172 3.13 -27.74 -13.08
CA PHE C 172 2.54 -27.38 -11.79
C PHE C 172 1.47 -28.36 -11.29
N PHE C 173 1.64 -28.76 -10.05
CA PHE C 173 0.67 -29.58 -9.34
C PHE C 173 0.74 -29.12 -7.90
N ASP C 174 -0.35 -29.21 -7.16
CA ASP C 174 -0.28 -28.88 -5.74
C ASP C 174 -1.00 -29.90 -4.88
N GLU C 175 -0.27 -30.54 -3.97
CA GLU C 175 -0.84 -31.53 -3.04
C GLU C 175 -1.48 -32.68 -3.80
N LYS C 176 -2.72 -33.01 -3.41
CA LYS C 176 -3.51 -34.07 -4.06
C LYS C 176 -3.75 -33.81 -5.55
N LYS C 177 -4.17 -32.59 -5.88
CA LYS C 177 -4.54 -32.25 -7.25
C LYS C 177 -3.37 -31.96 -8.19
N LYS C 178 -3.24 -32.76 -9.25
CA LYS C 178 -2.36 -32.44 -10.38
C LYS C 178 -3.09 -31.44 -11.28
N VAL C 179 -2.72 -30.17 -11.18
CA VAL C 179 -3.56 -29.10 -11.76
C VAL C 179 -3.30 -28.93 -13.27
N SER C 180 -2.04 -29.03 -13.66
CA SER C 180 -1.66 -28.92 -15.06
C SER C 180 -1.36 -30.28 -15.63
N ILE C 181 -1.84 -30.50 -16.84
CA ILE C 181 -1.64 -31.76 -17.53
C ILE C 181 -0.17 -32.04 -17.54
N THR C 182 0.61 -30.97 -17.56
CA THR C 182 2.05 -31.10 -17.63
C THR C 182 2.50 -31.86 -16.41
N SER C 183 1.72 -31.71 -15.33
CA SER C 183 1.92 -32.41 -14.06
C SER C 183 1.46 -33.87 -14.07
N ASP C 184 0.45 -34.15 -14.88
CA ASP C 184 -0.16 -35.49 -14.91
C ASP C 184 0.33 -36.31 -16.12
N LEU C 185 0.39 -35.71 -17.30
CA LEU C 185 0.95 -36.40 -18.46
C LEU C 185 2.44 -36.65 -18.26
N PHE C 186 3.10 -35.81 -17.46
CA PHE C 186 4.53 -35.99 -17.18
C PHE C 186 4.81 -36.07 -15.68
N GLU C 187 6.00 -36.59 -15.35
CA GLU C 187 6.52 -36.61 -13.99
C GLU C 187 7.29 -35.30 -13.81
N SER C 188 6.72 -34.41 -12.99
CA SER C 188 7.28 -33.08 -12.84
C SER C 188 7.77 -32.79 -11.42
N LYS C 189 8.99 -32.28 -11.32
CA LYS C 189 9.52 -31.83 -10.05
C LYS C 189 9.67 -30.31 -10.13
N LEU C 190 9.35 -29.61 -9.04
CA LEU C 190 9.32 -28.15 -9.04
C LEU C 190 10.35 -27.47 -8.18
N TYR C 191 11.11 -26.55 -8.78
CA TYR C 191 12.10 -25.84 -8.00
C TYR C 191 11.61 -24.46 -7.64
N LYS C 192 12.36 -23.79 -6.79
CA LYS C 192 11.84 -22.60 -6.12
C LYS C 192 12.85 -21.49 -6.01
N CYS C 193 12.34 -20.34 -5.63
CA CYS C 193 13.18 -19.20 -5.42
C CYS C 193 13.56 -19.15 -3.95
N ASN C 194 14.71 -18.57 -3.64
CA ASN C 194 15.09 -18.35 -2.24
C ASN C 194 14.21 -17.28 -1.57
N SER C 195 14.70 -16.73 -0.48
CA SER C 195 13.92 -15.79 0.31
C SER C 195 13.97 -14.38 -0.23
N GLU C 196 15.08 -14.01 -0.88
CA GLU C 196 15.18 -12.71 -1.54
C GLU C 196 14.45 -12.68 -2.89
N GLY C 197 13.86 -13.81 -3.27
CA GLY C 197 13.07 -13.88 -4.50
C GLY C 197 13.81 -14.28 -5.77
N TYR C 198 15.06 -14.69 -5.64
CA TYR C 198 15.83 -15.09 -6.81
C TYR C 198 15.81 -16.60 -6.99
N VAL C 199 16.07 -17.09 -8.22
CA VAL C 199 16.15 -18.53 -8.45
C VAL C 199 17.38 -19.10 -7.78
N ASP C 200 17.17 -20.21 -7.06
CA ASP C 200 18.25 -20.90 -6.39
C ASP C 200 18.92 -21.88 -7.35
N MET C 201 20.00 -21.45 -7.99
CA MET C 201 20.72 -22.34 -8.91
C MET C 201 21.20 -23.56 -8.19
N GLU C 202 21.57 -23.42 -6.93
CA GLU C 202 22.00 -24.57 -6.15
C GLU C 202 20.88 -25.58 -6.01
N SER C 203 19.70 -25.11 -5.59
CA SER C 203 18.55 -25.98 -5.41
C SER C 203 18.06 -26.56 -6.72
N VAL C 204 18.25 -25.81 -7.80
CA VAL C 204 17.95 -26.28 -9.15
C VAL C 204 18.89 -27.46 -9.44
N ARG C 205 20.20 -27.21 -9.34
CA ARG C 205 21.24 -28.21 -9.62
C ARG C 205 21.13 -29.47 -8.79
N ASN C 206 20.54 -29.31 -7.61
CA ASN C 206 20.35 -30.43 -6.71
C ASN C 206 19.23 -31.31 -7.27
N LEU C 207 18.02 -30.76 -7.32
CA LEU C 207 16.89 -31.49 -7.88
C LEU C 207 17.31 -32.14 -9.19
N ALA C 208 18.03 -31.39 -10.02
CA ALA C 208 18.53 -31.94 -11.28
C ALA C 208 19.31 -33.24 -11.09
N LEU C 209 20.17 -33.30 -10.08
CA LEU C 209 20.93 -34.52 -9.85
C LEU C 209 20.04 -35.58 -9.20
N SER C 210 19.19 -35.12 -8.30
CA SER C 210 18.34 -35.99 -7.49
C SER C 210 17.19 -36.62 -8.30
N PHE C 211 16.35 -35.78 -8.89
CA PHE C 211 15.17 -36.20 -9.65
C PHE C 211 15.58 -36.62 -11.05
N GLN C 212 16.71 -36.11 -11.50
CA GLN C 212 17.29 -36.47 -12.77
C GLN C 212 16.29 -36.47 -13.91
N PRO C 213 15.82 -35.27 -14.31
CA PRO C 213 14.81 -35.12 -15.34
C PRO C 213 15.42 -35.01 -16.74
N LYS C 214 14.57 -35.14 -17.74
CA LYS C 214 15.03 -35.11 -19.12
C LYS C 214 14.88 -33.71 -19.71
N VAL C 215 14.14 -32.84 -19.03
CA VAL C 215 14.06 -31.44 -19.44
C VAL C 215 13.88 -30.48 -18.26
N ILE C 216 14.69 -29.43 -18.31
CA ILE C 216 14.66 -28.37 -17.34
C ILE C 216 14.09 -27.09 -17.99
N ILE C 217 13.01 -26.55 -17.45
CA ILE C 217 12.40 -25.36 -18.02
C ILE C 217 12.78 -24.09 -17.26
N CYS C 218 13.27 -23.07 -17.96
CA CYS C 218 13.39 -21.72 -17.43
C CYS C 218 12.60 -20.75 -18.30
N GLY C 219 12.63 -19.46 -17.99
CA GLY C 219 11.69 -18.52 -18.59
C GLY C 219 10.47 -18.53 -17.69
N TYR C 220 9.96 -17.38 -17.28
CA TYR C 220 8.99 -17.33 -16.20
C TYR C 220 7.87 -16.31 -16.34
N THR C 221 6.76 -16.57 -15.67
CA THR C 221 5.60 -15.67 -15.63
C THR C 221 5.83 -14.38 -14.86
N SER C 222 6.27 -14.49 -13.61
CA SER C 222 6.34 -13.29 -12.81
C SER C 222 7.64 -13.21 -12.01
N TYR C 223 8.72 -13.24 -12.75
CA TYR C 223 10.04 -13.15 -12.21
C TYR C 223 10.54 -11.81 -12.69
N PRO C 224 10.97 -10.96 -11.78
CA PRO C 224 11.39 -9.61 -12.10
C PRO C 224 12.85 -9.48 -12.56
N ARG C 225 13.53 -10.58 -12.85
CA ARG C 225 14.96 -10.52 -13.18
C ARG C 225 15.36 -11.41 -14.35
N ASP C 226 16.57 -11.22 -14.86
CA ASP C 226 17.05 -12.02 -16.00
C ASP C 226 17.36 -13.42 -15.54
N ILE C 227 17.57 -14.30 -16.50
CA ILE C 227 17.70 -15.71 -16.20
C ILE C 227 19.14 -16.14 -16.52
N ASP C 228 19.79 -16.80 -15.57
CA ASP C 228 21.12 -17.31 -15.83
C ASP C 228 21.09 -18.54 -16.73
N TYR C 229 21.16 -18.36 -18.05
CA TYR C 229 21.04 -19.50 -18.95
C TYR C 229 22.32 -20.30 -18.94
N LYS C 230 23.46 -19.61 -19.00
CA LYS C 230 24.77 -20.22 -18.88
C LYS C 230 24.73 -21.28 -17.77
N GLY C 231 24.25 -20.85 -16.61
CA GLY C 231 23.98 -21.75 -15.48
C GLY C 231 23.18 -22.98 -15.85
N PHE C 232 21.90 -22.81 -16.20
CA PHE C 232 21.03 -23.92 -16.63
C PHE C 232 21.72 -24.80 -17.65
N ARG C 233 22.44 -24.20 -18.60
CA ARG C 233 23.10 -24.99 -19.63
C ARG C 233 24.10 -25.99 -19.07
N GLU C 234 24.71 -25.63 -17.94
CA GLU C 234 25.71 -26.48 -17.27
C GLU C 234 25.00 -27.57 -16.46
N ILE C 235 24.05 -27.17 -15.62
CA ILE C 235 23.29 -28.14 -14.88
C ILE C 235 22.69 -29.17 -15.83
N CYS C 236 22.12 -28.71 -16.94
CA CYS C 236 21.59 -29.62 -17.97
C CYS C 236 22.63 -30.60 -18.50
N ASP C 237 23.84 -30.12 -18.76
CA ASP C 237 24.91 -30.99 -19.27
C ASP C 237 25.35 -32.03 -18.26
N GLU C 238 25.44 -31.64 -17.00
CA GLU C 238 25.84 -32.54 -15.97
C GLU C 238 24.91 -33.72 -15.99
N VAL C 239 23.62 -33.45 -16.14
CA VAL C 239 22.59 -34.48 -16.13
C VAL C 239 22.22 -34.91 -17.55
N ASN C 240 22.90 -34.36 -18.54
CA ASN C 240 22.56 -34.64 -19.91
C ASN C 240 21.07 -34.46 -20.18
N ALA C 241 20.59 -33.24 -19.97
CA ALA C 241 19.18 -32.89 -20.12
C ALA C 241 18.96 -31.88 -21.26
N TYR C 242 17.70 -31.76 -21.68
CA TYR C 242 17.27 -30.74 -22.62
C TYR C 242 17.05 -29.45 -21.86
N LEU C 243 17.50 -28.35 -22.46
CA LEU C 243 17.28 -27.01 -21.91
C LEU C 243 16.22 -26.29 -22.71
N PHE C 244 15.13 -26.00 -21.98
CA PHE C 244 13.87 -25.42 -22.46
C PHE C 244 13.69 -23.98 -21.93
N ALA C 245 13.56 -23.03 -22.85
CA ALA C 245 13.46 -21.61 -22.46
C ALA C 245 12.19 -20.95 -22.96
N ASP C 246 11.32 -20.61 -22.02
CA ASP C 246 10.00 -20.02 -22.26
C ASP C 246 10.08 -18.51 -22.09
N ILE C 247 10.23 -17.79 -23.18
CA ILE C 247 10.40 -16.34 -23.06
C ILE C 247 9.10 -15.52 -23.30
N SER C 248 7.96 -16.12 -23.00
CA SER C 248 6.71 -15.44 -23.39
C SER C 248 6.62 -14.04 -22.83
N HIS C 249 7.02 -13.88 -21.56
CA HIS C 249 6.95 -12.58 -20.92
C HIS C 249 7.95 -11.57 -21.41
N ILE C 250 9.15 -12.03 -21.75
CA ILE C 250 10.25 -11.16 -22.12
C ILE C 250 10.78 -11.31 -23.56
N SER C 251 9.96 -11.81 -24.47
CA SER C 251 10.49 -12.11 -25.79
C SER C 251 11.15 -10.91 -26.47
N SER C 252 10.51 -9.74 -26.39
CA SER C 252 11.03 -8.55 -27.06
C SER C 252 12.44 -8.15 -26.62
N PHE C 253 12.67 -8.27 -25.31
CA PHE C 253 13.96 -7.93 -24.76
C PHE C 253 15.02 -8.83 -25.35
N VAL C 254 14.74 -10.13 -25.48
CA VAL C 254 15.75 -11.03 -26.01
C VAL C 254 16.09 -10.58 -27.41
N ALA C 255 15.07 -10.38 -28.22
CA ALA C 255 15.21 -9.90 -29.60
C ALA C 255 16.07 -8.63 -29.68
N CYS C 256 15.93 -7.73 -28.72
CA CYS C 256 16.66 -6.45 -28.77
C CYS C 256 17.97 -6.49 -28.01
N ASN C 257 18.37 -7.68 -27.58
CA ASN C 257 19.55 -7.82 -26.76
C ASN C 257 19.52 -7.02 -25.49
N LEU C 258 18.34 -6.86 -24.87
CA LEU C 258 18.25 -6.20 -23.59
C LEU C 258 18.20 -7.19 -22.43
N LEU C 259 18.21 -8.48 -22.74
CA LEU C 259 18.28 -9.50 -21.70
C LEU C 259 19.12 -10.60 -22.22
N ASN C 260 19.58 -11.49 -21.35
CA ASN C 260 20.45 -12.55 -21.83
C ASN C 260 19.76 -13.22 -23.00
N ASN C 261 20.55 -13.83 -23.88
CA ASN C 261 20.01 -14.54 -25.01
C ASN C 261 19.97 -16.07 -24.87
N PRO C 262 18.77 -16.65 -24.68
CA PRO C 262 18.73 -18.10 -24.42
C PRO C 262 19.13 -18.91 -25.66
N PHE C 263 19.12 -18.28 -26.83
CA PHE C 263 19.40 -18.94 -28.09
C PHE C 263 20.84 -19.42 -28.19
N THR C 264 21.67 -18.95 -27.29
CA THR C 264 23.04 -19.36 -27.24
C THR C 264 23.15 -20.69 -26.54
N TYR C 265 22.27 -20.94 -25.57
CA TYR C 265 22.41 -22.08 -24.69
C TYR C 265 21.36 -23.17 -24.84
N ALA C 266 20.12 -22.77 -25.11
CA ALA C 266 18.93 -23.65 -25.04
C ALA C 266 18.78 -24.62 -26.21
N ASP C 267 18.04 -25.70 -26.00
CA ASP C 267 17.78 -26.59 -27.12
C ASP C 267 16.45 -26.22 -27.77
N VAL C 268 15.54 -25.68 -26.97
CA VAL C 268 14.23 -25.30 -27.40
C VAL C 268 13.93 -24.01 -26.70
N VAL C 269 13.34 -23.09 -27.46
CA VAL C 269 12.84 -21.78 -26.98
C VAL C 269 11.41 -21.56 -27.50
N THR C 270 10.46 -21.43 -26.60
CA THR C 270 9.09 -21.19 -27.01
C THR C 270 8.64 -19.83 -26.52
N THR C 271 7.67 -19.23 -27.17
CA THR C 271 7.15 -17.97 -26.69
C THR C 271 5.76 -17.72 -27.20
N THR C 272 4.96 -17.04 -26.38
CA THR C 272 3.71 -16.48 -26.84
C THR C 272 4.07 -15.29 -27.73
N THR C 273 3.30 -15.09 -28.79
CA THR C 273 3.54 -13.98 -29.70
C THR C 273 2.78 -12.78 -29.19
N HIS C 274 2.01 -13.00 -28.15
CA HIS C 274 1.35 -11.91 -27.43
C HIS C 274 2.09 -11.54 -26.22
N LYS C 275 1.47 -10.75 -25.35
CA LYS C 275 2.20 -10.13 -24.24
C LYS C 275 3.17 -9.02 -24.70
N ILE C 276 4.46 -9.14 -24.40
CA ILE C 276 5.42 -8.08 -24.73
C ILE C 276 5.79 -8.05 -26.22
N LEU C 277 5.54 -9.12 -26.95
CA LEU C 277 5.87 -9.11 -28.39
C LEU C 277 4.77 -8.43 -29.21
N ARG C 278 3.64 -8.20 -28.53
CA ARG C 278 2.59 -7.33 -29.04
C ARG C 278 1.96 -7.86 -30.32
N GLY C 279 1.98 -9.19 -30.45
CA GLY C 279 1.40 -9.87 -31.61
C GLY C 279 0.04 -10.44 -31.27
N PRO C 280 -0.48 -11.31 -32.15
CA PRO C 280 -1.76 -11.95 -31.93
C PRO C 280 -1.61 -12.96 -30.83
N ARG C 281 -2.72 -13.55 -30.40
CA ARG C 281 -2.64 -14.61 -29.44
C ARG C 281 -2.28 -15.84 -30.21
N SER C 282 -1.05 -16.31 -30.03
CA SER C 282 -0.53 -17.44 -30.79
C SER C 282 0.79 -17.73 -30.09
N ALA C 283 1.57 -18.69 -30.58
CA ALA C 283 2.84 -19.04 -29.94
C ALA C 283 3.83 -19.60 -30.94
N LEU C 284 5.11 -19.60 -30.58
CA LEU C 284 6.18 -20.10 -31.43
C LEU C 284 6.95 -21.15 -30.68
N ILE C 285 7.56 -22.07 -31.44
CA ILE C 285 8.44 -23.10 -30.91
C ILE C 285 9.74 -23.18 -31.71
N PHE C 286 10.81 -22.58 -31.18
CA PHE C 286 12.14 -22.63 -31.82
C PHE C 286 12.93 -23.82 -31.33
N PHE C 287 13.67 -24.47 -32.22
CA PHE C 287 14.43 -25.67 -31.85
C PHE C 287 15.86 -25.69 -32.39
N ASN C 288 16.81 -26.17 -31.58
CA ASN C 288 18.22 -26.15 -31.97
C ASN C 288 18.69 -27.42 -32.67
N LYS C 289 18.94 -27.29 -33.97
CA LYS C 289 19.18 -28.42 -34.84
C LYS C 289 20.59 -28.95 -34.73
N LYS C 290 21.53 -28.03 -34.62
CA LYS C 290 22.95 -28.37 -34.50
C LYS C 290 23.23 -29.06 -33.17
N ARG C 291 22.36 -28.83 -32.19
CA ARG C 291 22.54 -29.51 -30.90
C ARG C 291 21.86 -30.86 -30.85
N ASN C 292 20.84 -31.02 -31.68
CA ASN C 292 20.03 -32.23 -31.74
C ASN C 292 19.53 -32.44 -33.16
N PRO C 293 20.36 -33.03 -34.03
CA PRO C 293 19.88 -33.22 -35.39
C PRO C 293 18.58 -34.05 -35.48
N GLY C 294 17.63 -33.56 -36.26
CA GLY C 294 16.32 -34.18 -36.40
C GLY C 294 15.41 -33.96 -35.21
N ILE C 295 15.62 -32.86 -34.49
CA ILE C 295 14.70 -32.44 -33.44
C ILE C 295 13.44 -31.83 -34.07
N ASP C 296 13.63 -31.19 -35.22
CA ASP C 296 12.56 -30.58 -35.96
C ASP C 296 11.47 -31.61 -36.12
N GLN C 297 11.86 -32.76 -36.64
CA GLN C 297 10.92 -33.82 -36.88
C GLN C 297 10.14 -34.11 -35.59
N LYS C 298 10.84 -34.27 -34.48
CA LYS C 298 10.14 -34.52 -33.22
C LYS C 298 9.14 -33.42 -32.85
N ILE C 299 9.51 -32.15 -33.05
CA ILE C 299 8.64 -31.03 -32.69
C ILE C 299 7.38 -31.00 -33.53
N ASN C 300 7.59 -30.90 -34.84
CA ASN C 300 6.50 -30.87 -35.77
C ASN C 300 5.41 -31.93 -35.53
N SER C 301 5.82 -33.19 -35.31
CA SER C 301 4.86 -34.28 -35.16
C SER C 301 3.93 -34.02 -33.99
N SER C 302 4.48 -33.45 -32.92
CA SER C 302 3.75 -33.23 -31.69
C SER C 302 2.69 -32.17 -31.88
N VAL C 303 3.05 -31.13 -32.62
CA VAL C 303 2.11 -30.04 -32.87
C VAL C 303 0.95 -30.61 -33.68
N PHE C 304 1.25 -31.11 -34.89
CA PHE C 304 0.30 -31.84 -35.68
C PHE C 304 1.02 -33.10 -36.11
N PRO C 305 0.35 -34.26 -36.05
CA PRO C 305 -1.04 -34.52 -35.69
C PRO C 305 -1.28 -35.00 -34.27
N SER C 306 -0.22 -35.07 -33.48
CA SER C 306 -0.35 -35.55 -32.13
C SER C 306 -1.31 -34.71 -31.30
N PHE C 307 -1.21 -33.38 -31.41
CA PHE C 307 -1.99 -32.50 -30.54
C PHE C 307 -3.05 -31.61 -31.19
N GLN C 308 -2.81 -31.25 -32.43
CA GLN C 308 -3.69 -30.29 -33.10
C GLN C 308 -4.24 -30.86 -34.39
N GLY C 309 -5.27 -30.19 -34.91
CA GLY C 309 -5.78 -30.42 -36.25
C GLY C 309 -5.39 -29.29 -37.18
N GLY C 310 -6.38 -28.63 -37.75
CA GLY C 310 -6.13 -27.54 -38.69
C GLY C 310 -5.62 -26.28 -38.01
N PRO C 311 -4.57 -25.67 -38.59
CA PRO C 311 -4.03 -24.45 -38.02
C PRO C 311 -5.03 -23.33 -38.25
N HIS C 312 -4.82 -22.20 -37.60
CA HIS C 312 -5.61 -21.02 -37.79
C HIS C 312 -4.76 -20.05 -38.59
N ASN C 313 -4.90 -20.11 -39.91
CA ASN C 313 -4.03 -19.32 -40.79
C ASN C 313 -4.10 -17.82 -40.60
N ASN C 314 -5.19 -17.31 -40.04
CA ASN C 314 -5.21 -15.89 -39.71
C ASN C 314 -4.18 -15.59 -38.61
N LYS C 315 -4.19 -16.39 -37.55
CA LYS C 315 -3.20 -16.28 -36.49
C LYS C 315 -1.79 -16.27 -37.09
N ILE C 316 -1.52 -17.19 -38.02
CA ILE C 316 -0.20 -17.25 -38.65
C ILE C 316 0.14 -16.00 -39.41
N ALA C 317 -0.83 -15.53 -40.18
CA ALA C 317 -0.65 -14.32 -40.96
C ALA C 317 -0.36 -13.18 -40.01
N ALA C 318 -1.14 -13.10 -38.93
CA ALA C 318 -1.00 -12.04 -37.93
C ALA C 318 0.37 -12.09 -37.26
N VAL C 319 0.86 -13.30 -36.99
CA VAL C 319 2.17 -13.46 -36.38
C VAL C 319 3.28 -12.98 -37.32
N ALA C 320 3.15 -13.28 -38.60
CA ALA C 320 4.14 -12.80 -39.54
C ALA C 320 4.11 -11.27 -39.58
N CYS C 321 2.91 -10.70 -39.47
CA CYS C 321 2.75 -9.26 -39.51
C CYS C 321 3.57 -8.57 -38.42
N GLN C 322 3.54 -9.14 -37.21
CA GLN C 322 4.14 -8.54 -36.02
C GLN C 322 5.64 -8.74 -35.98
N LEU C 323 6.10 -9.91 -36.41
CA LEU C 323 7.52 -10.24 -36.46
C LEU C 323 8.28 -9.27 -37.36
N LYS C 324 7.62 -8.74 -38.36
CA LYS C 324 8.24 -7.77 -39.23
C LYS C 324 8.48 -6.44 -38.47
N GLU C 325 7.45 -6.06 -37.68
CA GLU C 325 7.53 -4.89 -36.81
C GLU C 325 8.67 -5.07 -35.82
N VAL C 326 8.78 -6.27 -35.30
CA VAL C 326 9.80 -6.57 -34.30
C VAL C 326 11.21 -6.26 -34.78
N ASN C 327 11.54 -6.63 -36.00
CA ASN C 327 12.86 -6.35 -36.50
C ASN C 327 12.85 -4.97 -37.08
N THR C 328 12.74 -4.00 -36.20
CA THR C 328 12.56 -2.63 -36.62
C THR C 328 13.17 -1.72 -35.58
N PRO C 329 13.70 -0.58 -36.01
CA PRO C 329 14.19 0.42 -35.06
C PRO C 329 13.09 0.99 -34.18
N GLU C 330 11.92 1.21 -34.74
CA GLU C 330 10.83 1.75 -33.97
C GLU C 330 10.40 0.76 -32.87
N PHE C 331 10.39 -0.53 -33.20
CA PHE C 331 10.05 -1.52 -32.18
C PHE C 331 11.17 -1.68 -31.13
N LYS C 332 12.42 -1.60 -31.57
CA LYS C 332 13.52 -1.63 -30.63
C LYS C 332 13.42 -0.41 -29.69
N GLU C 333 12.99 0.73 -30.21
CA GLU C 333 12.82 1.88 -29.35
C GLU C 333 11.69 1.67 -28.37
N TYR C 334 10.68 0.93 -28.76
CA TYR C 334 9.57 0.66 -27.88
C TYR C 334 10.00 -0.31 -26.80
N THR C 335 10.79 -1.30 -27.17
CA THR C 335 11.19 -2.31 -26.21
C THR C 335 12.02 -1.67 -25.08
N LYS C 336 13.03 -0.87 -25.46
CA LYS C 336 13.83 -0.14 -24.51
C LYS C 336 12.99 0.79 -23.60
N GLN C 337 12.07 1.54 -24.21
CA GLN C 337 11.14 2.37 -23.42
C GLN C 337 10.37 1.53 -22.38
N VAL C 338 10.01 0.29 -22.71
CA VAL C 338 9.31 -0.60 -21.75
C VAL C 338 10.20 -0.83 -20.55
N LEU C 339 11.47 -1.11 -20.82
CA LEU C 339 12.44 -1.32 -19.82
C LEU C 339 12.66 -0.03 -19.03
N LEU C 340 12.77 1.10 -19.72
CA LEU C 340 13.00 2.38 -19.06
C LEU C 340 11.85 2.82 -18.17
N ASN C 341 10.61 2.67 -18.64
CA ASN C 341 9.42 2.96 -17.82
C ASN C 341 9.35 2.07 -16.57
N SER C 342 9.71 0.79 -16.75
CA SER C 342 9.68 -0.16 -15.64
C SER C 342 10.68 0.20 -14.53
N LYS C 343 11.94 0.36 -14.91
CA LYS C 343 12.97 0.78 -13.98
C LYS C 343 12.64 2.13 -13.33
N ALA C 344 12.21 3.08 -14.13
CA ALA C 344 11.78 4.36 -13.57
C ALA C 344 10.70 4.17 -12.50
N LEU C 345 9.75 3.28 -12.76
CA LEU C 345 8.64 3.06 -11.83
C LEU C 345 9.14 2.45 -10.55
N ALA C 346 10.14 1.57 -10.69
CA ALA C 346 10.76 0.94 -9.54
C ALA C 346 11.37 2.02 -8.64
N GLU C 347 12.16 2.94 -9.21
CA GLU C 347 12.76 4.01 -8.45
C GLU C 347 11.69 4.70 -7.67
N CYS C 348 10.70 5.22 -8.39
CA CYS C 348 9.61 5.97 -7.77
C CYS C 348 9.02 5.23 -6.60
N LEU C 349 8.96 3.90 -6.73
CA LEU C 349 8.32 3.11 -5.70
C LEU C 349 9.27 2.88 -4.55
N LEU C 350 10.55 2.69 -4.84
CA LEU C 350 11.54 2.51 -3.79
C LEU C 350 11.79 3.81 -3.07
N LYS C 351 11.62 4.91 -3.79
CA LYS C 351 11.85 6.17 -3.16
C LYS C 351 10.71 6.46 -2.16
N ARG C 352 9.52 5.91 -2.42
CA ARG C 352 8.42 6.03 -1.48
C ARG C 352 8.41 4.88 -0.51
N ASN C 353 9.53 4.16 -0.43
CA ASN C 353 9.77 3.18 0.60
C ASN C 353 8.96 1.90 0.47
N LEU C 354 8.22 1.74 -0.63
CA LEU C 354 7.62 0.45 -0.95
C LEU C 354 8.69 -0.63 -1.05
N ASP C 355 8.37 -1.84 -0.62
CA ASP C 355 9.34 -2.94 -0.67
C ASP C 355 9.07 -3.79 -1.89
N LEU C 356 10.06 -3.87 -2.78
CA LEU C 356 9.92 -4.66 -4.01
C LEU C 356 10.67 -5.98 -3.89
N VAL C 357 10.00 -7.07 -4.24
CA VAL C 357 10.66 -8.39 -4.33
C VAL C 357 11.86 -8.35 -5.25
N THR C 358 12.99 -8.81 -4.72
CA THR C 358 14.31 -8.66 -5.33
C THR C 358 14.73 -7.21 -5.39
N ASN C 359 13.91 -6.30 -4.88
CA ASN C 359 14.33 -4.89 -4.70
C ASN C 359 14.61 -4.13 -5.98
N GLY C 360 13.89 -4.46 -7.03
CA GLY C 360 14.12 -3.85 -8.33
C GLY C 360 13.64 -4.76 -9.40
N THR C 361 14.06 -4.46 -10.62
CA THR C 361 13.65 -5.20 -11.79
C THR C 361 14.59 -5.04 -12.95
N ASP C 362 14.86 -6.16 -13.61
CA ASP C 362 15.72 -6.18 -14.78
C ASP C 362 14.87 -6.09 -15.99
N ASN C 363 13.55 -6.06 -15.80
CA ASN C 363 12.63 -6.12 -16.92
C ASN C 363 11.33 -5.34 -16.76
N HIS C 364 10.32 -5.74 -17.52
CA HIS C 364 9.07 -5.00 -17.65
C HIS C 364 8.17 -5.16 -16.43
N LEU C 365 8.49 -6.13 -15.59
CA LEU C 365 7.62 -6.55 -14.50
C LEU C 365 8.21 -6.16 -13.11
N ILE C 366 7.32 -5.95 -12.15
CA ILE C 366 7.66 -5.56 -10.77
C ILE C 366 6.70 -6.26 -9.83
N VAL C 367 7.19 -6.78 -8.71
CA VAL C 367 6.32 -7.37 -7.69
C VAL C 367 6.46 -6.62 -6.37
N VAL C 368 5.33 -6.15 -5.85
CA VAL C 368 5.35 -5.37 -4.63
C VAL C 368 5.05 -6.19 -3.39
N ASP C 369 5.98 -6.21 -2.44
CA ASP C 369 5.80 -6.85 -1.13
C ASP C 369 5.01 -5.95 -0.17
N LEU C 370 3.78 -6.38 0.12
CA LEU C 370 2.79 -5.52 0.78
C LEU C 370 2.65 -5.67 2.28
N ARG C 371 3.26 -6.70 2.86
CA ARG C 371 3.09 -7.01 4.28
C ARG C 371 3.52 -5.85 5.18
N LYS C 372 4.45 -5.02 4.72
CA LYS C 372 4.80 -3.75 5.38
C LYS C 372 3.61 -2.83 5.77
N TYR C 373 2.48 -3.00 5.09
CA TYR C 373 1.35 -2.12 5.31
C TYR C 373 0.21 -2.90 5.94
N ASN C 374 0.49 -4.17 6.26
CA ASN C 374 -0.51 -5.08 6.78
C ASN C 374 -1.75 -5.05 5.90
N ILE C 375 -1.60 -5.53 4.68
CA ILE C 375 -2.65 -5.51 3.70
C ILE C 375 -2.35 -6.67 2.75
N THR C 376 -3.40 -7.27 2.19
CA THR C 376 -3.24 -8.40 1.24
C THR C 376 -3.32 -7.91 -0.19
N GLY C 377 -2.63 -8.61 -1.10
CA GLY C 377 -2.70 -8.32 -2.53
C GLY C 377 -4.15 -8.19 -2.93
N SER C 378 -4.92 -9.20 -2.55
CA SER C 378 -6.35 -9.24 -2.83
C SER C 378 -7.00 -7.89 -2.49
N LYS C 379 -6.79 -7.39 -1.27
CA LYS C 379 -7.44 -6.15 -0.84
C LYS C 379 -7.08 -5.02 -1.77
N LEU C 380 -5.77 -4.82 -1.94
CA LEU C 380 -5.27 -3.79 -2.83
C LEU C 380 -5.78 -3.94 -4.27
N GLN C 381 -5.88 -5.20 -4.73
CA GLN C 381 -6.39 -5.49 -6.06
C GLN C 381 -7.78 -4.92 -6.24
N GLU C 382 -8.64 -5.10 -5.23
CA GLU C 382 -10.01 -4.61 -5.29
C GLU C 382 -10.08 -3.10 -5.17
N THR C 383 -9.13 -2.53 -4.45
CA THR C 383 -9.12 -1.09 -4.30
C THR C 383 -8.82 -0.48 -5.69
N CYS C 384 -7.80 -1.00 -6.34
CA CYS C 384 -7.42 -0.52 -7.66
C CYS C 384 -8.46 -0.81 -8.74
N ASN C 385 -9.10 -1.98 -8.71
CA ASN C 385 -10.20 -2.26 -9.64
C ASN C 385 -11.30 -1.21 -9.51
N ALA C 386 -11.58 -0.84 -8.26
CA ALA C 386 -12.61 0.14 -7.94
C ALA C 386 -12.26 1.54 -8.47
N ILE C 387 -10.97 1.78 -8.67
CA ILE C 387 -10.51 3.02 -9.31
C ILE C 387 -9.90 2.77 -10.69
N ASN C 388 -10.42 1.83 -11.46
CA ASN C 388 -9.95 1.63 -12.84
C ASN C 388 -8.41 1.51 -13.02
N ILE C 389 -7.73 0.93 -12.04
CA ILE C 389 -6.30 0.59 -12.17
C ILE C 389 -6.22 -0.92 -12.07
N ALA C 390 -5.74 -1.51 -13.16
CA ALA C 390 -5.70 -2.96 -13.27
C ALA C 390 -4.30 -3.53 -13.04
N LEU C 391 -4.20 -4.32 -11.97
CA LEU C 391 -3.00 -5.04 -11.61
C LEU C 391 -3.51 -6.35 -11.05
N ASN C 392 -2.63 -7.17 -10.50
CA ASN C 392 -3.07 -8.45 -9.94
C ASN C 392 -2.21 -8.95 -8.83
N LYS C 393 -2.83 -9.64 -7.89
CA LYS C 393 -2.19 -10.09 -6.67
C LYS C 393 -1.06 -11.03 -7.07
N ASN C 394 0.04 -10.92 -6.34
CA ASN C 394 1.13 -11.86 -6.52
C ASN C 394 1.64 -12.41 -5.21
N THR C 395 2.61 -13.31 -5.32
CA THR C 395 3.13 -14.03 -4.16
C THR C 395 4.53 -13.54 -3.84
N ILE C 396 4.81 -13.30 -2.56
CA ILE C 396 6.20 -13.07 -2.18
C ILE C 396 6.81 -14.40 -1.75
N PRO C 397 8.14 -14.50 -1.73
CA PRO C 397 8.79 -15.71 -1.28
C PRO C 397 8.26 -16.26 0.04
N SER C 398 7.84 -15.41 0.96
CA SER C 398 7.44 -15.85 2.31
C SER C 398 6.01 -16.39 2.48
N ASP C 399 5.30 -16.71 1.39
CA ASP C 399 3.92 -17.20 1.44
C ASP C 399 3.80 -18.72 1.24
N VAL C 400 2.62 -19.28 1.49
CA VAL C 400 2.31 -20.69 1.25
C VAL C 400 1.01 -20.81 0.42
N ASP C 401 -0.07 -20.23 0.94
CA ASP C 401 -1.42 -20.33 0.37
C ASP C 401 -1.77 -19.22 -0.63
N CYS C 402 -1.68 -19.57 -1.93
CA CYS C 402 -2.18 -18.75 -3.05
C CYS C 402 -3.58 -18.22 -2.75
N VAL C 403 -4.12 -18.70 -1.64
CA VAL C 403 -5.39 -18.25 -1.09
C VAL C 403 -5.27 -16.81 -0.58
N SER C 404 -4.14 -16.50 0.04
CA SER C 404 -3.88 -15.13 0.57
C SER C 404 -2.52 -14.52 0.15
N PRO C 405 -2.37 -14.12 -1.13
CA PRO C 405 -1.12 -13.54 -1.58
C PRO C 405 -0.86 -12.14 -1.02
N SER C 406 0.39 -11.97 -0.57
CA SER C 406 0.83 -10.76 0.13
C SER C 406 1.44 -9.71 -0.79
N GLY C 407 1.46 -9.97 -2.10
CA GLY C 407 2.00 -9.02 -3.04
C GLY C 407 1.09 -8.78 -4.23
N ILE C 408 1.59 -7.96 -5.16
CA ILE C 408 0.94 -7.67 -6.44
C ILE C 408 2.02 -7.59 -7.50
N ARG C 409 1.66 -7.84 -8.75
CA ARG C 409 2.57 -7.52 -9.86
C ARG C 409 2.05 -6.40 -10.77
N ILE C 410 2.95 -5.74 -11.49
CA ILE C 410 2.60 -4.67 -12.39
C ILE C 410 3.63 -4.71 -13.52
N GLY C 411 3.28 -4.24 -14.70
CA GLY C 411 4.19 -4.30 -15.83
C GLY C 411 3.94 -3.11 -16.70
N THR C 412 4.90 -2.78 -17.56
CA THR C 412 4.85 -1.53 -18.33
C THR C 412 4.58 -1.64 -19.84
N PRO C 413 4.49 -2.88 -20.40
CA PRO C 413 4.38 -2.95 -21.87
C PRO C 413 3.14 -2.32 -22.44
N ALA C 414 2.04 -2.34 -21.69
CA ALA C 414 0.79 -1.75 -22.18
C ALA C 414 0.86 -0.23 -22.13
N LEU C 415 1.30 0.31 -21.00
CA LEU C 415 1.35 1.76 -20.84
C LEU C 415 2.36 2.40 -21.80
N THR C 416 3.47 1.69 -22.00
CA THR C 416 4.52 2.13 -22.88
C THR C 416 4.00 2.26 -24.29
N THR C 417 3.21 1.26 -24.71
CA THR C 417 2.63 1.27 -26.03
C THR C 417 1.73 2.48 -26.13
N ARG C 418 1.09 2.82 -25.02
CA ARG C 418 0.16 3.93 -25.01
C ARG C 418 0.83 5.30 -24.89
N GLY C 419 2.15 5.32 -25.02
CA GLY C 419 2.91 6.58 -25.01
C GLY C 419 3.42 7.10 -23.66
N CYS C 420 3.20 6.37 -22.57
CA CYS C 420 3.75 6.78 -21.30
C CYS C 420 5.26 6.73 -21.38
N LYS C 421 5.90 7.71 -20.74
CA LYS C 421 7.37 7.80 -20.67
C LYS C 421 7.80 7.76 -19.19
N GLU C 422 9.10 7.84 -18.91
CA GLU C 422 9.58 7.75 -17.52
C GLU C 422 8.95 8.73 -16.53
N LYS C 423 8.85 9.99 -16.92
CA LYS C 423 8.27 10.96 -16.02
C LYS C 423 6.85 10.55 -15.65
N ASP C 424 6.20 9.75 -16.50
CA ASP C 424 4.80 9.36 -16.25
C ASP C 424 4.69 8.30 -15.17
N MET C 425 5.81 7.74 -14.74
CA MET C 425 5.74 6.73 -13.70
C MET C 425 5.51 7.31 -12.31
N GLU C 426 5.87 8.59 -12.13
CA GLU C 426 5.65 9.38 -10.90
C GLU C 426 4.20 9.30 -10.52
N PHE C 427 3.34 9.58 -11.48
CA PHE C 427 1.90 9.56 -11.27
C PHE C 427 1.44 8.17 -10.88
N ILE C 428 1.88 7.14 -11.60
CA ILE C 428 1.47 5.77 -11.27
C ILE C 428 1.87 5.46 -9.82
N ALA C 429 3.10 5.80 -9.46
CA ALA C 429 3.56 5.58 -8.10
C ALA C 429 2.64 6.25 -7.07
N ASP C 430 2.33 7.52 -7.31
CA ASP C 430 1.64 8.36 -6.34
C ASP C 430 0.29 7.74 -6.10
N MET C 431 -0.33 7.30 -7.19
CA MET C 431 -1.60 6.65 -7.19
C MET C 431 -1.62 5.34 -6.41
N LEU C 432 -0.74 4.42 -6.76
CA LEU C 432 -0.72 3.15 -6.02
C LEU C 432 -0.64 3.45 -4.52
N LEU C 433 0.28 4.33 -4.17
CA LEU C 433 0.45 4.73 -2.80
C LEU C 433 -0.86 5.23 -2.24
N LYS C 434 -1.48 6.23 -2.88
CA LYS C 434 -2.82 6.70 -2.45
C LYS C 434 -3.75 5.51 -2.19
N ALA C 435 -3.63 4.50 -3.05
CA ALA C 435 -4.47 3.33 -3.00
C ALA C 435 -4.10 2.40 -1.83
N ILE C 436 -2.82 2.41 -1.49
CA ILE C 436 -2.33 1.59 -0.41
C ILE C 436 -2.83 2.15 0.90
N LEU C 437 -2.81 3.48 1.02
CA LEU C 437 -3.20 4.20 2.22
C LEU C 437 -4.69 4.11 2.45
N LEU C 438 -5.46 4.14 1.35
CA LEU C 438 -6.88 3.97 1.42
C LEU C 438 -7.24 2.54 1.77
N THR C 439 -6.37 1.59 1.45
CA THR C 439 -6.62 0.18 1.75
C THR C 439 -6.50 -0.09 3.25
N ASP C 440 -5.49 0.48 3.89
CA ASP C 440 -5.32 0.31 5.32
C ASP C 440 -6.48 0.97 6.06
N GLU C 441 -6.82 2.16 5.61
CA GLU C 441 -7.86 2.96 6.25
C GLU C 441 -9.20 2.25 6.26
N LEU C 442 -9.64 1.76 5.09
CA LEU C 442 -10.91 1.04 5.00
C LEU C 442 -10.80 -0.23 5.76
N GLN C 443 -9.70 -0.92 5.57
CA GLN C 443 -9.47 -2.20 6.24
C GLN C 443 -9.89 -2.14 7.71
N GLN C 444 -9.46 -1.09 8.40
CA GLN C 444 -9.79 -0.88 9.82
C GLN C 444 -11.24 -0.46 10.08
N LYS C 445 -11.75 0.46 9.26
CA LYS C 445 -13.10 0.97 9.46
C LYS C 445 -14.16 -0.11 9.22
N TYR C 446 -13.87 -1.06 8.32
CA TYR C 446 -14.82 -2.07 7.88
C TYR C 446 -14.42 -3.52 8.19
N GLY C 447 -13.19 -3.72 8.66
CA GLY C 447 -12.69 -5.05 9.01
C GLY C 447 -11.71 -5.70 8.03
N LYS C 448 -10.95 -6.68 8.52
CA LYS C 448 -9.99 -7.47 7.72
C LYS C 448 -10.60 -8.69 6.99
N LYS C 449 -11.93 -8.74 6.91
CA LYS C 449 -12.63 -9.81 6.22
C LYS C 449 -12.91 -9.26 4.84
N LEU C 450 -12.50 -10.01 3.81
CA LEU C 450 -12.59 -9.53 2.44
C LEU C 450 -14.00 -9.05 2.08
N VAL C 451 -14.99 -9.75 2.63
CA VAL C 451 -16.39 -9.44 2.34
C VAL C 451 -16.77 -8.10 2.96
N ASP C 452 -16.40 -7.92 4.23
CA ASP C 452 -16.64 -6.66 4.92
C ASP C 452 -15.91 -5.50 4.27
N PHE C 453 -14.57 -5.55 4.29
CA PHE C 453 -13.72 -4.53 3.66
C PHE C 453 -14.27 -4.14 2.28
N LYS C 454 -14.63 -5.15 1.49
CA LYS C 454 -15.09 -4.98 0.10
C LYS C 454 -16.27 -4.02 0.01
N LYS C 455 -17.03 -3.95 1.10
CA LYS C 455 -18.22 -3.10 1.17
C LYS C 455 -17.86 -1.65 1.45
N GLY C 456 -16.70 -1.41 2.04
CA GLY C 456 -16.18 -0.06 2.20
C GLY C 456 -15.82 0.66 0.89
N LEU C 457 -15.83 -0.10 -0.21
CA LEU C 457 -15.53 0.42 -1.56
C LEU C 457 -16.81 0.85 -2.27
N VAL C 458 -17.94 0.31 -1.82
CA VAL C 458 -19.24 0.47 -2.49
C VAL C 458 -19.81 1.89 -2.35
N ASN C 459 -19.75 2.47 -1.16
CA ASN C 459 -20.38 3.78 -0.97
C ASN C 459 -19.42 4.94 -0.69
N ASN C 460 -18.14 4.74 -0.98
CA ASN C 460 -17.07 5.65 -0.57
C ASN C 460 -16.88 6.79 -1.58
N PRO C 461 -16.84 8.06 -1.11
CA PRO C 461 -16.56 9.19 -2.01
C PRO C 461 -15.06 9.44 -2.31
N LYS C 462 -14.20 8.94 -1.43
CA LYS C 462 -12.74 9.04 -1.63
C LYS C 462 -12.33 8.13 -2.81
N ILE C 463 -13.18 7.16 -3.13
CA ILE C 463 -13.00 6.25 -4.25
C ILE C 463 -13.49 6.85 -5.57
N ASP C 464 -14.66 7.50 -5.54
CA ASP C 464 -15.18 8.18 -6.73
C ASP C 464 -14.19 9.27 -7.19
N GLU C 465 -13.44 9.87 -6.25
CA GLU C 465 -12.47 10.95 -6.58
C GLU C 465 -11.23 10.43 -7.32
N LEU C 466 -10.76 9.27 -6.90
CA LEU C 466 -9.63 8.61 -7.55
C LEU C 466 -10.02 8.03 -8.92
N LYS C 467 -11.13 7.32 -8.99
CA LYS C 467 -11.62 6.82 -10.28
C LYS C 467 -11.69 7.94 -11.33
N LYS C 468 -12.22 9.09 -10.93
CA LYS C 468 -12.29 10.24 -11.82
C LYS C 468 -10.92 10.67 -12.33
N GLU C 469 -9.95 10.76 -11.41
CA GLU C 469 -8.59 11.14 -11.75
C GLU C 469 -7.98 10.14 -12.70
N VAL C 470 -8.24 8.87 -12.43
CA VAL C 470 -7.73 7.77 -13.23
C VAL C 470 -8.30 7.84 -14.62
N VAL C 471 -9.62 7.77 -14.70
CA VAL C 471 -10.33 7.69 -15.97
C VAL C 471 -9.98 8.89 -16.89
N GLN C 472 -9.56 10.00 -16.29
CA GLN C 472 -9.28 11.18 -17.08
C GLN C 472 -7.84 11.13 -17.57
N TRP C 473 -7.02 10.52 -16.75
CA TRP C 473 -5.64 10.30 -17.10
C TRP C 473 -5.55 9.34 -18.22
N ALA C 474 -6.32 8.28 -18.11
CA ALA C 474 -6.27 7.21 -19.09
C ALA C 474 -6.90 7.57 -20.43
N LYS C 475 -8.02 8.28 -20.39
CA LYS C 475 -8.71 8.70 -21.61
C LYS C 475 -7.78 9.49 -22.50
N ASN C 476 -6.88 10.23 -21.85
CA ASN C 476 -5.90 11.06 -22.52
C ASN C 476 -4.83 10.33 -23.30
N LEU C 477 -4.43 9.16 -22.83
CA LEU C 477 -3.37 8.39 -23.50
C LEU C 477 -3.81 7.84 -24.84
N PRO C 478 -2.96 7.92 -25.87
CA PRO C 478 -3.26 7.25 -27.13
C PRO C 478 -3.68 5.77 -26.93
N PHE C 479 -4.50 5.29 -27.85
CA PHE C 479 -5.05 3.94 -27.81
C PHE C 479 -4.95 3.30 -29.18
N ALA C 480 -4.37 2.10 -29.24
CA ALA C 480 -4.28 1.41 -30.52
C ALA C 480 -5.61 0.72 -30.82
N THR D 36 3.25 13.87 -27.20
CA THR D 36 3.81 12.49 -27.07
C THR D 36 2.86 11.42 -27.65
N PRO D 37 3.02 11.12 -28.95
CA PRO D 37 2.33 10.00 -29.59
C PRO D 37 2.70 8.62 -29.01
N GLY D 38 1.71 7.75 -29.00
CA GLY D 38 1.90 6.36 -28.58
C GLY D 38 2.87 5.63 -29.48
N MET D 39 3.48 4.59 -28.96
CA MET D 39 4.55 3.91 -29.65
C MET D 39 4.06 2.78 -30.56
N PHE D 40 3.16 3.09 -31.48
CA PHE D 40 2.60 2.06 -32.31
C PHE D 40 2.30 2.57 -33.68
N ASN D 41 2.30 1.65 -34.63
CA ASN D 41 1.87 1.95 -35.97
C ASN D 41 0.50 1.34 -36.29
N ASN D 42 -0.52 2.19 -36.35
CA ASN D 42 -1.86 1.70 -36.58
C ASN D 42 -2.24 1.77 -38.05
N ASP D 43 -1.25 2.01 -38.92
CA ASP D 43 -1.49 2.12 -40.35
C ASP D 43 -2.24 0.90 -40.91
N PRO D 44 -2.92 1.07 -42.06
CA PRO D 44 -3.53 -0.09 -42.72
C PRO D 44 -2.52 -1.11 -43.22
N LEU D 45 -2.97 -2.36 -43.32
CA LEU D 45 -2.07 -3.45 -43.64
C LEU D 45 -1.42 -3.27 -45.02
N GLN D 46 -2.18 -2.64 -45.93
CA GLN D 46 -1.72 -2.41 -47.30
C GLN D 46 -0.41 -1.62 -47.32
N LYS D 47 -0.37 -0.62 -46.44
CA LYS D 47 0.66 0.38 -46.39
C LYS D 47 1.80 -0.14 -45.54
N TYR D 48 1.44 -0.64 -44.36
CA TYR D 48 2.42 -1.13 -43.39
C TYR D 48 3.20 -2.34 -43.89
N ASP D 49 2.50 -3.27 -44.54
CA ASP D 49 3.06 -4.58 -44.87
C ASP D 49 2.45 -5.09 -46.18
N LYS D 50 2.76 -4.36 -47.24
CA LYS D 50 2.28 -4.69 -48.56
C LYS D 50 2.51 -6.19 -48.84
N GLU D 51 3.68 -6.73 -48.51
CA GLU D 51 3.95 -8.12 -48.87
C GLU D 51 2.88 -9.04 -48.31
N LEU D 52 2.48 -8.82 -47.06
CA LEU D 52 1.57 -9.73 -46.38
C LEU D 52 0.17 -9.46 -46.92
N PHE D 53 -0.10 -8.18 -47.12
CA PHE D 53 -1.38 -7.77 -47.67
C PHE D 53 -1.69 -8.39 -49.03
N ASP D 54 -0.65 -8.54 -49.86
CA ASP D 54 -0.75 -9.09 -51.22
C ASP D 54 -1.19 -10.55 -51.16
N LEU D 55 -0.42 -11.32 -50.39
CA LEU D 55 -0.66 -12.74 -50.23
C LEU D 55 -2.07 -12.97 -49.69
N LEU D 56 -2.46 -12.21 -48.67
CA LEU D 56 -3.84 -12.29 -48.16
C LEU D 56 -4.87 -12.08 -49.25
N GLU D 57 -4.69 -11.04 -50.06
CA GLU D 57 -5.63 -10.75 -51.15
C GLU D 57 -5.69 -11.89 -52.17
N LYS D 58 -4.51 -12.39 -52.54
CA LYS D 58 -4.44 -13.50 -53.48
C LYS D 58 -5.25 -14.64 -52.93
N GLU D 59 -5.15 -14.83 -51.61
CA GLU D 59 -5.95 -15.84 -50.93
C GLU D 59 -7.46 -15.68 -51.11
N LYS D 60 -7.98 -14.47 -50.87
CA LYS D 60 -9.42 -14.15 -51.01
C LYS D 60 -9.96 -14.48 -52.40
N ASN D 61 -9.17 -14.15 -53.43
CA ASN D 61 -9.59 -14.44 -54.79
C ASN D 61 -9.49 -15.92 -55.15
N ARG D 62 -8.49 -16.62 -54.61
CA ARG D 62 -8.44 -18.05 -54.79
C ARG D 62 -9.72 -18.68 -54.27
N GLN D 63 -10.19 -18.20 -53.11
CA GLN D 63 -11.45 -18.67 -52.54
C GLN D 63 -12.70 -18.31 -53.36
N ILE D 64 -12.77 -17.06 -53.85
CA ILE D 64 -13.88 -16.59 -54.69
C ILE D 64 -14.03 -17.45 -55.97
N GLU D 65 -12.88 -17.77 -56.56
CA GLU D 65 -12.83 -18.50 -57.83
C GLU D 65 -12.67 -20.01 -57.66
N THR D 66 -13.11 -20.53 -56.52
CA THR D 66 -13.03 -21.97 -56.27
C THR D 66 -14.38 -22.58 -55.94
N ILE D 67 -14.63 -23.75 -56.54
CA ILE D 67 -15.83 -24.52 -56.26
C ILE D 67 -15.45 -25.45 -55.12
N ASN D 68 -15.83 -25.03 -53.92
CA ASN D 68 -15.43 -25.68 -52.69
C ASN D 68 -16.34 -26.82 -52.28
N LEU D 69 -15.82 -28.04 -52.32
CA LEU D 69 -16.66 -29.18 -51.92
C LEU D 69 -16.15 -29.85 -50.65
N ILE D 70 -15.20 -29.20 -50.00
CA ILE D 70 -14.67 -29.72 -48.74
C ILE D 70 -15.69 -29.61 -47.59
N ALA D 71 -16.17 -30.79 -47.17
CA ALA D 71 -17.32 -30.90 -46.26
C ALA D 71 -17.12 -30.25 -44.87
N SER D 72 -15.90 -29.84 -44.56
CA SER D 72 -15.56 -29.26 -43.25
C SER D 72 -15.21 -27.80 -43.37
N GLU D 73 -15.46 -27.21 -44.54
CA GLU D 73 -15.24 -25.78 -44.75
C GLU D 73 -16.56 -25.06 -44.96
N ASN D 74 -16.63 -23.82 -44.49
CA ASN D 74 -17.75 -22.91 -44.69
C ASN D 74 -17.18 -21.52 -44.84
N LEU D 75 -18.03 -20.50 -44.74
CA LEU D 75 -17.62 -19.11 -44.85
C LEU D 75 -18.19 -18.27 -43.72
N THR D 76 -17.32 -17.52 -43.03
CA THR D 76 -17.79 -16.58 -42.01
C THR D 76 -18.25 -15.30 -42.63
N ASN D 77 -19.27 -14.72 -42.01
CA ASN D 77 -19.91 -13.52 -42.50
C ASN D 77 -19.38 -12.33 -41.72
N THR D 78 -19.76 -11.14 -42.17
CA THR D 78 -19.14 -9.90 -41.73
C THR D 78 -19.04 -9.71 -40.23
N ALA D 79 -20.10 -10.04 -39.51
CA ALA D 79 -20.15 -9.78 -38.07
C ALA D 79 -19.19 -10.67 -37.28
N VAL D 80 -19.08 -11.93 -37.66
CA VAL D 80 -18.19 -12.82 -36.92
C VAL D 80 -16.77 -12.31 -37.03
N ARG D 81 -16.35 -11.99 -38.25
CA ARG D 81 -15.01 -11.51 -38.53
C ARG D 81 -14.74 -10.19 -37.84
N GLU D 82 -15.76 -9.36 -37.74
CA GLU D 82 -15.66 -8.14 -36.96
C GLU D 82 -15.27 -8.49 -35.53
N CYS D 83 -15.84 -9.57 -35.02
CA CYS D 83 -15.63 -10.00 -33.64
C CYS D 83 -14.21 -10.50 -33.46
N LEU D 84 -13.79 -11.37 -34.37
CA LEU D 84 -12.45 -11.96 -34.31
C LEU D 84 -11.34 -10.93 -34.21
N GLY D 85 -11.55 -9.79 -34.86
CA GLY D 85 -10.58 -8.71 -34.89
C GLY D 85 -10.79 -7.76 -33.73
N ASP D 86 -11.86 -7.97 -32.97
CA ASP D 86 -12.13 -7.05 -31.87
C ASP D 86 -11.08 -7.09 -30.76
N ARG D 87 -10.83 -5.93 -30.18
CA ARG D 87 -9.77 -5.74 -29.22
C ARG D 87 -10.03 -6.44 -27.88
N ILE D 88 -11.13 -7.17 -27.75
CA ILE D 88 -11.41 -7.85 -26.49
C ILE D 88 -10.32 -8.89 -26.20
N SER D 89 -9.57 -9.21 -27.24
CA SER D 89 -8.49 -10.18 -27.12
C SER D 89 -7.28 -9.60 -26.32
N ASN D 90 -7.27 -8.30 -26.15
CA ASN D 90 -6.32 -7.62 -25.27
C ASN D 90 -6.47 -7.98 -23.80
N LYS D 91 -7.60 -8.58 -23.41
CA LYS D 91 -7.87 -8.85 -21.99
C LYS D 91 -7.60 -10.27 -21.53
N TYR D 92 -6.93 -10.43 -20.39
CA TYR D 92 -6.70 -11.78 -19.84
C TYR D 92 -7.84 -12.12 -18.91
N SER D 93 -8.49 -13.26 -19.18
CA SER D 93 -9.67 -13.64 -18.41
C SER D 93 -9.52 -15.05 -17.84
N GLU D 94 -8.33 -15.39 -17.36
CA GLU D 94 -8.13 -16.67 -16.74
C GLU D 94 -9.13 -16.80 -15.62
N GLY D 95 -9.82 -17.94 -15.58
CA GLY D 95 -10.89 -18.16 -14.60
C GLY D 95 -12.23 -18.29 -15.27
N TYR D 96 -13.30 -18.27 -14.49
CA TYR D 96 -14.66 -18.35 -15.05
C TYR D 96 -15.42 -17.15 -14.52
N PRO D 97 -16.57 -16.82 -15.11
CA PRO D 97 -17.21 -15.58 -14.66
C PRO D 97 -17.42 -15.45 -13.17
N HIS D 98 -16.97 -14.33 -12.62
CA HIS D 98 -17.07 -14.02 -11.20
C HIS D 98 -16.12 -14.82 -10.38
N LYS D 99 -15.39 -15.69 -11.05
CA LYS D 99 -14.41 -16.54 -10.40
C LYS D 99 -13.03 -16.34 -11.05
N ARG D 100 -12.86 -15.14 -11.62
CA ARG D 100 -11.68 -14.74 -12.34
C ARG D 100 -10.51 -14.46 -11.42
N TYR D 101 -9.30 -14.57 -11.96
CA TYR D 101 -8.07 -14.20 -11.26
C TYR D 101 -7.89 -12.69 -11.22
N TYR D 102 -7.91 -12.10 -12.43
CA TYR D 102 -7.66 -10.68 -12.64
C TYR D 102 -8.97 -9.90 -12.62
N GLY D 103 -8.90 -8.65 -12.19
CA GLY D 103 -10.07 -7.76 -12.22
C GLY D 103 -10.24 -7.10 -13.58
N GLY D 104 -11.42 -6.53 -13.80
CA GLY D 104 -11.73 -5.85 -15.05
C GLY D 104 -12.40 -6.77 -16.04
N ASN D 105 -13.13 -7.75 -15.53
CA ASN D 105 -13.81 -8.72 -16.38
C ASN D 105 -15.34 -8.60 -16.37
N ASP D 106 -15.88 -7.42 -16.08
CA ASP D 106 -17.33 -7.19 -16.06
C ASP D 106 -17.99 -7.56 -17.39
N TYR D 107 -17.54 -6.94 -18.47
CA TYR D 107 -18.11 -7.21 -19.78
C TYR D 107 -17.62 -8.52 -20.37
N VAL D 108 -16.38 -8.88 -20.07
CA VAL D 108 -15.92 -10.18 -20.47
C VAL D 108 -16.93 -11.19 -19.93
N ASP D 109 -17.30 -11.02 -18.67
CA ASP D 109 -18.22 -11.92 -17.99
C ASP D 109 -19.62 -11.85 -18.59
N LYS D 110 -20.15 -10.65 -18.78
CA LYS D 110 -21.43 -10.47 -19.49
C LYS D 110 -21.41 -11.30 -20.77
N ILE D 111 -20.32 -11.22 -21.53
CA ILE D 111 -20.25 -11.88 -22.84
C ILE D 111 -20.05 -13.37 -22.76
N GLU D 112 -19.19 -13.85 -21.86
CA GLU D 112 -19.06 -15.29 -21.69
C GLU D 112 -20.42 -15.84 -21.30
N GLU D 113 -21.15 -15.13 -20.43
CA GLU D 113 -22.40 -15.68 -19.91
C GLU D 113 -23.47 -15.70 -20.98
N LEU D 114 -23.46 -14.65 -21.79
CA LEU D 114 -24.32 -14.54 -22.95
C LEU D 114 -23.99 -15.69 -23.91
N CYS D 115 -22.73 -16.09 -23.93
CA CYS D 115 -22.32 -17.15 -24.83
C CYS D 115 -22.94 -18.44 -24.34
N TYR D 116 -22.81 -18.70 -23.03
CA TYR D 116 -23.49 -19.83 -22.37
C TYR D 116 -24.97 -19.85 -22.75
N LYS D 117 -25.64 -18.72 -22.55
CA LYS D 117 -27.07 -18.66 -22.75
C LYS D 117 -27.42 -19.02 -24.21
N ARG D 118 -26.83 -18.29 -25.16
CA ARG D 118 -27.05 -18.53 -26.59
C ARG D 118 -26.63 -19.92 -27.04
N ALA D 119 -25.73 -20.56 -26.29
CA ALA D 119 -25.28 -21.92 -26.62
C ALA D 119 -26.36 -22.96 -26.28
N LEU D 120 -26.82 -22.95 -25.03
CA LEU D 120 -27.86 -23.87 -24.58
C LEU D 120 -29.14 -23.66 -25.38
N GLU D 121 -29.41 -22.40 -25.69
CA GLU D 121 -30.55 -22.01 -26.49
C GLU D 121 -30.46 -22.63 -27.87
N ALA D 122 -29.27 -22.58 -28.46
CA ALA D 122 -29.07 -23.05 -29.84
C ALA D 122 -29.37 -24.52 -29.95
N PHE D 123 -28.99 -25.30 -28.95
CA PHE D 123 -29.19 -26.74 -29.01
C PHE D 123 -30.38 -27.22 -28.19
N ASN D 124 -31.22 -26.27 -27.81
CA ASN D 124 -32.47 -26.57 -27.10
C ASN D 124 -32.24 -27.56 -25.99
N VAL D 125 -31.57 -27.12 -24.94
CA VAL D 125 -31.47 -27.89 -23.71
C VAL D 125 -31.58 -26.88 -22.59
N SER D 126 -31.56 -27.34 -21.36
CA SER D 126 -31.78 -26.42 -20.26
C SER D 126 -30.62 -26.36 -19.29
N GLU D 127 -30.50 -25.19 -18.66
CA GLU D 127 -29.40 -24.86 -17.78
C GLU D 127 -29.43 -25.45 -16.38
N GLU D 128 -30.48 -26.20 -16.08
CA GLU D 128 -30.55 -27.03 -14.86
C GLU D 128 -30.09 -28.43 -15.22
N GLU D 129 -30.26 -28.77 -16.50
CA GLU D 129 -29.92 -30.11 -17.00
C GLU D 129 -28.51 -30.13 -17.64
N TRP D 130 -28.20 -29.09 -18.42
CA TRP D 130 -26.96 -28.98 -19.21
C TRP D 130 -26.08 -27.79 -18.92
N GLY D 131 -24.78 -28.04 -18.87
CA GLY D 131 -23.82 -26.96 -18.86
C GLY D 131 -22.94 -27.06 -20.08
N VAL D 132 -22.32 -25.92 -20.41
CA VAL D 132 -21.43 -25.74 -21.56
C VAL D 132 -20.15 -24.99 -21.15
N ASN D 133 -19.04 -25.31 -21.79
CA ASN D 133 -17.81 -24.57 -21.59
C ASN D 133 -17.36 -23.96 -22.90
N VAL D 134 -17.24 -22.65 -22.94
CA VAL D 134 -16.96 -21.96 -24.18
C VAL D 134 -15.48 -21.54 -24.37
N GLN D 135 -14.54 -22.10 -23.60
CA GLN D 135 -13.13 -21.61 -23.71
C GLN D 135 -12.18 -22.40 -24.63
N PRO D 136 -12.57 -23.62 -25.08
CA PRO D 136 -11.62 -24.43 -25.82
C PRO D 136 -11.30 -23.79 -27.17
N LEU D 137 -10.03 -23.74 -27.53
CA LEU D 137 -9.61 -22.96 -28.69
C LEU D 137 -9.97 -23.64 -29.99
N SER D 138 -10.15 -24.94 -29.96
CA SER D 138 -10.40 -25.66 -31.18
C SER D 138 -11.08 -26.97 -30.84
N GLY D 139 -11.50 -27.67 -31.88
CA GLY D 139 -12.20 -28.93 -31.74
C GLY D 139 -11.31 -29.94 -31.07
N SER D 140 -10.09 -30.06 -31.58
CA SER D 140 -9.14 -31.05 -31.08
C SER D 140 -8.89 -30.90 -29.60
N ALA D 141 -8.90 -29.66 -29.12
CA ALA D 141 -8.58 -29.34 -27.74
C ALA D 141 -9.78 -29.69 -26.90
N ALA D 142 -10.95 -29.24 -27.36
CA ALA D 142 -12.20 -29.58 -26.68
C ALA D 142 -12.27 -31.08 -26.41
N ASN D 143 -11.73 -31.89 -27.30
CA ASN D 143 -11.83 -33.32 -27.14
C ASN D 143 -10.85 -33.92 -26.18
N VAL D 144 -9.58 -33.51 -26.26
CA VAL D 144 -8.59 -34.01 -25.33
C VAL D 144 -8.98 -33.56 -23.92
N GLN D 145 -9.37 -32.29 -23.77
CA GLN D 145 -9.81 -31.77 -22.45
C GLN D 145 -10.98 -32.59 -21.88
N ALA D 146 -12.10 -32.65 -22.61
CA ALA D 146 -13.27 -33.42 -22.18
C ALA D 146 -12.90 -34.86 -21.83
N LEU D 147 -12.27 -35.58 -22.76
CA LEU D 147 -11.83 -36.93 -22.48
C LEU D 147 -11.05 -37.02 -21.17
N TYR D 148 -10.04 -36.16 -21.03
CA TYR D 148 -9.26 -36.11 -19.81
C TYR D 148 -10.17 -35.97 -18.60
N ALA D 149 -11.05 -34.98 -18.63
CA ALA D 149 -12.00 -34.74 -17.51
C ALA D 149 -12.80 -35.97 -17.13
N LEU D 150 -12.99 -36.88 -18.07
CA LEU D 150 -13.87 -38.03 -17.84
C LEU D 150 -13.14 -39.32 -17.44
N VAL D 151 -11.92 -39.50 -17.92
CA VAL D 151 -11.20 -40.75 -17.65
C VAL D 151 -9.81 -40.59 -17.02
N GLY D 152 -9.19 -39.43 -17.20
CA GLY D 152 -7.87 -39.19 -16.59
C GLY D 152 -6.76 -39.91 -17.32
N VAL D 153 -5.54 -39.78 -16.82
CA VAL D 153 -4.39 -40.37 -17.48
C VAL D 153 -4.53 -41.87 -17.63
N LYS D 154 -4.24 -42.35 -18.82
CA LYS D 154 -4.31 -43.78 -19.14
C LYS D 154 -5.71 -44.34 -18.94
N GLY D 155 -6.72 -43.47 -19.04
CA GLY D 155 -8.11 -43.90 -18.95
C GLY D 155 -8.45 -44.65 -20.22
N LYS D 156 -9.50 -45.46 -20.18
CA LYS D 156 -9.86 -46.27 -21.34
C LYS D 156 -10.99 -45.64 -22.14
N ILE D 157 -10.69 -45.36 -23.41
CA ILE D 157 -11.63 -44.75 -24.33
C ILE D 157 -11.75 -45.60 -25.58
N MET D 158 -12.92 -45.53 -26.18
CA MET D 158 -13.19 -46.25 -27.40
C MET D 158 -13.82 -45.32 -28.43
N GLY D 159 -13.25 -45.34 -29.61
CA GLY D 159 -13.72 -44.49 -30.70
C GLY D 159 -13.73 -45.18 -32.05
N MET D 160 -14.20 -44.48 -33.06
CA MET D 160 -14.18 -45.07 -34.38
C MET D 160 -12.84 -44.86 -35.08
N HIS D 161 -12.37 -45.90 -35.77
CA HIS D 161 -11.14 -45.81 -36.55
C HIS D 161 -11.17 -44.74 -37.61
N LEU D 162 -10.07 -43.99 -37.68
CA LEU D 162 -9.93 -42.89 -38.62
C LEU D 162 -10.41 -43.27 -40.01
N CYS D 163 -9.95 -44.43 -40.52
CA CYS D 163 -10.25 -44.84 -41.89
C CYS D 163 -11.74 -45.06 -42.17
N SER D 164 -12.51 -45.35 -41.11
CA SER D 164 -13.95 -45.53 -41.17
C SER D 164 -14.68 -44.23 -40.87
N GLY D 165 -13.93 -43.20 -40.53
CA GLY D 165 -14.51 -41.88 -40.30
C GLY D 165 -14.41 -41.31 -38.89
N GLY D 166 -13.62 -41.92 -38.01
CA GLY D 166 -13.39 -41.35 -36.68
C GLY D 166 -12.37 -40.24 -36.78
N HIS D 167 -12.42 -39.31 -35.82
CA HIS D 167 -11.47 -38.22 -35.79
C HIS D 167 -10.18 -38.64 -35.16
N LEU D 168 -9.15 -37.84 -35.39
CA LEU D 168 -7.83 -38.09 -34.85
C LEU D 168 -7.89 -38.11 -33.34
N THR D 169 -8.78 -37.30 -32.80
CA THR D 169 -8.88 -37.16 -31.35
C THR D 169 -9.74 -38.24 -30.73
N HIS D 170 -10.13 -39.22 -31.53
CA HIS D 170 -11.01 -40.27 -31.04
C HIS D 170 -10.26 -41.47 -30.56
N GLY D 171 -8.94 -41.37 -30.52
CA GLY D 171 -8.13 -42.44 -29.96
C GLY D 171 -7.27 -43.07 -31.01
N PHE D 172 -7.11 -42.40 -32.15
CA PHE D 172 -6.44 -43.01 -33.28
C PHE D 172 -4.95 -43.27 -33.10
N PHE D 173 -4.59 -44.54 -33.26
CA PHE D 173 -3.21 -44.93 -33.34
C PHE D 173 -2.98 -45.76 -34.57
N ASP D 174 -1.83 -45.53 -35.17
CA ASP D 174 -1.35 -46.33 -36.26
C ASP D 174 -0.63 -47.52 -35.62
N GLU D 175 0.03 -48.31 -36.44
CA GLU D 175 0.85 -49.36 -35.87
C GLU D 175 2.32 -48.97 -35.89
N LYS D 176 2.65 -47.98 -36.72
CA LYS D 176 3.94 -47.31 -36.65
C LYS D 176 3.98 -46.50 -35.34
N LYS D 177 3.04 -45.57 -35.18
CA LYS D 177 3.06 -44.64 -34.07
C LYS D 177 1.79 -44.58 -33.22
N LYS D 178 1.88 -43.96 -32.05
CA LYS D 178 0.69 -43.51 -31.35
C LYS D 178 0.44 -42.15 -31.95
N VAL D 179 -0.29 -42.08 -33.06
CA VAL D 179 -0.34 -40.83 -33.82
C VAL D 179 -0.97 -39.71 -33.00
N SER D 180 -2.07 -40.03 -32.33
CA SER D 180 -2.80 -39.02 -31.60
C SER D 180 -2.48 -39.14 -30.14
N ILE D 181 -2.34 -37.99 -29.50
CA ILE D 181 -2.09 -37.96 -28.08
C ILE D 181 -3.14 -38.80 -27.38
N THR D 182 -4.32 -38.85 -27.98
CA THR D 182 -5.45 -39.56 -27.41
C THR D 182 -5.18 -41.04 -27.28
N SER D 183 -4.40 -41.59 -28.20
CA SER D 183 -3.92 -42.96 -28.10
C SER D 183 -2.78 -43.20 -27.09
N ASP D 184 -2.00 -42.16 -26.81
CA ASP D 184 -0.91 -42.27 -25.83
C ASP D 184 -1.32 -41.89 -24.40
N LEU D 185 -2.03 -40.77 -24.25
CA LEU D 185 -2.48 -40.31 -22.95
C LEU D 185 -3.53 -41.25 -22.39
N PHE D 186 -4.35 -41.79 -23.27
CA PHE D 186 -5.39 -42.70 -22.88
C PHE D 186 -5.12 -44.06 -23.50
N GLU D 187 -5.80 -45.08 -23.00
CA GLU D 187 -5.74 -46.40 -23.58
C GLU D 187 -6.90 -46.44 -24.55
N SER D 188 -6.62 -46.68 -25.83
CA SER D 188 -7.69 -46.60 -26.82
C SER D 188 -7.88 -47.88 -27.62
N LYS D 189 -9.14 -48.14 -27.95
CA LYS D 189 -9.50 -49.21 -28.87
C LYS D 189 -10.35 -48.59 -29.99
N LEU D 190 -10.04 -48.93 -31.24
CA LEU D 190 -10.78 -48.41 -32.39
C LEU D 190 -11.80 -49.42 -32.90
N TYR D 191 -13.06 -49.00 -33.06
CA TYR D 191 -14.07 -49.82 -33.71
C TYR D 191 -14.21 -49.44 -35.20
N LYS D 192 -14.90 -50.23 -35.98
CA LYS D 192 -15.00 -49.92 -37.41
C LYS D 192 -16.39 -50.05 -37.97
N CYS D 193 -16.52 -49.87 -39.27
CA CYS D 193 -17.80 -50.03 -39.95
C CYS D 193 -17.77 -51.30 -40.79
N ASN D 194 -18.94 -51.77 -41.23
CA ASN D 194 -19.00 -52.93 -42.11
C ASN D 194 -18.66 -52.60 -43.57
N SER D 195 -18.59 -53.63 -44.40
CA SER D 195 -18.23 -53.49 -45.81
C SER D 195 -19.13 -52.53 -46.61
N GLU D 196 -20.36 -52.32 -46.15
CA GLU D 196 -21.28 -51.37 -46.78
C GLU D 196 -21.03 -49.91 -46.35
N GLY D 197 -20.29 -49.74 -45.26
CA GLY D 197 -19.91 -48.42 -44.76
C GLY D 197 -20.65 -47.96 -43.51
N TYR D 198 -21.59 -48.76 -43.05
CA TYR D 198 -22.37 -48.42 -41.87
C TYR D 198 -21.62 -48.74 -40.60
N VAL D 199 -21.92 -47.99 -39.54
CA VAL D 199 -21.35 -48.26 -38.23
C VAL D 199 -21.83 -49.64 -37.83
N ASP D 200 -20.91 -50.45 -37.34
CA ASP D 200 -21.22 -51.82 -36.96
C ASP D 200 -21.56 -51.79 -35.48
N MET D 201 -22.85 -51.68 -35.17
CA MET D 201 -23.31 -51.58 -33.79
C MET D 201 -22.93 -52.84 -33.01
N GLU D 202 -23.03 -54.01 -33.63
CA GLU D 202 -22.63 -55.19 -32.87
C GLU D 202 -21.13 -55.28 -32.68
N SER D 203 -20.34 -54.87 -33.67
CA SER D 203 -18.87 -54.80 -33.49
C SER D 203 -18.45 -53.76 -32.44
N VAL D 204 -19.23 -52.67 -32.36
CA VAL D 204 -19.09 -51.66 -31.32
C VAL D 204 -19.27 -52.35 -29.99
N ARG D 205 -20.32 -53.16 -29.90
CA ARG D 205 -20.79 -53.80 -28.67
C ARG D 205 -19.98 -55.01 -28.21
N ASN D 206 -19.35 -55.73 -29.14
CA ASN D 206 -18.43 -56.80 -28.73
C ASN D 206 -17.19 -56.18 -28.09
N LEU D 207 -16.51 -55.35 -28.86
CA LEU D 207 -15.36 -54.62 -28.38
C LEU D 207 -15.63 -53.94 -27.02
N ALA D 208 -16.81 -53.32 -26.87
CA ALA D 208 -17.21 -52.64 -25.62
C ALA D 208 -17.26 -53.56 -24.39
N LEU D 209 -17.69 -54.80 -24.60
CA LEU D 209 -17.80 -55.78 -23.52
C LEU D 209 -16.45 -56.41 -23.19
N SER D 210 -15.61 -56.54 -24.22
CA SER D 210 -14.26 -57.06 -24.06
C SER D 210 -13.33 -56.03 -23.43
N PHE D 211 -13.41 -54.79 -23.92
CA PHE D 211 -12.50 -53.73 -23.52
C PHE D 211 -12.82 -53.04 -22.18
N GLN D 212 -14.11 -52.91 -21.84
CA GLN D 212 -14.52 -52.23 -20.62
C GLN D 212 -14.12 -50.74 -20.56
N PRO D 213 -14.27 -50.01 -21.68
CA PRO D 213 -13.95 -48.57 -21.73
C PRO D 213 -14.93 -47.73 -20.91
N LYS D 214 -14.50 -46.54 -20.47
CA LYS D 214 -15.36 -45.62 -19.67
C LYS D 214 -16.04 -44.57 -20.53
N VAL D 215 -15.52 -44.38 -21.73
CA VAL D 215 -16.16 -43.46 -22.66
C VAL D 215 -16.25 -44.10 -24.04
N ILE D 216 -17.44 -43.99 -24.65
CA ILE D 216 -17.65 -44.42 -26.04
C ILE D 216 -17.95 -43.20 -26.90
N ILE D 217 -17.11 -43.02 -27.91
CA ILE D 217 -17.17 -41.85 -28.74
C ILE D 217 -17.85 -42.18 -30.04
N CYS D 218 -18.77 -41.31 -30.44
CA CYS D 218 -19.46 -41.43 -31.70
C CYS D 218 -19.62 -40.01 -32.19
N GLY D 219 -19.85 -39.85 -33.50
CA GLY D 219 -19.80 -38.53 -34.16
C GLY D 219 -18.51 -38.56 -34.96
N TYR D 220 -18.55 -38.26 -36.25
CA TYR D 220 -17.41 -38.61 -37.10
C TYR D 220 -17.04 -37.63 -38.21
N THR D 221 -15.91 -37.89 -38.85
CA THR D 221 -15.34 -37.05 -39.89
C THR D 221 -15.99 -37.22 -41.24
N SER D 222 -16.17 -38.47 -41.67
CA SER D 222 -16.55 -38.72 -43.05
C SER D 222 -17.63 -39.80 -43.18
N TYR D 223 -18.63 -39.72 -42.31
CA TYR D 223 -19.71 -40.68 -42.31
C TYR D 223 -20.95 -40.04 -42.91
N PRO D 224 -21.56 -40.70 -43.90
CA PRO D 224 -22.68 -40.11 -44.65
C PRO D 224 -24.06 -40.35 -44.05
N ARG D 225 -24.15 -41.15 -42.98
CA ARG D 225 -25.47 -41.37 -42.39
C ARG D 225 -25.63 -40.79 -40.99
N ASP D 226 -26.82 -40.99 -40.41
CA ASP D 226 -27.15 -40.46 -39.09
C ASP D 226 -26.68 -41.50 -38.07
N ILE D 227 -26.60 -41.09 -36.82
CA ILE D 227 -26.02 -41.94 -35.78
C ILE D 227 -27.10 -42.44 -34.85
N ASP D 228 -27.02 -43.71 -34.51
CA ASP D 228 -28.00 -44.30 -33.63
C ASP D 228 -27.52 -44.06 -32.21
N TYR D 229 -27.74 -42.83 -31.72
CA TYR D 229 -27.31 -42.54 -30.36
C TYR D 229 -27.98 -43.49 -29.41
N LYS D 230 -29.31 -43.63 -29.52
CA LYS D 230 -30.03 -44.57 -28.67
C LYS D 230 -29.36 -45.97 -28.62
N GLY D 231 -28.89 -46.46 -29.77
CA GLY D 231 -28.16 -47.73 -29.80
C GLY D 231 -26.90 -47.69 -28.93
N PHE D 232 -26.15 -46.61 -29.09
CA PHE D 232 -24.97 -46.36 -28.27
C PHE D 232 -25.27 -46.19 -26.78
N ARG D 233 -26.32 -45.44 -26.44
CA ARG D 233 -26.70 -45.28 -25.04
C ARG D 233 -26.96 -46.63 -24.39
N GLU D 234 -27.46 -47.58 -25.17
CA GLU D 234 -27.73 -48.93 -24.69
C GLU D 234 -26.42 -49.66 -24.49
N ILE D 235 -25.57 -49.64 -25.52
CA ILE D 235 -24.28 -50.33 -25.45
C ILE D 235 -23.40 -49.71 -24.37
N CYS D 236 -23.76 -48.51 -23.92
CA CYS D 236 -22.97 -47.79 -22.91
C CYS D 236 -23.32 -48.23 -21.49
N ASP D 237 -24.62 -48.26 -21.20
CA ASP D 237 -25.11 -48.70 -19.90
C ASP D 237 -24.64 -50.11 -19.59
N GLU D 238 -24.75 -50.96 -20.60
CA GLU D 238 -24.38 -52.35 -20.47
C GLU D 238 -22.90 -52.48 -20.08
N VAL D 239 -22.18 -51.36 -20.15
CA VAL D 239 -20.78 -51.34 -19.72
C VAL D 239 -20.45 -50.17 -18.78
N ASN D 240 -21.49 -49.44 -18.35
CA ASN D 240 -21.36 -48.23 -17.54
C ASN D 240 -20.25 -47.30 -18.02
N ALA D 241 -20.36 -46.91 -19.29
CA ALA D 241 -19.39 -46.05 -19.96
C ALA D 241 -20.13 -44.73 -20.24
N TYR D 242 -19.38 -43.69 -20.58
CA TYR D 242 -19.97 -42.41 -20.97
C TYR D 242 -20.18 -42.41 -22.48
N LEU D 243 -21.35 -41.93 -22.88
CA LEU D 243 -21.68 -41.71 -24.27
C LEU D 243 -21.22 -40.32 -24.66
N PHE D 244 -20.33 -40.27 -25.63
CA PHE D 244 -19.62 -39.06 -26.02
C PHE D 244 -19.90 -38.76 -27.50
N ALA D 245 -20.58 -37.65 -27.75
CA ALA D 245 -20.95 -37.29 -29.11
C ALA D 245 -20.21 -36.06 -29.60
N ASP D 246 -19.44 -36.25 -30.67
CA ASP D 246 -18.70 -35.20 -31.33
C ASP D 246 -19.44 -34.81 -32.61
N ILE D 247 -20.18 -33.73 -32.54
CA ILE D 247 -21.09 -33.43 -33.63
C ILE D 247 -20.57 -32.40 -34.63
N SER D 248 -19.25 -32.21 -34.61
CA SER D 248 -18.56 -31.18 -35.40
C SER D 248 -19.00 -31.04 -36.86
N HIS D 249 -19.06 -32.16 -37.58
CA HIS D 249 -19.41 -32.10 -38.99
C HIS D 249 -20.85 -31.76 -39.25
N ILE D 250 -21.72 -32.19 -38.34
CA ILE D 250 -23.18 -32.17 -38.49
C ILE D 250 -23.90 -31.21 -37.52
N SER D 251 -23.12 -30.40 -36.77
CA SER D 251 -23.66 -29.60 -35.67
C SER D 251 -24.92 -28.86 -36.08
N SER D 252 -24.85 -28.09 -37.15
CA SER D 252 -26.00 -27.31 -37.63
C SER D 252 -27.32 -28.06 -37.74
N PHE D 253 -27.24 -29.32 -38.20
CA PHE D 253 -28.42 -30.19 -38.30
C PHE D 253 -29.06 -30.44 -36.96
N VAL D 254 -28.27 -30.89 -36.00
CA VAL D 254 -28.74 -31.14 -34.64
C VAL D 254 -29.46 -29.92 -34.08
N ALA D 255 -28.80 -28.78 -34.14
CA ALA D 255 -29.41 -27.54 -33.72
C ALA D 255 -30.81 -27.39 -34.33
N CYS D 256 -30.90 -27.54 -35.65
CA CYS D 256 -32.18 -27.37 -36.38
C CYS D 256 -33.06 -28.62 -36.38
N ASN D 257 -32.64 -29.61 -35.63
CA ASN D 257 -33.32 -30.87 -35.47
C ASN D 257 -33.40 -31.80 -36.68
N LEU D 258 -32.71 -31.45 -37.77
CA LEU D 258 -32.85 -32.18 -39.02
C LEU D 258 -32.24 -33.57 -38.92
N LEU D 259 -31.59 -33.82 -37.79
CA LEU D 259 -30.91 -35.08 -37.59
C LEU D 259 -31.13 -35.57 -36.17
N ASN D 260 -30.77 -36.82 -35.91
CA ASN D 260 -30.92 -37.36 -34.58
C ASN D 260 -30.21 -36.44 -33.62
N ASN D 261 -30.85 -36.20 -32.48
CA ASN D 261 -30.30 -35.32 -31.46
C ASN D 261 -29.56 -36.11 -30.38
N PRO D 262 -28.24 -35.89 -30.28
CA PRO D 262 -27.45 -36.60 -29.28
C PRO D 262 -27.80 -36.14 -27.89
N PHE D 263 -28.38 -34.96 -27.78
CA PHE D 263 -28.59 -34.38 -26.46
C PHE D 263 -29.48 -35.24 -25.58
N THR D 264 -30.47 -35.89 -26.17
CA THR D 264 -31.36 -36.73 -25.38
C THR D 264 -30.64 -37.92 -24.74
N TYR D 265 -29.59 -38.46 -25.39
CA TYR D 265 -28.90 -39.66 -24.86
C TYR D 265 -27.43 -39.57 -24.43
N ALA D 266 -26.77 -38.43 -24.52
CA ALA D 266 -25.31 -38.44 -24.28
C ALA D 266 -24.87 -37.76 -22.99
N ASP D 267 -23.69 -38.14 -22.50
CA ASP D 267 -23.15 -37.54 -21.27
C ASP D 267 -22.38 -36.24 -21.57
N VAL D 268 -21.59 -36.26 -22.63
CA VAL D 268 -20.95 -35.06 -23.10
C VAL D 268 -21.24 -34.91 -24.57
N VAL D 269 -21.50 -33.67 -24.99
CA VAL D 269 -21.48 -33.32 -26.42
C VAL D 269 -20.45 -32.23 -26.75
N THR D 270 -19.58 -32.53 -27.70
CA THR D 270 -18.61 -31.55 -28.19
C THR D 270 -18.90 -31.11 -29.61
N THR D 271 -18.58 -29.87 -29.91
CA THR D 271 -18.62 -29.46 -31.31
C THR D 271 -17.65 -28.35 -31.59
N THR D 272 -17.41 -28.13 -32.86
CA THR D 272 -16.53 -27.10 -33.29
C THR D 272 -17.48 -26.08 -33.81
N THR D 273 -17.28 -24.83 -33.43
CA THR D 273 -18.20 -23.81 -33.85
C THR D 273 -17.96 -23.36 -35.28
N HIS D 274 -16.88 -23.85 -35.89
CA HIS D 274 -16.70 -23.60 -37.32
C HIS D 274 -17.24 -24.77 -38.08
N LYS D 275 -16.82 -24.92 -39.34
CA LYS D 275 -17.36 -25.98 -40.16
C LYS D 275 -18.82 -25.65 -40.49
N ILE D 276 -19.68 -26.66 -40.49
CA ILE D 276 -21.06 -26.49 -40.90
C ILE D 276 -21.85 -25.43 -40.11
N LEU D 277 -21.43 -25.21 -38.86
CA LEU D 277 -22.13 -24.29 -37.96
C LEU D 277 -21.75 -22.85 -38.31
N ARG D 278 -20.69 -22.76 -39.12
CA ARG D 278 -20.33 -21.50 -39.78
C ARG D 278 -19.88 -20.35 -38.85
N GLY D 279 -19.50 -20.70 -37.62
CA GLY D 279 -18.98 -19.72 -36.68
C GLY D 279 -17.47 -19.60 -36.82
N PRO D 280 -16.81 -19.04 -35.80
CA PRO D 280 -15.36 -18.90 -35.90
C PRO D 280 -14.69 -20.21 -35.53
N ARG D 281 -13.36 -20.23 -35.42
CA ARG D 281 -12.70 -21.48 -35.02
C ARG D 281 -12.58 -21.54 -33.56
N SER D 282 -13.50 -22.24 -32.93
CA SER D 282 -13.45 -22.45 -31.50
C SER D 282 -14.14 -23.77 -31.29
N ALA D 283 -14.33 -24.13 -30.02
CA ALA D 283 -15.12 -25.30 -29.68
C ALA D 283 -16.05 -25.06 -28.48
N LEU D 284 -16.91 -26.04 -28.25
CA LEU D 284 -17.87 -26.07 -27.15
C LEU D 284 -17.90 -27.47 -26.57
N ILE D 285 -17.91 -27.53 -25.24
CA ILE D 285 -18.19 -28.77 -24.53
C ILE D 285 -19.52 -28.58 -23.81
N PHE D 286 -20.43 -29.53 -24.03
CA PHE D 286 -21.74 -29.53 -23.37
C PHE D 286 -21.78 -30.77 -22.47
N PHE D 287 -22.24 -30.59 -21.23
CA PHE D 287 -22.26 -31.69 -20.27
C PHE D 287 -23.59 -31.91 -19.55
N ASN D 288 -24.03 -33.17 -19.45
CA ASN D 288 -25.30 -33.44 -18.80
C ASN D 288 -25.12 -33.62 -17.31
N LYS D 289 -25.52 -32.61 -16.55
CA LYS D 289 -25.38 -32.62 -15.11
C LYS D 289 -26.27 -33.70 -14.54
N LYS D 290 -27.53 -33.70 -14.98
CA LYS D 290 -28.52 -34.65 -14.47
C LYS D 290 -28.01 -36.08 -14.61
N ARG D 291 -27.47 -36.42 -15.77
CA ARG D 291 -26.96 -37.76 -15.96
C ARG D 291 -25.81 -37.98 -14.99
N ASN D 292 -24.95 -36.96 -14.83
CA ASN D 292 -23.82 -37.07 -13.89
C ASN D 292 -23.55 -35.85 -13.05
N PRO D 293 -23.97 -35.85 -11.79
CA PRO D 293 -23.85 -34.66 -10.95
C PRO D 293 -22.40 -34.35 -10.59
N GLY D 294 -22.04 -33.07 -10.60
CA GLY D 294 -20.68 -32.63 -10.31
C GLY D 294 -19.74 -32.79 -11.49
N ILE D 295 -20.29 -33.16 -12.65
CA ILE D 295 -19.51 -33.28 -13.87
C ILE D 295 -18.94 -31.92 -14.24
N ASP D 296 -19.69 -30.88 -13.90
CA ASP D 296 -19.34 -29.52 -14.22
C ASP D 296 -17.94 -29.14 -13.75
N GLN D 297 -17.59 -29.55 -12.52
CA GLN D 297 -16.26 -29.27 -11.97
C GLN D 297 -15.16 -29.90 -12.82
N LYS D 298 -15.43 -31.11 -13.32
CA LYS D 298 -14.39 -31.93 -13.95
C LYS D 298 -14.10 -31.38 -15.34
N ILE D 299 -15.16 -30.99 -16.04
CA ILE D 299 -14.97 -30.40 -17.35
C ILE D 299 -14.31 -29.03 -17.20
N ASN D 300 -14.94 -28.10 -16.47
CA ASN D 300 -14.40 -26.75 -16.25
C ASN D 300 -12.99 -26.67 -15.66
N SER D 301 -12.54 -27.71 -14.94
CA SER D 301 -11.14 -27.77 -14.48
C SER D 301 -10.24 -28.33 -15.55
N SER D 302 -10.81 -29.12 -16.45
CA SER D 302 -10.02 -29.74 -17.48
C SER D 302 -9.57 -28.68 -18.45
N VAL D 303 -10.52 -27.85 -18.88
CA VAL D 303 -10.22 -26.73 -19.78
C VAL D 303 -9.22 -25.80 -19.15
N PHE D 304 -9.55 -25.34 -17.96
CA PHE D 304 -8.66 -24.53 -17.16
C PHE D 304 -8.73 -25.05 -15.73
N PRO D 305 -7.58 -25.16 -15.04
CA PRO D 305 -6.24 -24.83 -15.51
C PRO D 305 -5.49 -26.04 -16.05
N SER D 306 -6.16 -27.17 -16.19
CA SER D 306 -5.46 -28.40 -16.58
C SER D 306 -4.75 -28.27 -17.94
N PHE D 307 -5.43 -27.65 -18.90
CA PHE D 307 -4.90 -27.59 -20.25
C PHE D 307 -4.63 -26.18 -20.77
N GLN D 308 -5.60 -25.28 -20.62
CA GLN D 308 -5.48 -23.94 -21.17
C GLN D 308 -5.11 -22.87 -20.16
N GLY D 309 -5.01 -21.65 -20.64
CA GLY D 309 -4.75 -20.51 -19.81
C GLY D 309 -5.76 -19.50 -20.25
N GLY D 310 -5.28 -18.31 -20.58
CA GLY D 310 -6.14 -17.22 -20.96
C GLY D 310 -7.04 -17.62 -22.11
N PRO D 311 -8.34 -17.43 -21.94
CA PRO D 311 -9.20 -17.66 -23.08
C PRO D 311 -8.97 -16.66 -24.20
N HIS D 312 -9.39 -17.01 -25.42
CA HIS D 312 -9.33 -16.07 -26.55
C HIS D 312 -10.66 -15.37 -26.67
N ASN D 313 -10.76 -14.19 -26.06
CA ASN D 313 -12.01 -13.51 -25.94
C ASN D 313 -12.66 -13.07 -27.25
N ASN D 314 -11.87 -12.88 -28.29
CA ASN D 314 -12.43 -12.64 -29.63
C ASN D 314 -13.24 -13.86 -30.05
N LYS D 315 -12.69 -15.03 -29.74
CA LYS D 315 -13.31 -16.29 -30.16
C LYS D 315 -14.66 -16.45 -29.48
N ILE D 316 -14.67 -16.26 -28.16
CA ILE D 316 -15.89 -16.37 -27.35
C ILE D 316 -16.95 -15.40 -27.85
N ALA D 317 -16.53 -14.17 -28.13
CA ALA D 317 -17.42 -13.16 -28.67
C ALA D 317 -18.05 -13.63 -29.99
N ALA D 318 -17.20 -14.05 -30.94
CA ALA D 318 -17.67 -14.45 -32.26
C ALA D 318 -18.49 -15.75 -32.22
N VAL D 319 -18.26 -16.60 -31.22
CA VAL D 319 -19.11 -17.76 -31.02
C VAL D 319 -20.47 -17.26 -30.58
N ALA D 320 -20.49 -16.36 -29.60
CA ALA D 320 -21.72 -15.81 -29.06
C ALA D 320 -22.49 -15.12 -30.19
N CYS D 321 -21.77 -14.39 -31.04
CA CYS D 321 -22.36 -13.75 -32.20
C CYS D 321 -23.09 -14.71 -33.15
N GLN D 322 -22.42 -15.82 -33.47
CA GLN D 322 -22.88 -16.82 -34.45
C GLN D 322 -23.95 -17.77 -33.89
N LEU D 323 -23.93 -18.01 -32.58
CA LEU D 323 -24.97 -18.79 -31.93
C LEU D 323 -26.30 -18.05 -31.92
N LYS D 324 -26.26 -16.73 -32.05
CA LYS D 324 -27.51 -15.99 -32.24
C LYS D 324 -28.08 -16.25 -33.63
N GLU D 325 -27.23 -16.21 -34.65
CA GLU D 325 -27.67 -16.51 -36.03
C GLU D 325 -28.26 -17.92 -36.14
N VAL D 326 -27.66 -18.90 -35.45
CA VAL D 326 -28.09 -20.30 -35.55
C VAL D 326 -29.57 -20.45 -35.19
N ASN D 327 -30.02 -19.64 -34.26
CA ASN D 327 -31.38 -19.68 -33.76
C ASN D 327 -32.33 -18.71 -34.51
N THR D 328 -32.25 -18.72 -35.83
CA THR D 328 -33.13 -17.89 -36.67
C THR D 328 -33.74 -18.75 -37.77
N PRO D 329 -34.92 -18.36 -38.28
CA PRO D 329 -35.50 -19.02 -39.46
C PRO D 329 -34.52 -19.09 -40.65
N GLU D 330 -33.71 -18.04 -40.80
CA GLU D 330 -32.81 -17.87 -41.92
C GLU D 330 -31.76 -18.97 -41.90
N PHE D 331 -31.27 -19.26 -40.71
CA PHE D 331 -30.25 -20.29 -40.55
C PHE D 331 -30.83 -21.71 -40.55
N LYS D 332 -32.12 -21.83 -40.25
CA LYS D 332 -32.77 -23.14 -40.35
C LYS D 332 -33.00 -23.34 -41.84
N GLU D 333 -33.37 -22.26 -42.51
CA GLU D 333 -33.56 -22.23 -43.95
C GLU D 333 -32.28 -22.61 -44.64
N TYR D 334 -31.17 -22.17 -44.05
CA TYR D 334 -29.87 -22.51 -44.56
C TYR D 334 -29.53 -24.00 -44.42
N THR D 335 -29.59 -24.52 -43.19
CA THR D 335 -29.30 -25.93 -42.93
C THR D 335 -30.11 -26.83 -43.86
N LYS D 336 -31.38 -26.46 -44.06
CA LYS D 336 -32.28 -27.15 -45.00
C LYS D 336 -31.68 -27.27 -46.40
N GLN D 337 -31.21 -26.15 -46.93
CA GLN D 337 -30.55 -26.12 -48.23
C GLN D 337 -29.33 -27.02 -48.28
N VAL D 338 -28.53 -26.97 -47.23
CA VAL D 338 -27.29 -27.73 -47.22
C VAL D 338 -27.65 -29.17 -47.44
N LEU D 339 -28.70 -29.61 -46.74
CA LEU D 339 -29.16 -30.97 -46.81
C LEU D 339 -29.83 -31.27 -48.14
N LEU D 340 -30.61 -30.32 -48.65
CA LEU D 340 -31.37 -30.59 -49.89
C LEU D 340 -30.40 -30.65 -51.06
N ASN D 341 -29.37 -29.81 -51.00
CA ASN D 341 -28.33 -29.78 -52.03
C ASN D 341 -27.53 -31.08 -51.99
N SER D 342 -27.24 -31.56 -50.79
CA SER D 342 -26.46 -32.79 -50.61
C SER D 342 -27.12 -33.98 -51.30
N LYS D 343 -28.37 -34.23 -50.89
CA LYS D 343 -29.22 -35.29 -51.44
C LYS D 343 -29.40 -35.13 -52.95
N ALA D 344 -29.66 -33.91 -53.41
CA ALA D 344 -29.68 -33.59 -54.84
C ALA D 344 -28.42 -34.09 -55.58
N LEU D 345 -27.25 -33.81 -54.99
CA LEU D 345 -25.98 -34.11 -55.62
C LEU D 345 -25.73 -35.61 -55.63
N ALA D 346 -26.15 -36.29 -54.56
CA ALA D 346 -26.07 -37.75 -54.46
C ALA D 346 -26.94 -38.42 -55.52
N GLU D 347 -28.03 -37.76 -55.88
CA GLU D 347 -28.90 -38.34 -56.86
C GLU D 347 -28.28 -38.21 -58.25
N CYS D 348 -27.83 -37.00 -58.61
CA CYS D 348 -27.12 -36.78 -59.88
C CYS D 348 -25.98 -37.74 -60.05
N LEU D 349 -25.18 -37.88 -59.00
CA LEU D 349 -24.04 -38.79 -59.07
C LEU D 349 -24.49 -40.24 -59.26
N LEU D 350 -25.64 -40.59 -58.68
CA LEU D 350 -26.21 -41.94 -58.80
C LEU D 350 -26.74 -42.22 -60.21
N LYS D 351 -27.30 -41.19 -60.83
CA LYS D 351 -27.81 -41.30 -62.18
C LYS D 351 -26.66 -41.50 -63.16
N ARG D 352 -25.57 -40.77 -62.92
CA ARG D 352 -24.36 -40.87 -63.72
C ARG D 352 -23.60 -42.14 -63.40
N ASN D 353 -24.24 -42.96 -62.57
CA ASN D 353 -23.78 -44.33 -62.27
C ASN D 353 -22.49 -44.46 -61.45
N LEU D 354 -22.14 -43.39 -60.73
CA LEU D 354 -21.09 -43.46 -59.72
C LEU D 354 -21.60 -44.37 -58.60
N ASP D 355 -20.65 -44.98 -57.89
CA ASP D 355 -20.95 -45.85 -56.76
C ASP D 355 -20.68 -45.06 -55.49
N LEU D 356 -21.57 -45.17 -54.53
CA LEU D 356 -21.42 -44.43 -53.27
C LEU D 356 -21.52 -45.35 -52.09
N VAL D 357 -20.68 -45.09 -51.10
CA VAL D 357 -20.77 -45.80 -49.85
C VAL D 357 -22.11 -45.52 -49.22
N THR D 358 -22.85 -46.60 -48.94
CA THR D 358 -24.15 -46.50 -48.30
C THR D 358 -25.21 -46.10 -49.33
N ASN D 359 -24.78 -45.94 -50.58
CA ASN D 359 -25.68 -45.58 -51.67
C ASN D 359 -26.49 -44.33 -51.41
N GLY D 360 -25.85 -43.29 -50.91
CA GLY D 360 -26.53 -42.03 -50.62
C GLY D 360 -25.97 -41.33 -49.40
N THR D 361 -26.64 -40.27 -48.98
CA THR D 361 -26.22 -39.51 -47.83
C THR D 361 -27.45 -39.07 -47.04
N ASP D 362 -27.30 -39.03 -45.72
CA ASP D 362 -28.36 -38.51 -44.85
C ASP D 362 -28.01 -37.11 -44.41
N ASN D 363 -26.94 -36.57 -44.97
CA ASN D 363 -26.44 -35.29 -44.51
C ASN D 363 -25.76 -34.48 -45.62
N HIS D 364 -24.76 -33.69 -45.23
CA HIS D 364 -24.02 -32.80 -46.09
C HIS D 364 -22.88 -33.49 -46.81
N LEU D 365 -22.71 -34.79 -46.56
CA LEU D 365 -21.50 -35.49 -46.97
C LEU D 365 -21.78 -36.67 -47.91
N ILE D 366 -20.86 -36.91 -48.83
CA ILE D 366 -21.00 -38.01 -49.79
C ILE D 366 -19.62 -38.60 -50.01
N VAL D 367 -19.52 -39.92 -49.97
CA VAL D 367 -18.28 -40.61 -50.29
C VAL D 367 -18.46 -41.44 -51.57
N VAL D 368 -17.67 -41.14 -52.61
CA VAL D 368 -17.74 -41.90 -53.86
C VAL D 368 -16.72 -43.02 -53.88
N ASP D 369 -17.17 -44.24 -54.17
CA ASP D 369 -16.25 -45.31 -54.50
C ASP D 369 -15.75 -45.17 -55.94
N LEU D 370 -14.45 -44.95 -56.13
CA LEU D 370 -13.86 -44.72 -57.46
C LEU D 370 -13.29 -45.97 -58.20
N ARG D 371 -13.33 -47.13 -57.53
CA ARG D 371 -12.75 -48.38 -58.04
C ARG D 371 -13.23 -48.72 -59.44
N LYS D 372 -14.49 -48.39 -59.70
CA LYS D 372 -15.13 -48.67 -60.97
C LYS D 372 -14.22 -48.17 -62.09
N TYR D 373 -13.55 -47.05 -61.82
CA TYR D 373 -12.67 -46.45 -62.81
C TYR D 373 -11.18 -46.74 -62.59
N ASN D 374 -10.86 -47.62 -61.64
CA ASN D 374 -9.47 -48.02 -61.42
C ASN D 374 -8.59 -46.79 -61.21
N ILE D 375 -9.07 -45.89 -60.35
CA ILE D 375 -8.52 -44.56 -60.16
C ILE D 375 -8.35 -44.36 -58.64
N THR D 376 -7.40 -43.53 -58.24
CA THR D 376 -7.22 -43.23 -56.81
C THR D 376 -7.81 -41.87 -56.42
N GLY D 377 -8.23 -41.77 -55.16
CA GLY D 377 -8.65 -40.52 -54.56
C GLY D 377 -7.57 -39.45 -54.69
N SER D 378 -6.31 -39.82 -54.45
CA SER D 378 -5.18 -38.90 -54.61
C SER D 378 -5.20 -38.25 -55.97
N LYS D 379 -5.23 -39.09 -57.01
CA LYS D 379 -5.09 -38.55 -58.36
C LYS D 379 -6.23 -37.57 -58.69
N LEU D 380 -7.46 -37.95 -58.32
CA LEU D 380 -8.64 -37.12 -58.57
C LEU D 380 -8.55 -35.82 -57.79
N GLN D 381 -8.14 -35.92 -56.52
CA GLN D 381 -7.86 -34.73 -55.70
C GLN D 381 -6.95 -33.74 -56.43
N GLU D 382 -5.87 -34.27 -57.02
CA GLU D 382 -4.88 -33.50 -57.77
C GLU D 382 -5.47 -32.85 -59.02
N THR D 383 -6.18 -33.67 -59.79
CA THR D 383 -6.86 -33.22 -60.98
C THR D 383 -7.80 -32.07 -60.63
N CYS D 384 -8.56 -32.27 -59.56
CA CYS D 384 -9.55 -31.28 -59.14
C CYS D 384 -8.91 -29.96 -58.70
N ASN D 385 -7.80 -30.02 -57.97
CA ASN D 385 -7.12 -28.80 -57.53
C ASN D 385 -6.72 -28.00 -58.75
N ALA D 386 -6.21 -28.72 -59.73
CA ALA D 386 -5.64 -28.15 -60.92
C ALA D 386 -6.70 -27.35 -61.68
N ILE D 387 -7.96 -27.71 -61.45
CA ILE D 387 -9.08 -27.10 -62.15
C ILE D 387 -9.97 -26.32 -61.18
N ASN D 388 -9.39 -25.94 -60.03
CA ASN D 388 -10.09 -25.13 -58.99
C ASN D 388 -11.30 -25.79 -58.29
N ILE D 389 -11.21 -27.11 -58.09
CA ILE D 389 -12.23 -27.88 -57.35
C ILE D 389 -11.60 -28.50 -56.10
N ALA D 390 -12.09 -28.11 -54.94
CA ALA D 390 -11.47 -28.57 -53.72
C ALA D 390 -12.29 -29.62 -53.04
N LEU D 391 -11.67 -30.77 -52.95
CA LEU D 391 -12.30 -31.97 -52.50
C LEU D 391 -11.14 -32.77 -51.99
N ASN D 392 -11.40 -33.78 -51.18
CA ASN D 392 -10.31 -34.56 -50.60
C ASN D 392 -10.52 -36.06 -50.66
N LYS D 393 -9.42 -36.78 -50.83
CA LYS D 393 -9.47 -38.24 -50.90
C LYS D 393 -9.94 -38.82 -49.58
N ASN D 394 -10.72 -39.88 -49.68
CA ASN D 394 -11.25 -40.52 -48.50
C ASN D 394 -11.17 -42.03 -48.69
N THR D 395 -10.80 -42.76 -47.65
CA THR D 395 -10.74 -44.22 -47.73
C THR D 395 -12.14 -44.81 -47.83
N ILE D 396 -12.21 -46.05 -48.31
CA ILE D 396 -13.48 -46.79 -48.35
C ILE D 396 -13.33 -48.10 -47.59
N PRO D 397 -14.45 -48.68 -47.11
CA PRO D 397 -14.32 -49.83 -46.20
C PRO D 397 -13.37 -50.94 -46.69
N SER D 398 -13.31 -51.14 -48.02
CA SER D 398 -12.35 -52.08 -48.61
C SER D 398 -10.89 -51.77 -48.27
N ASP D 399 -10.52 -50.48 -48.26
CA ASP D 399 -9.14 -50.02 -48.09
C ASP D 399 -8.55 -50.30 -46.71
N VAL D 400 -7.29 -50.70 -46.70
CA VAL D 400 -6.53 -50.98 -45.46
C VAL D 400 -5.43 -49.92 -45.19
N ASP D 401 -5.33 -48.90 -46.04
CA ASP D 401 -4.30 -47.87 -45.90
C ASP D 401 -4.87 -46.46 -46.06
N CYS D 402 -4.19 -45.48 -45.46
CA CYS D 402 -4.54 -44.09 -45.69
C CYS D 402 -3.83 -43.54 -46.92
N VAL D 403 -3.04 -44.40 -47.57
CA VAL D 403 -2.35 -44.01 -48.78
C VAL D 403 -2.95 -44.71 -49.97
N SER D 404 -3.13 -43.96 -51.06
CA SER D 404 -3.69 -44.49 -52.29
C SER D 404 -5.13 -44.99 -52.02
N PRO D 405 -5.91 -44.22 -51.25
CA PRO D 405 -7.28 -44.62 -50.88
C PRO D 405 -8.15 -44.63 -52.12
N SER D 406 -9.19 -45.48 -52.13
CA SER D 406 -9.99 -45.70 -53.34
C SER D 406 -11.11 -44.68 -53.62
N GLY D 407 -11.33 -43.74 -52.72
CA GLY D 407 -12.45 -42.83 -52.85
C GLY D 407 -12.17 -41.38 -52.55
N ILE D 408 -13.25 -40.59 -52.60
CA ILE D 408 -13.23 -39.17 -52.26
C ILE D 408 -14.44 -38.79 -51.39
N ARG D 409 -14.34 -37.63 -50.75
CA ARG D 409 -15.38 -37.11 -49.85
C ARG D 409 -15.79 -35.74 -50.38
N ILE D 410 -17.09 -35.45 -50.36
CA ILE D 410 -17.58 -34.15 -50.77
C ILE D 410 -18.73 -33.74 -49.88
N GLY D 411 -18.90 -32.42 -49.70
CA GLY D 411 -19.96 -31.83 -48.91
C GLY D 411 -20.45 -30.52 -49.52
N THR D 412 -21.64 -30.09 -49.11
CA THR D 412 -22.31 -28.90 -49.68
C THR D 412 -22.43 -27.61 -48.83
N PRO D 413 -22.00 -27.65 -47.53
CA PRO D 413 -22.14 -26.43 -46.73
C PRO D 413 -21.68 -25.11 -47.40
N ALA D 414 -20.47 -25.09 -47.96
CA ALA D 414 -19.96 -23.84 -48.51
C ALA D 414 -20.74 -23.29 -49.73
N LEU D 415 -21.03 -24.17 -50.69
CA LEU D 415 -21.75 -23.74 -51.89
C LEU D 415 -23.14 -23.26 -51.53
N THR D 416 -23.74 -23.91 -50.54
CA THR D 416 -25.04 -23.52 -50.05
C THR D 416 -25.01 -22.09 -49.55
N THR D 417 -23.96 -21.76 -48.78
CA THR D 417 -23.79 -20.40 -48.26
C THR D 417 -23.74 -19.41 -49.42
N ARG D 418 -23.10 -19.87 -50.49
CA ARG D 418 -22.88 -19.01 -51.64
C ARG D 418 -24.13 -18.89 -52.51
N GLY D 419 -25.23 -19.48 -52.04
CA GLY D 419 -26.53 -19.39 -52.73
C GLY D 419 -26.69 -20.37 -53.89
N CYS D 420 -26.11 -21.55 -53.75
CA CYS D 420 -26.36 -22.62 -54.69
C CYS D 420 -27.59 -23.39 -54.24
N LYS D 421 -28.35 -23.88 -55.22
CA LYS D 421 -29.57 -24.65 -54.98
C LYS D 421 -29.43 -26.03 -55.63
N GLU D 422 -30.46 -26.87 -55.47
CA GLU D 422 -30.51 -28.22 -56.06
C GLU D 422 -30.19 -28.25 -57.56
N LYS D 423 -30.72 -27.28 -58.31
CA LYS D 423 -30.45 -27.24 -59.74
C LYS D 423 -28.95 -27.15 -60.07
N ASP D 424 -28.11 -26.74 -59.13
CA ASP D 424 -26.71 -26.50 -59.47
C ASP D 424 -25.87 -27.72 -59.20
N MET D 425 -26.40 -28.68 -58.45
CA MET D 425 -25.60 -29.88 -58.17
C MET D 425 -25.40 -30.68 -59.46
N GLU D 426 -26.26 -30.43 -60.44
CA GLU D 426 -26.12 -31.09 -61.73
C GLU D 426 -24.86 -30.63 -62.44
N PHE D 427 -24.64 -29.32 -62.46
CA PHE D 427 -23.39 -28.80 -62.96
C PHE D 427 -22.22 -29.51 -62.27
N ILE D 428 -22.19 -29.44 -60.94
CA ILE D 428 -21.11 -30.06 -60.13
C ILE D 428 -20.82 -31.51 -60.54
N ALA D 429 -21.88 -32.29 -60.72
CA ALA D 429 -21.78 -33.72 -61.02
C ALA D 429 -21.15 -34.00 -62.40
N ASP D 430 -21.47 -33.19 -63.40
CA ASP D 430 -20.92 -33.36 -64.74
C ASP D 430 -19.44 -33.04 -64.68
N MET D 431 -19.15 -31.94 -63.99
CA MET D 431 -17.80 -31.47 -63.77
C MET D 431 -16.92 -32.52 -63.09
N LEU D 432 -17.43 -33.20 -62.06
CA LEU D 432 -16.67 -34.31 -61.46
C LEU D 432 -16.43 -35.40 -62.48
N LEU D 433 -17.50 -35.84 -63.12
CA LEU D 433 -17.44 -36.90 -64.11
C LEU D 433 -16.38 -36.62 -65.20
N LYS D 434 -16.32 -35.37 -65.68
CA LYS D 434 -15.24 -34.95 -66.58
C LYS D 434 -13.88 -35.21 -65.92
N ALA D 435 -13.73 -34.74 -64.68
CA ALA D 435 -12.49 -34.95 -63.93
C ALA D 435 -12.13 -36.42 -63.77
N ILE D 436 -13.10 -37.27 -63.44
CA ILE D 436 -12.85 -38.70 -63.31
C ILE D 436 -12.31 -39.24 -64.64
N LEU D 437 -12.97 -38.86 -65.73
CA LEU D 437 -12.55 -39.26 -67.07
C LEU D 437 -11.13 -38.80 -67.40
N LEU D 438 -10.90 -37.49 -67.25
CA LEU D 438 -9.59 -36.93 -67.51
C LEU D 438 -8.53 -37.57 -66.61
N THR D 439 -8.95 -38.15 -65.48
CA THR D 439 -7.93 -38.78 -64.64
C THR D 439 -7.54 -40.13 -65.22
N ASP D 440 -8.53 -40.87 -65.70
CA ASP D 440 -8.25 -42.16 -66.29
C ASP D 440 -7.40 -41.97 -67.53
N GLU D 441 -7.72 -40.93 -68.31
CA GLU D 441 -6.96 -40.57 -69.51
C GLU D 441 -5.47 -40.33 -69.20
N LEU D 442 -5.21 -39.47 -68.22
CA LEU D 442 -3.86 -39.07 -67.89
C LEU D 442 -3.08 -40.22 -67.28
N GLN D 443 -3.78 -41.06 -66.52
CA GLN D 443 -3.21 -42.27 -65.95
C GLN D 443 -2.64 -43.14 -67.07
N GLN D 444 -3.45 -43.36 -68.11
CA GLN D 444 -3.04 -44.13 -69.29
C GLN D 444 -1.79 -43.50 -69.95
N LYS D 445 -1.84 -42.19 -70.17
CA LYS D 445 -0.75 -41.47 -70.82
C LYS D 445 0.52 -41.40 -69.94
N TYR D 446 0.47 -40.65 -68.85
CA TYR D 446 1.67 -40.29 -68.09
C TYR D 446 2.19 -41.30 -67.04
N GLY D 447 1.37 -42.28 -66.66
CA GLY D 447 1.81 -43.36 -65.75
C GLY D 447 1.04 -43.49 -64.45
N LYS D 448 1.11 -44.68 -63.84
CA LYS D 448 0.38 -44.95 -62.59
C LYS D 448 0.90 -44.28 -61.31
N LYS D 449 2.21 -43.99 -61.25
CA LYS D 449 2.80 -43.38 -60.05
C LYS D 449 2.49 -41.87 -59.96
N LEU D 450 2.00 -41.45 -58.79
CA LEU D 450 1.50 -40.10 -58.57
C LEU D 450 2.46 -39.02 -59.07
N VAL D 451 3.75 -39.17 -58.76
CA VAL D 451 4.82 -38.23 -59.17
C VAL D 451 4.79 -37.92 -60.66
N ASP D 452 4.65 -38.98 -61.45
CA ASP D 452 4.56 -38.86 -62.91
C ASP D 452 3.25 -38.19 -63.30
N PHE D 453 2.16 -38.64 -62.68
CA PHE D 453 0.81 -38.16 -62.98
C PHE D 453 0.70 -36.67 -62.71
N LYS D 454 1.26 -36.26 -61.58
CA LYS D 454 1.21 -34.86 -61.22
C LYS D 454 1.88 -34.12 -62.37
N LYS D 455 2.82 -34.78 -63.04
CA LYS D 455 3.50 -34.17 -64.18
C LYS D 455 2.56 -33.84 -65.34
N GLY D 456 1.54 -34.67 -65.54
CA GLY D 456 0.54 -34.42 -66.59
C GLY D 456 -0.21 -33.10 -66.46
N LEU D 457 -0.59 -32.74 -65.23
CA LEU D 457 -1.42 -31.56 -64.96
C LEU D 457 -0.76 -30.22 -65.33
N VAL D 458 0.55 -30.23 -65.59
CA VAL D 458 1.29 -29.00 -65.88
C VAL D 458 1.21 -28.67 -67.38
N ASN D 459 1.02 -27.38 -67.69
CA ASN D 459 0.81 -26.89 -69.06
C ASN D 459 0.00 -27.86 -69.94
N ASN D 460 -1.27 -28.07 -69.57
CA ASN D 460 -2.16 -28.96 -70.32
C ASN D 460 -3.42 -28.20 -70.72
N PRO D 461 -3.69 -28.09 -72.04
CA PRO D 461 -4.78 -27.18 -72.41
C PRO D 461 -6.19 -27.69 -72.11
N LYS D 462 -6.36 -29.01 -72.01
CA LYS D 462 -7.68 -29.56 -71.63
C LYS D 462 -7.98 -29.14 -70.17
N ILE D 463 -6.94 -29.04 -69.35
CA ILE D 463 -7.05 -28.55 -67.97
C ILE D 463 -7.22 -27.02 -67.93
N ASP D 464 -6.34 -26.31 -68.65
CA ASP D 464 -6.45 -24.85 -68.79
C ASP D 464 -7.87 -24.46 -69.09
N GLU D 465 -8.55 -25.29 -69.89
CA GLU D 465 -9.91 -25.00 -70.30
C GLU D 465 -10.97 -25.23 -69.22
N LEU D 466 -10.86 -26.35 -68.50
CA LEU D 466 -11.82 -26.64 -67.43
C LEU D 466 -11.67 -25.61 -66.34
N LYS D 467 -10.44 -25.26 -66.02
CA LYS D 467 -10.20 -24.28 -64.99
C LYS D 467 -10.96 -23.01 -65.36
N LYS D 468 -10.90 -22.63 -66.62
CA LYS D 468 -11.59 -21.43 -67.07
C LYS D 468 -13.08 -21.58 -66.83
N GLU D 469 -13.61 -22.75 -67.13
CA GLU D 469 -15.04 -23.02 -66.98
C GLU D 469 -15.46 -22.84 -65.54
N VAL D 470 -14.70 -23.47 -64.65
CA VAL D 470 -14.92 -23.46 -63.21
C VAL D 470 -14.84 -22.06 -62.63
N VAL D 471 -13.80 -21.31 -63.01
CA VAL D 471 -13.57 -19.98 -62.47
C VAL D 471 -14.72 -19.03 -62.78
N GLN D 472 -15.22 -19.08 -64.01
CA GLN D 472 -16.26 -18.16 -64.43
C GLN D 472 -17.55 -18.47 -63.68
N TRP D 473 -17.78 -19.77 -63.43
CA TRP D 473 -18.96 -20.26 -62.70
C TRP D 473 -18.88 -19.85 -61.25
N ALA D 474 -17.75 -20.16 -60.63
CA ALA D 474 -17.56 -19.90 -59.21
C ALA D 474 -17.53 -18.39 -58.93
N LYS D 475 -16.74 -17.67 -59.72
CA LYS D 475 -16.59 -16.21 -59.59
C LYS D 475 -17.95 -15.53 -59.60
N ASN D 476 -18.90 -16.20 -60.24
CA ASN D 476 -20.28 -15.76 -60.40
C ASN D 476 -21.08 -15.69 -59.09
N LEU D 477 -20.83 -16.65 -58.19
CA LEU D 477 -21.61 -16.79 -56.94
C LEU D 477 -21.30 -15.73 -55.91
N PRO D 478 -22.31 -15.41 -55.07
CA PRO D 478 -22.10 -14.63 -53.86
C PRO D 478 -20.93 -15.15 -53.02
N PHE D 479 -20.24 -14.21 -52.38
CA PHE D 479 -19.09 -14.53 -51.55
C PHE D 479 -19.17 -13.65 -50.30
N ALA D 480 -19.31 -14.29 -49.15
CA ALA D 480 -19.42 -13.56 -47.87
C ALA D 480 -18.09 -12.92 -47.43
#